data_2D8R
#
_entry.id   2D8R
#
loop_
_entity.id
_entity.type
_entity.pdbx_description
1 polymer 'THAP domain-containing protein 2'
2 non-polymer 'ZINC ION'
#
_entity_poly.entity_id   1
_entity_poly.type   'polypeptide(L)'
_entity_poly.pdbx_seq_one_letter_code
;GSSGSSGMPTNCAAAGCATTYNKHINISFHRFPLDPKRRKEWVRLVRRKNFVPGKHTFLCSKHFEASCFDLTGQTRRLKM
DAVPTIFDFCTHISGPSSG
;
_entity_poly.pdbx_strand_id   A
#
# COMPACT_ATOMS: atom_id res chain seq x y z
N GLY A 1 14.39 4.85 2.92
CA GLY A 1 14.96 5.32 1.67
C GLY A 1 16.45 5.06 1.57
N SER A 2 17.08 5.62 0.54
CA SER A 2 18.50 5.45 0.32
C SER A 2 19.26 6.74 0.58
N SER A 3 18.95 7.76 -0.21
CA SER A 3 19.60 9.06 -0.06
C SER A 3 18.68 10.06 0.63
N GLY A 4 17.62 9.54 1.24
CA GLY A 4 16.67 10.40 1.94
C GLY A 4 16.20 11.55 1.07
N SER A 5 16.05 12.72 1.68
CA SER A 5 15.60 13.92 0.97
C SER A 5 14.16 13.74 0.49
N SER A 6 13.37 14.80 0.62
CA SER A 6 11.96 14.76 0.20
C SER A 6 11.14 13.95 1.19
N GLY A 7 11.38 14.16 2.48
CA GLY A 7 10.65 13.44 3.50
C GLY A 7 9.40 14.18 3.95
N MET A 8 8.24 13.62 3.64
CA MET A 8 6.97 14.23 4.02
C MET A 8 5.99 13.19 4.55
N PRO A 9 5.11 13.62 5.46
CA PRO A 9 4.11 12.73 6.07
C PRO A 9 3.04 12.30 5.08
N THR A 10 3.37 11.35 4.23
CA THR A 10 2.43 10.86 3.22
C THR A 10 1.53 9.77 3.81
N ASN A 11 0.29 10.16 4.14
CA ASN A 11 -0.67 9.23 4.71
C ASN A 11 -0.86 8.01 3.79
N CYS A 12 -1.47 6.97 4.32
CA CYS A 12 -1.71 5.75 3.56
C CYS A 12 -3.18 5.65 3.14
N ALA A 13 -3.41 5.29 1.88
CA ALA A 13 -4.77 5.15 1.36
C ALA A 13 -5.48 3.97 1.99
N ALA A 14 -4.74 2.89 2.21
CA ALA A 14 -5.31 1.69 2.81
C ALA A 14 -6.28 2.04 3.93
N ALA A 15 -7.19 1.12 4.23
CA ALA A 15 -8.17 1.32 5.29
C ALA A 15 -7.76 0.63 6.58
N GLY A 16 -8.07 1.24 7.71
CA GLY A 16 -7.72 0.66 8.99
C GLY A 16 -6.22 0.54 9.19
N CYS A 17 -5.46 1.44 8.55
CA CYS A 17 -4.01 1.43 8.65
C CYS A 17 -3.53 2.53 9.58
N ALA A 18 -2.31 2.36 10.10
CA ALA A 18 -1.73 3.34 11.01
C ALA A 18 -0.30 3.69 10.60
N THR A 19 -0.13 4.04 9.33
CA THR A 19 1.19 4.40 8.81
C THR A 19 1.23 5.86 8.37
N THR A 20 2.34 6.53 8.68
CA THR A 20 2.51 7.93 8.31
C THR A 20 3.94 8.39 8.51
N TYR A 21 4.45 8.22 9.72
CA TYR A 21 5.83 8.61 10.03
C TYR A 21 6.12 8.39 11.52
N ASN A 22 6.58 7.17 11.85
CA ASN A 22 6.91 6.84 13.22
C ASN A 22 8.36 7.18 13.54
N LYS A 23 9.26 6.24 13.27
CA LYS A 23 10.68 6.44 13.52
C LYS A 23 11.50 5.30 12.92
N HIS A 24 11.27 4.10 13.40
CA HIS A 24 11.99 2.92 12.92
C HIS A 24 11.31 2.34 11.69
N ILE A 25 10.14 2.87 11.36
CA ILE A 25 9.38 2.40 10.21
C ILE A 25 10.19 2.53 8.92
N ASN A 26 10.58 1.40 8.36
CA ASN A 26 11.37 1.38 7.12
C ASN A 26 10.49 1.05 5.93
N ILE A 27 9.18 1.20 6.10
CA ILE A 27 8.23 0.92 5.03
C ILE A 27 8.47 1.84 3.83
N SER A 28 8.26 1.30 2.63
CA SER A 28 8.44 2.07 1.41
C SER A 28 7.10 2.52 0.84
N PHE A 29 7.06 3.75 0.36
CA PHE A 29 5.84 4.32 -0.21
C PHE A 29 5.74 4.00 -1.70
N HIS A 30 4.82 3.11 -2.06
CA HIS A 30 4.64 2.72 -3.45
C HIS A 30 3.25 3.15 -3.95
N ARG A 31 3.22 4.20 -4.76
CA ARG A 31 1.96 4.71 -5.30
C ARG A 31 1.19 3.60 -6.01
N PHE A 32 0.08 3.98 -6.64
CA PHE A 32 -0.75 3.03 -7.36
C PHE A 32 -0.14 2.69 -8.72
N PRO A 33 -0.46 1.49 -9.23
CA PRO A 33 0.03 1.02 -10.53
C PRO A 33 -0.57 1.78 -11.70
N LEU A 34 0.28 2.16 -12.65
CA LEU A 34 -0.17 2.91 -13.82
C LEU A 34 -1.02 2.02 -14.74
N ASP A 35 -1.00 0.72 -14.47
CA ASP A 35 -1.77 -0.23 -15.27
C ASP A 35 -3.22 -0.29 -14.79
N PRO A 36 -4.14 -0.47 -15.75
CA PRO A 36 -5.58 -0.56 -15.46
C PRO A 36 -5.95 -1.84 -14.72
N LYS A 37 -5.27 -2.93 -15.05
CA LYS A 37 -5.53 -4.22 -14.41
C LYS A 37 -5.29 -4.13 -12.92
N ARG A 38 -4.19 -3.51 -12.53
CA ARG A 38 -3.85 -3.36 -11.11
C ARG A 38 -4.51 -2.13 -10.52
N ARG A 39 -4.37 -1.00 -11.21
CA ARG A 39 -4.96 0.26 -10.75
C ARG A 39 -6.32 0.02 -10.11
N LYS A 40 -7.22 -0.59 -10.86
CA LYS A 40 -8.57 -0.88 -10.37
C LYS A 40 -8.51 -1.84 -9.18
N GLU A 41 -7.62 -2.82 -9.26
CA GLU A 41 -7.47 -3.81 -8.19
C GLU A 41 -7.13 -3.13 -6.87
N TRP A 42 -6.03 -2.38 -6.87
CA TRP A 42 -5.58 -1.68 -5.66
C TRP A 42 -6.74 -0.93 -5.02
N VAL A 43 -7.50 -0.21 -5.84
CA VAL A 43 -8.65 0.55 -5.34
C VAL A 43 -9.79 -0.37 -4.93
N ARG A 44 -9.94 -1.47 -5.67
CA ARG A 44 -11.00 -2.44 -5.39
C ARG A 44 -10.66 -3.28 -4.17
N LEU A 45 -9.38 -3.32 -3.83
CA LEU A 45 -8.91 -4.09 -2.68
C LEU A 45 -8.85 -3.22 -1.42
N VAL A 46 -8.29 -2.03 -1.58
CA VAL A 46 -8.17 -1.09 -0.47
C VAL A 46 -9.52 -0.85 0.21
N ARG A 47 -10.59 -1.22 -0.50
CA ARG A 47 -11.94 -1.04 0.04
C ARG A 47 -12.15 0.40 0.51
N ARG A 48 -12.31 1.31 -0.45
CA ARG A 48 -12.52 2.71 -0.13
C ARG A 48 -13.34 3.40 -1.23
N LYS A 49 -14.64 3.09 -1.26
CA LYS A 49 -15.53 3.68 -2.25
C LYS A 49 -14.93 3.57 -3.65
N ASN A 50 -15.56 4.24 -4.62
CA ASN A 50 -15.09 4.22 -6.00
C ASN A 50 -14.01 5.28 -6.22
N PHE A 51 -13.32 5.64 -5.14
CA PHE A 51 -12.27 6.65 -5.23
C PHE A 51 -11.25 6.29 -6.31
N VAL A 52 -10.46 7.28 -6.71
CA VAL A 52 -9.45 7.07 -7.75
C VAL A 52 -8.12 7.70 -7.35
N PRO A 53 -7.01 7.05 -7.74
CA PRO A 53 -5.66 7.54 -7.44
C PRO A 53 -5.31 8.81 -8.21
N GLY A 54 -5.21 9.92 -7.50
CA GLY A 54 -4.89 11.18 -8.14
C GLY A 54 -3.72 11.89 -7.47
N LYS A 55 -3.59 11.69 -6.16
CA LYS A 55 -2.51 12.32 -5.41
C LYS A 55 -2.49 11.80 -3.97
N HIS A 56 -1.29 11.67 -3.41
CA HIS A 56 -1.13 11.19 -2.05
C HIS A 56 -1.67 9.77 -1.90
N THR A 57 -1.87 9.10 -3.03
CA THR A 57 -2.38 7.73 -3.04
C THR A 57 -1.24 6.72 -3.03
N PHE A 58 -0.96 6.14 -1.87
CA PHE A 58 0.10 5.15 -1.73
C PHE A 58 -0.28 4.07 -0.72
N LEU A 59 0.41 2.94 -0.79
CA LEU A 59 0.14 1.83 0.12
C LEU A 59 1.43 1.33 0.76
N CYS A 60 1.33 0.91 2.02
CA CYS A 60 2.49 0.41 2.75
C CYS A 60 2.90 -0.96 2.23
N SER A 61 4.18 -1.30 2.41
CA SER A 61 4.70 -2.58 1.94
C SER A 61 4.26 -3.71 2.87
N LYS A 62 3.41 -3.37 3.84
CA LYS A 62 2.90 -4.35 4.79
C LYS A 62 1.66 -5.05 4.24
N HIS A 63 0.93 -4.37 3.36
CA HIS A 63 -0.27 -4.93 2.76
C HIS A 63 0.08 -5.81 1.56
N PHE A 64 1.34 -5.75 1.13
CA PHE A 64 1.80 -6.54 0.00
C PHE A 64 2.60 -7.75 0.47
N GLU A 65 2.50 -8.85 -0.28
CA GLU A 65 3.21 -10.08 0.07
C GLU A 65 4.72 -9.88 -0.04
N ALA A 66 5.12 -8.70 -0.53
CA ALA A 66 6.54 -8.39 -0.68
C ALA A 66 7.13 -9.11 -1.89
N SER A 67 6.86 -10.41 -1.99
CA SER A 67 7.37 -11.22 -3.09
C SER A 67 6.94 -10.63 -4.44
N CYS A 68 5.96 -9.74 -4.39
CA CYS A 68 5.45 -9.10 -5.61
C CYS A 68 6.32 -7.93 -6.01
N PHE A 69 7.40 -7.71 -5.27
CA PHE A 69 8.33 -6.62 -5.54
C PHE A 69 9.37 -7.05 -6.57
N ASP A 70 10.32 -6.15 -6.85
CA ASP A 70 11.37 -6.43 -7.82
C ASP A 70 12.69 -6.75 -7.10
N LEU A 71 12.66 -7.79 -6.28
CA LEU A 71 13.85 -8.20 -5.53
C LEU A 71 14.61 -9.29 -6.28
N THR A 72 13.87 -10.13 -6.98
CA THR A 72 14.46 -11.23 -7.74
C THR A 72 15.78 -10.79 -8.39
N GLY A 73 15.88 -9.50 -8.67
CA GLY A 73 17.09 -8.98 -9.29
C GLY A 73 17.70 -7.83 -8.50
N GLN A 74 17.90 -8.04 -7.20
CA GLN A 74 18.48 -7.02 -6.34
C GLN A 74 17.41 -6.02 -5.90
N THR A 75 17.76 -5.19 -4.93
CA THR A 75 16.84 -4.18 -4.41
C THR A 75 15.47 -4.79 -4.15
N ARG A 76 14.43 -3.95 -4.20
CA ARG A 76 13.06 -4.41 -3.97
C ARG A 76 12.06 -3.33 -4.35
N ARG A 77 11.73 -3.26 -5.64
CA ARG A 77 10.78 -2.28 -6.13
C ARG A 77 9.44 -2.93 -6.46
N LEU A 78 8.37 -2.37 -5.89
CA LEU A 78 7.03 -2.90 -6.12
C LEU A 78 6.73 -3.01 -7.61
N LYS A 79 6.58 -4.25 -8.10
CA LYS A 79 6.29 -4.48 -9.50
C LYS A 79 4.97 -3.84 -9.90
N MET A 80 4.97 -3.18 -11.06
CA MET A 80 3.77 -2.52 -11.56
C MET A 80 2.68 -3.54 -11.87
N ASP A 81 3.03 -4.82 -11.78
CA ASP A 81 2.07 -5.89 -12.04
C ASP A 81 1.69 -6.62 -10.76
N ALA A 82 1.91 -5.96 -9.63
CA ALA A 82 1.59 -6.55 -8.33
C ALA A 82 0.28 -5.99 -7.78
N VAL A 83 -0.21 -6.59 -6.70
CA VAL A 83 -1.45 -6.15 -6.08
C VAL A 83 -1.55 -6.63 -4.63
N PRO A 84 -2.28 -5.87 -3.80
CA PRO A 84 -2.46 -6.20 -2.39
C PRO A 84 -3.34 -7.43 -2.19
N THR A 85 -2.70 -8.59 -2.10
CA THR A 85 -3.43 -9.83 -1.91
C THR A 85 -4.07 -9.89 -0.53
N ILE A 86 -3.70 -8.96 0.33
CA ILE A 86 -4.23 -8.90 1.69
C ILE A 86 -4.69 -7.49 2.04
N PHE A 87 -5.02 -7.29 3.31
CA PHE A 87 -5.48 -5.98 3.78
C PHE A 87 -6.07 -6.09 5.18
N ASP A 88 -6.55 -7.27 5.53
CA ASP A 88 -7.15 -7.51 6.83
C ASP A 88 -8.17 -6.43 7.17
N PHE A 89 -9.08 -6.17 6.24
CA PHE A 89 -10.10 -5.15 6.43
C PHE A 89 -11.29 -5.72 7.22
N CYS A 90 -11.13 -6.94 7.71
CA CYS A 90 -12.18 -7.59 8.48
C CYS A 90 -13.56 -7.21 7.95
N THR A 91 -13.98 -7.87 6.88
CA THR A 91 -15.28 -7.59 6.28
C THR A 91 -16.32 -7.25 7.34
N HIS A 92 -16.74 -8.26 8.10
CA HIS A 92 -17.73 -8.07 9.15
C HIS A 92 -17.28 -8.70 10.45
N ILE A 93 -17.24 -10.03 10.47
CA ILE A 93 -16.81 -10.77 11.65
C ILE A 93 -15.90 -11.94 11.28
N SER A 94 -16.28 -12.66 10.23
CA SER A 94 -15.50 -13.80 9.77
C SER A 94 -16.04 -14.34 8.45
N GLY A 95 -17.35 -14.23 8.27
CA GLY A 95 -17.97 -14.71 7.05
C GLY A 95 -17.43 -14.03 5.82
N PRO A 96 -17.66 -14.63 4.65
CA PRO A 96 -17.19 -14.09 3.36
C PRO A 96 -17.92 -12.82 2.96
N SER A 97 -17.81 -12.44 1.70
CA SER A 97 -18.46 -11.24 1.18
C SER A 97 -19.93 -11.52 0.88
N SER A 98 -20.19 -12.58 0.13
CA SER A 98 -21.55 -12.96 -0.24
C SER A 98 -22.34 -11.72 -0.68
N GLY A 99 -23.07 -11.12 0.26
CA GLY A 99 -23.86 -9.95 -0.06
C GLY A 99 -25.05 -10.27 -0.94
N GLY A 1 14.35 12.97 5.43
CA GLY A 1 13.72 12.05 4.50
C GLY A 1 14.73 11.37 3.59
N SER A 2 14.49 11.47 2.29
CA SER A 2 15.38 10.86 1.31
C SER A 2 15.23 11.53 -0.06
N SER A 3 16.26 12.26 -0.47
CA SER A 3 16.25 12.95 -1.75
C SER A 3 15.14 13.99 -1.79
N GLY A 4 14.69 14.41 -0.61
CA GLY A 4 13.63 15.40 -0.52
C GLY A 4 12.25 14.78 -0.43
N SER A 5 11.22 15.62 -0.42
CA SER A 5 9.84 15.14 -0.33
C SER A 5 9.05 15.54 -1.57
N SER A 6 9.50 16.59 -2.24
CA SER A 6 8.83 17.09 -3.43
C SER A 6 7.36 17.39 -3.15
N GLY A 7 7.08 17.82 -1.92
CA GLY A 7 5.72 18.14 -1.54
C GLY A 7 5.48 17.99 -0.04
N MET A 8 4.45 17.23 0.31
CA MET A 8 4.12 17.01 1.72
C MET A 8 3.86 15.53 1.98
N PRO A 9 3.99 15.13 3.27
CA PRO A 9 3.77 13.74 3.68
C PRO A 9 2.31 13.33 3.59
N THR A 10 2.07 12.03 3.45
CA THR A 10 0.72 11.51 3.35
C THR A 10 0.57 10.22 4.16
N ASN A 11 -0.69 9.86 4.44
CA ASN A 11 -0.97 8.64 5.21
C ASN A 11 -1.21 7.46 4.28
N CYS A 12 -1.54 6.31 4.87
CA CYS A 12 -1.81 5.11 4.11
C CYS A 12 -3.21 5.13 3.52
N ALA A 13 -3.33 4.78 2.25
CA ALA A 13 -4.61 4.76 1.56
C ALA A 13 -5.59 3.80 2.26
N ALA A 14 -5.05 2.71 2.79
CA ALA A 14 -5.87 1.72 3.48
C ALA A 14 -6.83 2.39 4.46
N ALA A 15 -8.05 1.88 4.53
CA ALA A 15 -9.06 2.42 5.43
C ALA A 15 -8.84 1.95 6.86
N GLY A 16 -7.94 0.98 7.02
CA GLY A 16 -7.65 0.45 8.35
C GLY A 16 -6.16 0.33 8.61
N CYS A 17 -5.47 1.46 8.62
CA CYS A 17 -4.03 1.48 8.86
C CYS A 17 -3.59 2.82 9.43
N ALA A 18 -3.66 3.86 8.60
CA ALA A 18 -3.27 5.20 9.02
C ALA A 18 -1.77 5.27 9.30
N THR A 19 -0.99 4.54 8.52
CA THR A 19 0.46 4.52 8.69
C THR A 19 1.09 5.83 8.24
N THR A 20 2.04 6.32 9.02
CA THR A 20 2.72 7.57 8.70
C THR A 20 4.21 7.47 9.00
N TYR A 21 4.56 7.53 10.28
CA TYR A 21 5.96 7.44 10.69
C TYR A 21 6.09 6.70 12.01
N ASN A 22 7.22 6.00 12.18
CA ASN A 22 7.46 5.24 13.39
C ASN A 22 8.95 5.25 13.74
N LYS A 23 9.65 6.28 13.29
CA LYS A 23 11.08 6.41 13.55
C LYS A 23 11.86 5.24 12.95
N HIS A 24 11.89 4.12 13.68
CA HIS A 24 12.59 2.93 13.22
C HIS A 24 12.03 2.45 11.89
N ILE A 25 10.78 1.98 11.91
CA ILE A 25 10.13 1.48 10.70
C ILE A 25 10.52 2.32 9.49
N ASN A 26 10.84 1.64 8.39
CA ASN A 26 11.24 2.31 7.16
C ASN A 26 10.39 1.84 5.99
N ILE A 27 9.12 1.54 6.26
CA ILE A 27 8.21 1.08 5.22
C ILE A 27 8.41 1.85 3.92
N SER A 28 8.27 1.15 2.80
CA SER A 28 8.44 1.77 1.49
C SER A 28 7.10 2.24 0.94
N PHE A 29 7.12 3.38 0.24
CA PHE A 29 5.91 3.94 -0.34
C PHE A 29 5.77 3.54 -1.81
N HIS A 30 4.77 2.72 -2.09
CA HIS A 30 4.53 2.26 -3.45
C HIS A 30 3.18 2.76 -3.96
N ARG A 31 3.19 3.84 -4.72
CA ARG A 31 1.97 4.41 -5.27
C ARG A 31 1.17 3.36 -6.04
N PHE A 32 -0.01 3.75 -6.52
CA PHE A 32 -0.86 2.85 -7.27
C PHE A 32 -0.25 2.53 -8.64
N PRO A 33 -0.65 1.38 -9.21
CA PRO A 33 -0.15 0.93 -10.52
C PRO A 33 -0.67 1.80 -11.66
N LEU A 34 0.19 2.08 -12.63
CA LEU A 34 -0.19 2.90 -13.78
C LEU A 34 -1.11 2.13 -14.72
N ASP A 35 -1.16 0.81 -14.53
CA ASP A 35 -2.00 -0.05 -15.37
C ASP A 35 -3.43 -0.05 -14.87
N PRO A 36 -4.38 -0.20 -15.80
CA PRO A 36 -5.82 -0.22 -15.47
C PRO A 36 -6.21 -1.49 -14.73
N LYS A 37 -5.70 -2.63 -15.18
CA LYS A 37 -6.00 -3.91 -14.57
C LYS A 37 -5.74 -3.87 -13.06
N ARG A 38 -4.59 -3.33 -12.68
CA ARG A 38 -4.23 -3.22 -11.27
C ARG A 38 -4.84 -1.98 -10.64
N ARG A 39 -4.67 -0.83 -11.31
CA ARG A 39 -5.21 0.42 -10.81
C ARG A 39 -6.60 0.22 -10.19
N LYS A 40 -7.50 -0.37 -10.96
CA LYS A 40 -8.85 -0.62 -10.48
C LYS A 40 -8.84 -1.56 -9.28
N GLU A 41 -7.91 -2.50 -9.27
CA GLU A 41 -7.78 -3.45 -8.17
C GLU A 41 -7.32 -2.75 -6.90
N TRP A 42 -6.12 -2.20 -6.94
CA TRP A 42 -5.57 -1.51 -5.77
C TRP A 42 -6.64 -0.69 -5.06
N VAL A 43 -7.67 -0.30 -5.80
CA VAL A 43 -8.75 0.49 -5.24
C VAL A 43 -9.86 -0.42 -4.69
N ARG A 44 -10.14 -1.50 -5.42
CA ARG A 44 -11.17 -2.45 -5.01
C ARG A 44 -10.75 -3.19 -3.75
N LEU A 45 -9.46 -3.52 -3.66
CA LEU A 45 -8.94 -4.23 -2.50
C LEU A 45 -9.02 -3.37 -1.24
N VAL A 46 -8.41 -2.19 -1.30
CA VAL A 46 -8.42 -1.27 -0.17
C VAL A 46 -9.84 -0.96 0.28
N ARG A 47 -10.82 -1.27 -0.58
CA ARG A 47 -12.21 -1.02 -0.27
C ARG A 47 -12.39 0.33 0.40
N ARG A 48 -12.37 1.40 -0.41
CA ARG A 48 -12.53 2.75 0.11
C ARG A 48 -13.85 3.36 -0.37
N LYS A 49 -14.49 2.69 -1.33
CA LYS A 49 -15.76 3.16 -1.86
C LYS A 49 -15.60 4.53 -2.51
N ASN A 50 -16.06 4.66 -3.75
CA ASN A 50 -15.97 5.91 -4.48
C ASN A 50 -14.66 6.62 -4.17
N PHE A 51 -13.55 5.94 -4.40
CA PHE A 51 -12.23 6.50 -4.13
C PHE A 51 -11.25 6.15 -5.25
N VAL A 52 -10.27 7.02 -5.47
CA VAL A 52 -9.27 6.80 -6.51
C VAL A 52 -8.05 7.69 -6.29
N PRO A 53 -6.86 7.17 -6.62
CA PRO A 53 -5.60 7.90 -6.48
C PRO A 53 -5.47 9.04 -7.48
N GLY A 54 -4.41 9.81 -7.36
CA GLY A 54 -4.19 10.92 -8.26
C GLY A 54 -3.45 12.08 -7.60
N LYS A 55 -2.53 11.74 -6.70
CA LYS A 55 -1.76 12.75 -5.99
C LYS A 55 -0.60 12.11 -5.23
N HIS A 56 -0.87 11.70 -3.99
CA HIS A 56 0.15 11.08 -3.15
C HIS A 56 -0.30 9.70 -2.68
N THR A 57 -1.55 9.35 -3.00
CA THR A 57 -2.11 8.07 -2.60
C THR A 57 -1.06 6.96 -2.70
N PHE A 58 -0.82 6.28 -1.60
CA PHE A 58 0.16 5.20 -1.56
C PHE A 58 -0.26 4.13 -0.55
N LEU A 59 0.39 2.96 -0.63
CA LEU A 59 0.09 1.86 0.26
C LEU A 59 1.37 1.27 0.84
N CYS A 60 1.33 0.92 2.13
CA CYS A 60 2.48 0.34 2.81
C CYS A 60 2.84 -1.02 2.21
N SER A 61 4.10 -1.41 2.36
CA SER A 61 4.58 -2.68 1.83
C SER A 61 4.35 -3.81 2.85
N LYS A 62 4.07 -3.43 4.09
CA LYS A 62 3.83 -4.40 5.14
C LYS A 62 2.68 -5.33 4.78
N HIS A 63 1.65 -4.77 4.16
CA HIS A 63 0.48 -5.55 3.75
C HIS A 63 0.84 -6.53 2.64
N PHE A 64 1.61 -6.04 1.66
CA PHE A 64 2.03 -6.87 0.54
C PHE A 64 2.85 -8.06 1.01
N GLU A 65 3.03 -9.04 0.12
CA GLU A 65 3.79 -10.24 0.46
C GLU A 65 5.28 -10.02 0.18
N ALA A 66 5.59 -8.96 -0.55
CA ALA A 66 6.98 -8.65 -0.89
C ALA A 66 7.48 -9.53 -2.02
N SER A 67 6.70 -10.55 -2.37
CA SER A 67 7.07 -11.47 -3.44
C SER A 67 6.75 -10.89 -4.80
N CYS A 68 6.21 -9.66 -4.80
CA CYS A 68 5.86 -8.99 -6.05
C CYS A 68 6.91 -7.95 -6.42
N PHE A 69 7.93 -7.82 -5.59
CA PHE A 69 9.01 -6.86 -5.83
C PHE A 69 10.03 -7.42 -6.81
N ASP A 70 11.04 -6.63 -7.12
CA ASP A 70 12.09 -7.04 -8.05
C ASP A 70 13.45 -7.04 -7.37
N LEU A 71 13.92 -8.23 -7.01
CA LEU A 71 15.21 -8.38 -6.35
C LEU A 71 16.11 -9.34 -7.10
N THR A 72 16.09 -10.61 -6.71
CA THR A 72 16.90 -11.63 -7.36
C THR A 72 18.28 -11.08 -7.71
N GLY A 73 18.78 -10.17 -6.89
CA GLY A 73 20.10 -9.59 -7.12
C GLY A 73 20.14 -8.11 -6.79
N GLN A 74 19.23 -7.35 -7.39
CA GLN A 74 19.17 -5.91 -7.16
C GLN A 74 18.35 -5.59 -5.91
N THR A 75 18.03 -4.32 -5.73
CA THR A 75 17.25 -3.87 -4.58
C THR A 75 15.84 -4.45 -4.62
N ARG A 76 14.96 -3.90 -3.80
CA ARG A 76 13.57 -4.35 -3.74
C ARG A 76 12.64 -3.31 -4.35
N ARG A 77 12.16 -3.58 -5.56
CA ARG A 77 11.25 -2.67 -6.26
C ARG A 77 9.91 -3.34 -6.53
N LEU A 78 8.84 -2.70 -6.08
CA LEU A 78 7.49 -3.24 -6.28
C LEU A 78 7.10 -3.20 -7.74
N LYS A 79 6.80 -4.36 -8.30
CA LYS A 79 6.39 -4.47 -9.70
C LYS A 79 5.01 -3.89 -9.91
N MET A 80 4.89 -2.97 -10.87
CA MET A 80 3.61 -2.34 -11.17
C MET A 80 2.55 -3.39 -11.51
N ASP A 81 3.01 -4.62 -11.77
CA ASP A 81 2.10 -5.70 -12.11
C ASP A 81 1.68 -6.46 -10.86
N ALA A 82 2.02 -5.91 -9.70
CA ALA A 82 1.67 -6.54 -8.42
C ALA A 82 0.47 -5.85 -7.79
N VAL A 83 -0.24 -6.59 -6.93
CA VAL A 83 -1.41 -6.05 -6.25
C VAL A 83 -1.48 -6.54 -4.81
N PRO A 84 -2.09 -5.72 -3.93
CA PRO A 84 -2.24 -6.05 -2.52
C PRO A 84 -3.22 -7.18 -2.29
N THR A 85 -2.78 -8.41 -2.55
CA THR A 85 -3.63 -9.58 -2.36
C THR A 85 -3.53 -10.11 -0.94
N ILE A 86 -3.53 -9.21 0.03
CA ILE A 86 -3.44 -9.59 1.43
C ILE A 86 -4.38 -8.74 2.30
N PHE A 87 -4.00 -7.48 2.51
CA PHE A 87 -4.80 -6.57 3.30
C PHE A 87 -5.26 -7.24 4.61
N ASP A 88 -4.31 -7.47 5.51
CA ASP A 88 -4.61 -8.10 6.78
C ASP A 88 -5.10 -9.53 6.59
N PHE A 89 -4.43 -10.47 7.22
CA PHE A 89 -4.79 -11.89 7.11
C PHE A 89 -6.20 -12.13 7.66
N CYS A 90 -6.88 -13.13 7.12
CA CYS A 90 -8.22 -13.47 7.57
C CYS A 90 -8.33 -14.96 7.90
N THR A 91 -9.49 -15.36 8.41
CA THR A 91 -9.72 -16.74 8.78
C THR A 91 -8.64 -17.25 9.73
N HIS A 92 -8.94 -17.28 11.02
CA HIS A 92 -7.99 -17.74 12.02
C HIS A 92 -6.72 -16.90 12.00
N ILE A 93 -6.72 -15.83 12.79
CA ILE A 93 -5.56 -14.94 12.86
C ILE A 93 -4.33 -15.69 13.34
N SER A 94 -3.18 -15.37 12.74
CA SER A 94 -1.92 -16.01 13.10
C SER A 94 -0.81 -14.98 13.24
N GLY A 95 -1.17 -13.70 13.13
CA GLY A 95 -0.19 -12.63 13.24
C GLY A 95 0.72 -12.53 12.04
N PRO A 96 1.79 -11.74 12.15
CA PRO A 96 2.76 -11.56 11.06
C PRO A 96 3.59 -12.81 10.81
N SER A 97 4.07 -12.95 9.57
CA SER A 97 4.88 -14.10 9.20
C SER A 97 6.37 -13.77 9.31
N SER A 98 6.74 -13.14 10.42
CA SER A 98 8.15 -12.77 10.64
C SER A 98 8.89 -13.87 11.40
N GLY A 99 10.11 -14.16 10.96
CA GLY A 99 10.89 -15.20 11.60
C GLY A 99 12.39 -14.96 11.43
N GLY A 1 27.60 18.85 0.00
CA GLY A 1 26.16 18.65 -0.06
C GLY A 1 25.45 19.19 1.16
N SER A 2 24.84 20.37 1.01
CA SER A 2 24.12 21.00 2.10
C SER A 2 22.65 21.19 1.75
N SER A 3 22.16 20.37 0.84
CA SER A 3 20.76 20.45 0.41
C SER A 3 20.33 19.16 -0.28
N GLY A 4 19.22 18.60 0.18
CA GLY A 4 18.71 17.36 -0.40
C GLY A 4 17.43 17.58 -1.18
N SER A 5 16.39 16.83 -0.83
CA SER A 5 15.10 16.92 -1.50
C SER A 5 14.03 16.17 -0.72
N SER A 6 14.29 14.90 -0.42
CA SER A 6 13.34 14.08 0.32
C SER A 6 11.97 14.11 -0.35
N GLY A 7 11.13 15.04 0.08
CA GLY A 7 9.80 15.15 -0.49
C GLY A 7 8.74 15.48 0.55
N MET A 8 7.54 14.94 0.37
CA MET A 8 6.45 15.19 1.31
C MET A 8 5.96 13.88 1.93
N PRO A 9 5.58 13.95 3.21
CA PRO A 9 5.09 12.77 3.95
C PRO A 9 3.72 12.32 3.46
N THR A 10 3.69 11.17 2.78
CA THR A 10 2.45 10.62 2.25
C THR A 10 1.65 9.93 3.34
N ASN A 11 0.60 9.22 2.94
CA ASN A 11 -0.25 8.51 3.89
C ASN A 11 -0.84 7.26 3.25
N CYS A 12 -1.01 6.21 4.05
CA CYS A 12 -1.56 4.95 3.56
C CYS A 12 -3.06 5.11 3.27
N ALA A 13 -3.49 4.55 2.15
CA ALA A 13 -4.89 4.61 1.75
C ALA A 13 -5.71 3.54 2.46
N ALA A 14 -5.08 2.42 2.76
CA ALA A 14 -5.74 1.31 3.44
C ALA A 14 -6.66 1.82 4.54
N ALA A 15 -7.93 2.04 4.19
CA ALA A 15 -8.91 2.53 5.16
C ALA A 15 -8.76 1.81 6.50
N GLY A 16 -8.20 2.51 7.48
CA GLY A 16 -8.01 1.92 8.80
C GLY A 16 -6.57 2.01 9.28
N CYS A 17 -5.63 1.68 8.39
CA CYS A 17 -4.22 1.72 8.73
C CYS A 17 -3.70 3.15 8.70
N ALA A 18 -2.61 3.40 9.42
CA ALA A 18 -2.01 4.73 9.47
C ALA A 18 -0.49 4.65 9.43
N THR A 19 0.11 5.18 8.37
CA THR A 19 1.55 5.17 8.21
C THR A 19 2.03 6.37 7.40
N THR A 20 3.10 7.02 7.88
CA THR A 20 3.65 8.17 7.20
C THR A 20 5.15 8.01 6.96
N TYR A 21 5.72 8.93 6.20
CA TYR A 21 7.15 8.88 5.89
C TYR A 21 7.95 8.37 7.09
N ASN A 22 7.74 9.01 8.24
CA ASN A 22 8.44 8.63 9.46
C ASN A 22 9.93 8.48 9.21
N LYS A 23 10.64 7.93 10.19
CA LYS A 23 12.09 7.74 10.08
C LYS A 23 12.44 6.26 10.08
N HIS A 24 12.22 5.60 11.21
CA HIS A 24 12.51 4.18 11.34
C HIS A 24 11.28 3.34 11.04
N ILE A 25 10.79 3.44 9.81
CA ILE A 25 9.61 2.68 9.39
C ILE A 25 10.00 1.48 8.54
N ASN A 26 10.89 1.70 7.59
CA ASN A 26 11.35 0.64 6.70
C ASN A 26 10.37 0.42 5.56
N ILE A 27 9.08 0.51 5.86
CA ILE A 27 8.04 0.33 4.85
C ILE A 27 8.26 1.26 3.66
N SER A 28 8.13 0.71 2.46
CA SER A 28 8.32 1.49 1.24
C SER A 28 6.98 1.95 0.68
N PHE A 29 6.89 3.24 0.37
CA PHE A 29 5.66 3.81 -0.17
C PHE A 29 5.54 3.52 -1.67
N HIS A 30 4.67 2.57 -2.00
CA HIS A 30 4.45 2.19 -3.38
C HIS A 30 3.11 2.72 -3.89
N ARG A 31 3.15 3.84 -4.61
CA ARG A 31 1.94 4.45 -5.14
C ARG A 31 1.14 3.43 -5.97
N PHE A 32 -0.07 3.83 -6.36
CA PHE A 32 -0.93 2.95 -7.15
C PHE A 32 -0.32 2.68 -8.51
N PRO A 33 -0.69 1.52 -9.10
CA PRO A 33 -0.19 1.10 -10.42
C PRO A 33 -0.72 1.98 -11.54
N LEU A 34 0.11 2.20 -12.56
CA LEU A 34 -0.29 3.02 -13.70
C LEU A 34 -1.19 2.23 -14.65
N ASP A 35 -1.17 0.91 -14.52
CA ASP A 35 -1.99 0.04 -15.35
C ASP A 35 -3.42 -0.01 -14.86
N PRO A 36 -4.37 -0.12 -15.79
CA PRO A 36 -5.80 -0.18 -15.47
C PRO A 36 -6.18 -1.49 -14.79
N LYS A 37 -5.51 -2.57 -15.16
CA LYS A 37 -5.77 -3.88 -14.59
C LYS A 37 -5.53 -3.88 -13.09
N ARG A 38 -4.46 -3.23 -12.67
CA ARG A 38 -4.11 -3.15 -11.25
C ARG A 38 -4.77 -1.94 -10.60
N ARG A 39 -4.65 -0.79 -11.24
CA ARG A 39 -5.22 0.44 -10.73
C ARG A 39 -6.57 0.18 -10.07
N LYS A 40 -7.43 -0.55 -10.78
CA LYS A 40 -8.76 -0.88 -10.26
C LYS A 40 -8.66 -1.88 -9.11
N GLU A 41 -7.74 -2.83 -9.24
CA GLU A 41 -7.55 -3.85 -8.22
C GLU A 41 -7.16 -3.22 -6.89
N TRP A 42 -6.06 -2.47 -6.90
CA TRP A 42 -5.57 -1.81 -5.69
C TRP A 42 -6.71 -1.10 -4.97
N VAL A 43 -7.53 -0.37 -5.74
CA VAL A 43 -8.64 0.36 -5.17
C VAL A 43 -9.79 -0.57 -4.79
N ARG A 44 -9.84 -1.72 -5.45
CA ARG A 44 -10.88 -2.71 -5.19
C ARG A 44 -10.52 -3.58 -3.99
N LEU A 45 -9.23 -3.62 -3.66
CA LEU A 45 -8.74 -4.41 -2.54
C LEU A 45 -8.73 -3.57 -1.26
N VAL A 46 -8.63 -2.26 -1.41
CA VAL A 46 -8.61 -1.35 -0.27
C VAL A 46 -10.02 -0.95 0.13
N ARG A 47 -10.99 -1.28 -0.71
CA ARG A 47 -12.38 -0.94 -0.44
C ARG A 47 -12.50 0.45 0.19
N ARG A 48 -12.32 1.48 -0.63
CA ARG A 48 -12.40 2.85 -0.15
C ARG A 48 -13.54 3.60 -0.84
N LYS A 49 -14.58 2.87 -1.21
CA LYS A 49 -15.74 3.46 -1.87
C LYS A 49 -15.37 3.94 -3.27
N ASN A 50 -16.12 4.91 -3.78
CA ASN A 50 -15.87 5.46 -5.11
C ASN A 50 -14.66 6.39 -5.10
N PHE A 51 -13.55 5.89 -4.58
CA PHE A 51 -12.32 6.68 -4.50
C PHE A 51 -11.37 6.32 -5.63
N VAL A 52 -10.57 7.28 -6.06
CA VAL A 52 -9.61 7.06 -7.15
C VAL A 52 -8.21 7.52 -6.74
N PRO A 53 -7.19 6.78 -7.20
CA PRO A 53 -5.79 7.09 -6.90
C PRO A 53 -5.31 8.35 -7.60
N GLY A 54 -5.49 9.49 -6.92
CA GLY A 54 -5.06 10.76 -7.49
C GLY A 54 -3.62 11.10 -7.14
N LYS A 55 -3.42 11.70 -5.98
CA LYS A 55 -2.09 12.08 -5.54
C LYS A 55 -1.91 11.79 -4.05
N HIS A 56 -0.69 11.43 -3.66
CA HIS A 56 -0.39 11.13 -2.26
C HIS A 56 -0.96 9.77 -1.87
N THR A 57 -1.64 9.13 -2.80
CA THR A 57 -2.24 7.81 -2.55
C THR A 57 -1.21 6.70 -2.66
N PHE A 58 -0.92 6.07 -1.53
CA PHE A 58 0.06 4.98 -1.49
C PHE A 58 -0.38 3.88 -0.53
N LEU A 59 0.27 2.73 -0.62
CA LEU A 59 -0.05 1.60 0.24
C LEU A 59 1.20 1.00 0.85
N CYS A 60 1.12 0.62 2.12
CA CYS A 60 2.26 0.03 2.82
C CYS A 60 2.60 -1.34 2.24
N SER A 61 3.89 -1.61 2.09
CA SER A 61 4.34 -2.88 1.54
C SER A 61 4.02 -4.02 2.49
N LYS A 62 4.01 -3.73 3.79
CA LYS A 62 3.71 -4.73 4.80
C LYS A 62 2.51 -5.59 4.39
N HIS A 63 1.47 -4.93 3.92
CA HIS A 63 0.26 -5.63 3.48
C HIS A 63 0.57 -6.59 2.35
N PHE A 64 1.43 -6.17 1.43
CA PHE A 64 1.81 -7.00 0.29
C PHE A 64 2.59 -8.22 0.75
N GLU A 65 2.76 -9.18 -0.16
CA GLU A 65 3.48 -10.40 0.15
C GLU A 65 4.99 -10.20 -0.01
N ALA A 66 5.37 -9.12 -0.68
CA ALA A 66 6.78 -8.81 -0.90
C ALA A 66 7.34 -9.64 -2.04
N SER A 67 6.58 -10.65 -2.47
CA SER A 67 7.02 -11.52 -3.55
C SER A 67 6.77 -10.88 -4.91
N CYS A 68 6.22 -9.67 -4.89
CA CYS A 68 5.93 -8.94 -6.12
C CYS A 68 6.97 -7.87 -6.37
N PHE A 69 7.92 -7.74 -5.45
CA PHE A 69 8.98 -6.74 -5.58
C PHE A 69 10.07 -7.24 -6.53
N ASP A 70 11.09 -6.41 -6.73
CA ASP A 70 12.19 -6.76 -7.62
C ASP A 70 13.54 -6.62 -6.89
N LEU A 71 13.91 -7.66 -6.16
CA LEU A 71 15.17 -7.66 -5.42
C LEU A 71 16.22 -8.50 -6.13
N THR A 72 16.33 -9.76 -5.74
CA THR A 72 17.29 -10.67 -6.34
C THR A 72 18.60 -9.95 -6.65
N GLY A 73 18.99 -9.03 -5.77
CA GLY A 73 20.22 -8.28 -5.96
C GLY A 73 20.06 -6.80 -5.68
N GLN A 74 19.40 -6.10 -6.59
CA GLN A 74 19.18 -4.66 -6.43
C GLN A 74 18.20 -4.39 -5.29
N THR A 75 17.80 -3.13 -5.15
CA THR A 75 16.87 -2.73 -4.10
C THR A 75 15.52 -3.41 -4.29
N ARG A 76 14.66 -3.27 -3.29
CA ARG A 76 13.33 -3.87 -3.33
C ARG A 76 12.34 -2.94 -4.03
N ARG A 77 12.10 -3.20 -5.31
CA ARG A 77 11.18 -2.38 -6.08
C ARG A 77 9.87 -3.14 -6.34
N LEU A 78 8.75 -2.51 -6.01
CA LEU A 78 7.44 -3.12 -6.20
C LEU A 78 7.06 -3.14 -7.68
N LYS A 79 6.77 -4.33 -8.19
CA LYS A 79 6.40 -4.49 -9.59
C LYS A 79 5.04 -3.84 -9.86
N MET A 80 5.02 -2.91 -10.82
CA MET A 80 3.79 -2.22 -11.18
C MET A 80 2.68 -3.21 -11.49
N ASP A 81 3.05 -4.46 -11.74
CA ASP A 81 2.09 -5.50 -12.05
C ASP A 81 1.72 -6.30 -10.81
N ALA A 82 1.92 -5.70 -9.64
CA ALA A 82 1.61 -6.34 -8.38
C ALA A 82 0.42 -5.69 -7.70
N VAL A 83 -0.42 -6.50 -7.07
CA VAL A 83 -1.60 -6.00 -6.39
C VAL A 83 -1.65 -6.49 -4.94
N PRO A 84 -2.29 -5.70 -4.06
CA PRO A 84 -2.42 -6.03 -2.65
C PRO A 84 -3.36 -7.21 -2.41
N THR A 85 -2.82 -8.43 -2.51
CA THR A 85 -3.61 -9.63 -2.30
C THR A 85 -3.82 -9.91 -0.83
N ILE A 86 -3.45 -8.95 0.02
CA ILE A 86 -3.60 -9.10 1.46
C ILE A 86 -4.04 -7.78 2.10
N PHE A 87 -5.12 -7.84 2.86
CA PHE A 87 -5.65 -6.66 3.53
C PHE A 87 -6.18 -7.02 4.93
N ASP A 88 -5.83 -8.21 5.39
CA ASP A 88 -6.27 -8.67 6.71
C ASP A 88 -5.40 -9.82 7.20
N PHE A 89 -5.61 -10.23 8.45
CA PHE A 89 -4.84 -11.32 9.03
C PHE A 89 -5.68 -12.09 10.05
N CYS A 90 -5.31 -13.34 10.29
CA CYS A 90 -6.03 -14.18 11.24
C CYS A 90 -7.51 -14.27 10.88
N THR A 91 -8.30 -14.81 11.79
CA THR A 91 -9.74 -14.96 11.57
C THR A 91 -10.49 -15.04 12.89
N HIS A 92 -11.72 -14.50 12.91
CA HIS A 92 -12.54 -14.52 14.11
C HIS A 92 -13.35 -15.81 14.20
N ILE A 93 -14.43 -15.88 13.42
CA ILE A 93 -15.29 -17.06 13.42
C ILE A 93 -15.97 -17.23 12.07
N SER A 94 -16.38 -16.12 11.47
CA SER A 94 -17.04 -16.15 10.17
C SER A 94 -16.37 -17.14 9.23
N GLY A 95 -15.21 -16.75 8.71
CA GLY A 95 -14.49 -17.62 7.80
C GLY A 95 -13.18 -17.01 7.34
N PRO A 96 -12.41 -17.77 6.55
CA PRO A 96 -11.11 -17.32 6.03
C PRO A 96 -11.26 -16.21 4.99
N SER A 97 -10.29 -15.31 4.95
CA SER A 97 -10.31 -14.19 4.01
C SER A 97 -10.33 -14.70 2.57
N SER A 98 -11.51 -15.09 2.10
CA SER A 98 -11.66 -15.61 0.75
C SER A 98 -12.31 -14.56 -0.15
N GLY A 99 -12.48 -14.91 -1.43
CA GLY A 99 -13.10 -14.00 -2.37
C GLY A 99 -12.25 -13.80 -3.62
N GLY A 1 1.37 28.47 0.73
CA GLY A 1 1.64 27.20 1.37
C GLY A 1 0.67 26.11 0.94
N SER A 2 -0.62 26.39 1.10
CA SER A 2 -1.65 25.43 0.73
C SER A 2 -1.48 24.96 -0.72
N SER A 3 -0.87 25.83 -1.54
CA SER A 3 -0.65 25.52 -2.94
C SER A 3 0.15 24.23 -3.08
N GLY A 4 1.34 24.21 -2.50
CA GLY A 4 2.20 23.04 -2.58
C GLY A 4 3.03 22.85 -1.33
N SER A 5 2.59 21.96 -0.45
CA SER A 5 3.29 21.69 0.80
C SER A 5 4.56 20.87 0.54
N SER A 6 5.52 20.96 1.46
CA SER A 6 6.77 20.23 1.33
C SER A 6 7.51 20.17 2.66
N GLY A 7 7.16 19.17 3.47
CA GLY A 7 7.79 19.02 4.77
C GLY A 7 7.22 17.86 5.55
N MET A 8 5.91 17.69 5.50
CA MET A 8 5.23 16.61 6.21
C MET A 8 5.12 15.37 5.34
N PRO A 9 5.15 14.19 5.97
CA PRO A 9 5.04 12.91 5.27
C PRO A 9 3.65 12.67 4.69
N THR A 10 3.46 11.52 4.06
CA THR A 10 2.18 11.18 3.46
C THR A 10 1.43 10.15 4.30
N ASN A 11 0.16 9.94 3.99
CA ASN A 11 -0.65 8.98 4.73
C ASN A 11 -0.86 7.71 3.91
N CYS A 12 -1.60 6.76 4.48
CA CYS A 12 -1.88 5.50 3.81
C CYS A 12 -3.27 5.51 3.18
N ALA A 13 -3.35 5.05 1.94
CA ALA A 13 -4.64 4.99 1.23
C ALA A 13 -5.52 3.87 1.76
N ALA A 14 -4.89 2.92 2.45
CA ALA A 14 -5.62 1.78 3.03
C ALA A 14 -6.78 2.26 3.90
N ALA A 15 -7.56 1.32 4.40
CA ALA A 15 -8.70 1.63 5.25
C ALA A 15 -8.27 1.80 6.70
N GLY A 16 -8.28 0.68 7.45
CA GLY A 16 -7.89 0.73 8.84
C GLY A 16 -6.40 0.58 9.03
N CYS A 17 -5.68 1.70 8.97
CA CYS A 17 -4.23 1.70 9.13
C CYS A 17 -3.77 2.93 9.93
N ALA A 18 -2.62 2.80 10.58
CA ALA A 18 -2.07 3.89 11.38
C ALA A 18 -0.66 4.23 10.91
N THR A 19 -0.49 4.40 9.61
CA THR A 19 0.82 4.72 9.04
C THR A 19 0.79 6.10 8.38
N THR A 20 1.55 7.03 8.94
CA THR A 20 1.62 8.39 8.41
C THR A 20 2.83 9.13 8.95
N TYR A 21 2.99 9.13 10.27
CA TYR A 21 4.12 9.81 10.91
C TYR A 21 4.66 8.97 12.06
N ASN A 22 5.73 8.23 11.80
CA ASN A 22 6.35 7.38 12.81
C ASN A 22 7.83 7.70 12.93
N LYS A 23 8.16 8.98 12.96
CA LYS A 23 9.55 9.42 13.09
C LYS A 23 10.44 8.67 12.11
N HIS A 24 10.42 9.09 10.85
CA HIS A 24 11.24 8.46 9.82
C HIS A 24 10.92 6.98 9.71
N ILE A 25 9.67 6.67 9.36
CA ILE A 25 9.24 5.28 9.22
C ILE A 25 10.06 4.55 8.16
N ASN A 26 10.40 3.30 8.46
CA ASN A 26 11.19 2.50 7.53
C ASN A 26 10.35 2.05 6.34
N ILE A 27 9.07 1.79 6.59
CA ILE A 27 8.16 1.36 5.54
C ILE A 27 8.35 2.20 4.28
N SER A 28 8.10 1.60 3.12
CA SER A 28 8.24 2.29 1.85
C SER A 28 6.88 2.79 1.35
N PHE A 29 6.89 3.49 0.23
CA PHE A 29 5.66 4.03 -0.36
C PHE A 29 5.51 3.58 -1.81
N HIS A 30 4.59 2.65 -2.04
CA HIS A 30 4.35 2.14 -3.39
C HIS A 30 3.05 2.69 -3.95
N ARG A 31 3.15 3.75 -4.74
CA ARG A 31 1.98 4.38 -5.35
C ARG A 31 1.15 3.35 -6.12
N PHE A 32 0.01 3.79 -6.63
CA PHE A 32 -0.88 2.91 -7.39
C PHE A 32 -0.32 2.63 -8.77
N PRO A 33 -0.71 1.49 -9.35
CA PRO A 33 -0.26 1.07 -10.68
C PRO A 33 -0.84 1.95 -11.79
N LEU A 34 -0.03 2.26 -12.78
CA LEU A 34 -0.46 3.08 -13.90
C LEU A 34 -1.33 2.29 -14.87
N ASP A 35 -1.38 0.97 -14.66
CA ASP A 35 -2.18 0.10 -15.51
C ASP A 35 -3.62 0.02 -15.02
N PRO A 36 -4.56 -0.15 -15.96
CA PRO A 36 -5.99 -0.23 -15.65
C PRO A 36 -6.35 -1.53 -14.92
N LYS A 37 -5.70 -2.62 -15.33
CA LYS A 37 -5.95 -3.93 -14.71
C LYS A 37 -5.67 -3.88 -13.21
N ARG A 38 -4.53 -3.31 -12.85
CA ARG A 38 -4.13 -3.22 -11.45
C ARG A 38 -4.80 -2.00 -10.79
N ARG A 39 -4.72 -0.86 -11.46
CA ARG A 39 -5.32 0.37 -10.94
C ARG A 39 -6.66 0.08 -10.27
N LYS A 40 -7.55 -0.59 -11.01
CA LYS A 40 -8.87 -0.92 -10.50
C LYS A 40 -8.76 -1.88 -9.31
N GLU A 41 -7.73 -2.71 -9.32
CA GLU A 41 -7.52 -3.67 -8.25
C GLU A 41 -7.12 -2.97 -6.95
N TRP A 42 -5.98 -2.28 -6.98
CA TRP A 42 -5.49 -1.57 -5.81
C TRP A 42 -6.62 -0.81 -5.12
N VAL A 43 -7.60 -0.37 -5.90
CA VAL A 43 -8.74 0.37 -5.36
C VAL A 43 -9.85 -0.58 -4.95
N ARG A 44 -10.00 -1.67 -5.69
CA ARG A 44 -11.03 -2.66 -5.40
C ARG A 44 -10.67 -3.48 -4.17
N LEU A 45 -9.39 -3.51 -3.83
CA LEU A 45 -8.91 -4.25 -2.68
C LEU A 45 -9.03 -3.42 -1.40
N VAL A 46 -8.44 -2.22 -1.43
CA VAL A 46 -8.50 -1.32 -0.27
C VAL A 46 -9.94 -1.09 0.18
N ARG A 47 -10.89 -1.43 -0.69
CA ARG A 47 -12.30 -1.25 -0.38
C ARG A 47 -12.52 0.01 0.45
N ARG A 48 -12.48 1.17 -0.20
CA ARG A 48 -12.67 2.44 0.47
C ARG A 48 -13.83 3.22 -0.14
N LYS A 49 -14.80 2.50 -0.69
CA LYS A 49 -15.96 3.13 -1.31
C LYS A 49 -15.61 3.62 -2.72
N ASN A 50 -16.33 4.65 -3.17
CA ASN A 50 -16.10 5.22 -4.49
C ASN A 50 -14.84 6.09 -4.49
N PHE A 51 -13.73 5.51 -4.07
CA PHE A 51 -12.46 6.23 -4.02
C PHE A 51 -11.60 5.90 -5.24
N VAL A 52 -10.95 6.92 -5.79
CA VAL A 52 -10.10 6.74 -6.96
C VAL A 52 -8.73 7.37 -6.74
N PRO A 53 -7.69 6.75 -7.32
CA PRO A 53 -6.31 7.24 -7.20
C PRO A 53 -6.09 8.53 -7.98
N GLY A 54 -5.51 9.52 -7.31
CA GLY A 54 -5.25 10.80 -7.95
C GLY A 54 -3.78 11.15 -7.96
N LYS A 55 -3.26 11.59 -6.82
CA LYS A 55 -1.86 11.96 -6.71
C LYS A 55 -1.25 11.42 -5.42
N HIS A 56 -1.74 11.90 -4.29
CA HIS A 56 -1.24 11.46 -2.99
C HIS A 56 -1.91 10.15 -2.58
N THR A 57 -1.71 9.10 -3.39
CA THR A 57 -2.28 7.80 -3.11
C THR A 57 -1.21 6.72 -3.06
N PHE A 58 -0.90 6.26 -1.85
CA PHE A 58 0.12 5.23 -1.66
C PHE A 58 -0.33 4.22 -0.60
N LEU A 59 0.31 3.05 -0.61
CA LEU A 59 -0.02 2.00 0.34
C LEU A 59 1.24 1.42 0.97
N CYS A 60 1.16 1.12 2.27
CA CYS A 60 2.29 0.56 3.00
C CYS A 60 2.67 -0.82 2.45
N SER A 61 3.97 -1.11 2.43
CA SER A 61 4.46 -2.39 1.93
C SER A 61 4.15 -3.51 2.91
N LYS A 62 4.02 -3.15 4.18
CA LYS A 62 3.74 -4.12 5.23
C LYS A 62 2.55 -5.01 4.84
N HIS A 63 1.57 -4.40 4.18
CA HIS A 63 0.38 -5.14 3.74
C HIS A 63 0.73 -6.13 2.64
N PHE A 64 1.63 -5.71 1.75
CA PHE A 64 2.05 -6.56 0.64
C PHE A 64 2.86 -7.75 1.14
N GLU A 65 2.96 -8.78 0.31
CA GLU A 65 3.71 -9.99 0.66
C GLU A 65 5.19 -9.80 0.38
N ALA A 66 5.52 -8.78 -0.39
CA ALA A 66 6.91 -8.49 -0.74
C ALA A 66 7.40 -9.43 -1.85
N SER A 67 6.61 -10.46 -2.14
CA SER A 67 6.97 -11.42 -3.17
C SER A 67 6.62 -10.89 -4.55
N CYS A 68 6.08 -9.68 -4.60
CA CYS A 68 5.68 -9.06 -5.86
C CYS A 68 6.73 -8.03 -6.29
N PHE A 69 7.79 -7.89 -5.49
CA PHE A 69 8.85 -6.94 -5.80
C PHE A 69 9.84 -7.54 -6.79
N ASP A 70 10.85 -6.75 -7.15
CA ASP A 70 11.87 -7.20 -8.09
C ASP A 70 13.16 -7.57 -7.37
N LEU A 71 13.36 -8.87 -7.15
CA LEU A 71 14.55 -9.36 -6.47
C LEU A 71 15.42 -10.16 -7.42
N THR A 72 14.79 -10.86 -8.37
CA THR A 72 15.52 -11.66 -9.35
C THR A 72 16.23 -10.78 -10.37
N GLY A 73 15.96 -9.49 -10.31
CA GLY A 73 16.59 -8.56 -11.24
C GLY A 73 17.52 -7.59 -10.55
N GLN A 74 16.96 -6.73 -9.70
CA GLN A 74 17.75 -5.74 -8.98
C GLN A 74 17.15 -5.47 -7.60
N THR A 75 17.48 -4.32 -7.03
CA THR A 75 16.99 -3.93 -5.71
C THR A 75 15.51 -4.26 -5.57
N ARG A 76 15.09 -4.61 -4.36
CA ARG A 76 13.71 -4.94 -4.10
C ARG A 76 12.78 -3.79 -4.49
N ARG A 77 12.13 -3.93 -5.64
CA ARG A 77 11.22 -2.91 -6.13
C ARG A 77 9.85 -3.50 -6.45
N LEU A 78 8.80 -2.87 -5.92
CA LEU A 78 7.44 -3.34 -6.14
C LEU A 78 7.08 -3.28 -7.62
N LYS A 79 6.91 -4.44 -8.24
CA LYS A 79 6.56 -4.52 -9.65
C LYS A 79 5.28 -3.75 -9.93
N MET A 80 5.28 -2.97 -11.00
CA MET A 80 4.12 -2.19 -11.39
C MET A 80 2.95 -3.09 -11.78
N ASP A 81 3.21 -4.40 -11.83
CA ASP A 81 2.19 -5.37 -12.18
C ASP A 81 1.78 -6.19 -10.97
N ALA A 82 2.06 -5.66 -9.78
CA ALA A 82 1.72 -6.34 -8.54
C ALA A 82 0.54 -5.68 -7.84
N VAL A 83 -0.22 -6.47 -7.08
CA VAL A 83 -1.38 -5.95 -6.37
C VAL A 83 -1.43 -6.49 -4.94
N PRO A 84 -2.01 -5.70 -4.04
CA PRO A 84 -2.14 -6.08 -2.63
C PRO A 84 -3.14 -7.23 -2.42
N THR A 85 -2.63 -8.45 -2.45
CA THR A 85 -3.46 -9.64 -2.27
C THR A 85 -3.89 -9.79 -0.81
N ILE A 86 -3.49 -8.83 0.01
CA ILE A 86 -3.83 -8.86 1.43
C ILE A 86 -4.49 -7.55 1.87
N PHE A 87 -5.35 -7.64 2.87
CA PHE A 87 -6.04 -6.46 3.38
C PHE A 87 -6.87 -6.80 4.62
N ASP A 88 -7.75 -7.78 4.49
CA ASP A 88 -8.59 -8.20 5.60
C ASP A 88 -8.64 -9.73 5.69
N PHE A 89 -9.48 -10.34 4.87
CA PHE A 89 -9.62 -11.79 4.86
C PHE A 89 -10.39 -12.28 6.09
N CYS A 90 -11.14 -11.36 6.70
CA CYS A 90 -11.93 -11.69 7.88
C CYS A 90 -13.35 -11.18 7.74
N THR A 91 -13.49 -9.91 7.36
CA THR A 91 -14.80 -9.30 7.19
C THR A 91 -15.51 -9.83 5.95
N HIS A 92 -15.07 -9.37 4.79
CA HIS A 92 -15.65 -9.81 3.52
C HIS A 92 -14.73 -10.77 2.79
N ILE A 93 -15.30 -11.62 1.95
CA ILE A 93 -14.52 -12.59 1.19
C ILE A 93 -15.02 -12.69 -0.25
N SER A 94 -14.11 -12.55 -1.20
CA SER A 94 -14.45 -12.63 -2.61
C SER A 94 -13.79 -13.84 -3.27
N GLY A 95 -13.81 -13.86 -4.60
CA GLY A 95 -13.21 -14.97 -5.33
C GLY A 95 -14.11 -16.19 -5.37
N PRO A 96 -15.38 -15.97 -5.73
CA PRO A 96 -16.37 -17.05 -5.82
C PRO A 96 -16.10 -18.00 -6.98
N SER A 97 -15.01 -18.74 -6.89
CA SER A 97 -14.63 -19.68 -7.94
C SER A 97 -13.99 -18.94 -9.13
N SER A 98 -12.67 -18.97 -9.19
CA SER A 98 -11.95 -18.30 -10.26
C SER A 98 -10.83 -19.20 -10.80
N GLY A 99 -10.17 -18.74 -11.85
CA GLY A 99 -9.09 -19.51 -12.45
C GLY A 99 -8.91 -19.21 -13.93
N GLY A 1 14.84 16.55 4.70
CA GLY A 1 16.09 17.27 4.85
C GLY A 1 16.22 17.93 6.20
N SER A 2 15.27 18.79 6.55
CA SER A 2 15.30 19.49 7.81
C SER A 2 13.91 20.03 8.16
N SER A 3 13.26 20.67 7.19
CA SER A 3 11.94 21.24 7.39
C SER A 3 10.85 20.24 6.96
N GLY A 4 10.86 19.90 5.68
CA GLY A 4 9.87 18.97 5.16
C GLY A 4 9.44 19.30 3.75
N SER A 5 9.28 18.27 2.92
CA SER A 5 8.88 18.45 1.53
C SER A 5 7.49 17.87 1.29
N SER A 6 6.90 17.29 2.33
CA SER A 6 5.58 16.69 2.23
C SER A 6 4.49 17.74 2.41
N GLY A 7 3.37 17.56 1.70
CA GLY A 7 2.28 18.50 1.80
C GLY A 7 0.94 17.81 1.91
N MET A 8 -0.09 18.56 2.33
CA MET A 8 -1.43 18.01 2.48
C MET A 8 -1.42 16.83 3.44
N PRO A 9 -2.60 16.51 3.99
CA PRO A 9 -2.76 15.40 4.94
C PRO A 9 -2.60 14.04 4.27
N THR A 10 -1.36 13.56 4.19
CA THR A 10 -1.07 12.28 3.57
C THR A 10 -1.29 11.13 4.55
N ASN A 11 -1.75 10.00 4.04
CA ASN A 11 -2.00 8.82 4.87
C ASN A 11 -1.98 7.55 4.03
N CYS A 12 -2.29 6.42 4.67
CA CYS A 12 -2.30 5.14 3.99
C CYS A 12 -3.66 4.88 3.33
N ALA A 13 -3.66 4.78 2.01
CA ALA A 13 -4.88 4.53 1.26
C ALA A 13 -5.77 3.51 1.98
N ALA A 14 -5.14 2.47 2.51
CA ALA A 14 -5.88 1.42 3.21
C ALA A 14 -6.97 2.02 4.09
N ALA A 15 -8.18 1.50 3.96
CA ALA A 15 -9.32 1.98 4.74
C ALA A 15 -8.93 2.16 6.21
N GLY A 16 -7.96 1.36 6.67
CA GLY A 16 -7.52 1.46 8.04
C GLY A 16 -6.04 1.77 8.15
N CYS A 17 -5.33 1.00 8.98
CA CYS A 17 -3.90 1.21 9.18
C CYS A 17 -3.62 2.64 9.63
N ALA A 18 -2.42 2.84 10.18
CA ALA A 18 -2.03 4.17 10.66
C ALA A 18 -0.57 4.44 10.33
N THR A 19 -0.29 4.70 9.05
CA THR A 19 1.06 4.98 8.61
C THR A 19 1.15 6.36 7.95
N THR A 20 2.17 7.12 8.33
CA THR A 20 2.36 8.46 7.79
C THR A 20 3.83 8.71 7.45
N TYR A 21 4.58 9.24 8.41
CA TYR A 21 5.99 9.53 8.21
C TYR A 21 6.84 8.85 9.28
N ASN A 22 6.60 9.23 10.54
CA ASN A 22 7.34 8.66 11.66
C ASN A 22 8.82 9.04 11.57
N LYS A 23 9.57 8.71 12.63
CA LYS A 23 10.99 9.02 12.68
C LYS A 23 11.81 7.74 12.83
N HIS A 24 11.12 6.60 12.83
CA HIS A 24 11.80 5.31 12.96
C HIS A 24 11.37 4.35 11.85
N ILE A 25 10.10 4.45 11.46
CA ILE A 25 9.55 3.60 10.41
C ILE A 25 10.38 3.72 9.14
N ASN A 26 10.62 2.58 8.48
CA ASN A 26 11.39 2.55 7.24
C ASN A 26 10.55 2.05 6.08
N ILE A 27 9.28 1.76 6.37
CA ILE A 27 8.36 1.27 5.34
C ILE A 27 8.49 2.08 4.05
N SER A 28 8.45 1.39 2.92
CA SER A 28 8.56 2.05 1.62
C SER A 28 7.21 2.60 1.17
N PHE A 29 7.24 3.43 0.13
CA PHE A 29 6.02 4.03 -0.39
C PHE A 29 5.78 3.60 -1.84
N HIS A 30 4.80 2.73 -2.04
CA HIS A 30 4.47 2.24 -3.37
C HIS A 30 3.11 2.78 -3.83
N ARG A 31 3.15 3.76 -4.72
CA ARG A 31 1.93 4.36 -5.24
C ARG A 31 1.11 3.34 -6.03
N PHE A 32 -0.06 3.77 -6.50
CA PHE A 32 -0.94 2.89 -7.27
C PHE A 32 -0.35 2.61 -8.64
N PRO A 33 -0.75 1.47 -9.23
CA PRO A 33 -0.27 1.05 -10.55
C PRO A 33 -0.81 1.93 -11.67
N LEU A 34 0.02 2.17 -12.68
CA LEU A 34 -0.39 2.99 -13.82
C LEU A 34 -1.26 2.20 -14.79
N ASP A 35 -1.25 0.88 -14.64
CA ASP A 35 -2.05 0.01 -15.50
C ASP A 35 -3.50 -0.03 -15.03
N PRO A 36 -4.42 -0.14 -15.99
CA PRO A 36 -5.86 -0.20 -15.70
C PRO A 36 -6.26 -1.50 -15.03
N LYS A 37 -5.54 -2.57 -15.34
CA LYS A 37 -5.81 -3.88 -14.76
C LYS A 37 -5.60 -3.87 -13.24
N ARG A 38 -4.50 -3.27 -12.82
CA ARG A 38 -4.18 -3.18 -11.40
C ARG A 38 -4.84 -1.96 -10.75
N ARG A 39 -4.73 -0.82 -11.42
CA ARG A 39 -5.32 0.42 -10.91
C ARG A 39 -6.70 0.15 -10.30
N LYS A 40 -7.57 -0.48 -11.07
CA LYS A 40 -8.92 -0.80 -10.60
C LYS A 40 -8.87 -1.81 -9.46
N GLU A 41 -7.82 -2.62 -9.44
CA GLU A 41 -7.66 -3.64 -8.40
C GLU A 41 -7.29 -2.99 -7.07
N TRP A 42 -6.13 -2.35 -7.02
CA TRP A 42 -5.66 -1.69 -5.81
C TRP A 42 -6.81 -0.99 -5.10
N VAL A 43 -7.63 -0.27 -5.87
CA VAL A 43 -8.76 0.46 -5.31
C VAL A 43 -9.85 -0.50 -4.84
N ARG A 44 -9.99 -1.62 -5.55
CA ARG A 44 -11.00 -2.62 -5.21
C ARG A 44 -10.52 -3.49 -4.05
N LEU A 45 -9.22 -3.50 -3.82
CA LEU A 45 -8.64 -4.29 -2.75
C LEU A 45 -8.67 -3.52 -1.43
N VAL A 46 -8.22 -2.27 -1.47
CA VAL A 46 -8.20 -1.43 -0.28
C VAL A 46 -9.58 -1.36 0.37
N ARG A 47 -10.61 -1.65 -0.41
CA ARG A 47 -11.98 -1.62 0.09
C ARG A 47 -12.39 -0.20 0.46
N ARG A 48 -12.80 0.58 -0.53
CA ARG A 48 -13.22 1.96 -0.31
C ARG A 48 -14.32 2.36 -1.28
N LYS A 49 -14.19 1.92 -2.52
CA LYS A 49 -15.16 2.24 -3.56
C LYS A 49 -15.15 3.72 -3.90
N ASN A 50 -15.66 4.54 -2.98
CA ASN A 50 -15.69 5.98 -3.18
C ASN A 50 -14.32 6.60 -2.96
N PHE A 51 -13.34 6.14 -3.73
CA PHE A 51 -11.98 6.64 -3.63
C PHE A 51 -11.23 6.47 -4.94
N VAL A 52 -10.13 7.21 -5.10
CA VAL A 52 -9.32 7.14 -6.31
C VAL A 52 -7.92 7.67 -6.06
N PRO A 53 -6.93 7.06 -6.74
CA PRO A 53 -5.52 7.47 -6.61
C PRO A 53 -5.24 8.83 -7.23
N GLY A 54 -4.85 9.78 -6.39
CA GLY A 54 -4.56 11.12 -6.88
C GLY A 54 -3.09 11.32 -7.18
N LYS A 55 -2.28 11.48 -6.13
CA LYS A 55 -0.85 11.68 -6.29
C LYS A 55 -0.11 11.46 -4.97
N HIS A 56 -0.70 11.97 -3.88
CA HIS A 56 -0.10 11.83 -2.56
C HIS A 56 -0.59 10.56 -1.88
N THR A 57 -1.46 9.82 -2.56
CA THR A 57 -2.00 8.58 -2.02
C THR A 57 -1.06 7.41 -2.30
N PHE A 58 -0.75 6.64 -1.25
CA PHE A 58 0.13 5.49 -1.39
C PHE A 58 -0.29 4.37 -0.44
N LEU A 59 0.35 3.21 -0.60
CA LEU A 59 0.03 2.06 0.24
C LEU A 59 1.31 1.45 0.82
N CYS A 60 1.28 1.17 2.12
CA CYS A 60 2.43 0.58 2.79
C CYS A 60 2.79 -0.77 2.19
N SER A 61 4.05 -1.16 2.34
CA SER A 61 4.52 -2.43 1.80
C SER A 61 4.36 -3.56 2.81
N LYS A 62 4.16 -3.17 4.08
CA LYS A 62 3.99 -4.15 5.15
C LYS A 62 2.83 -5.09 4.85
N HIS A 63 1.75 -4.54 4.30
CA HIS A 63 0.57 -5.32 3.95
C HIS A 63 0.88 -6.32 2.84
N PHE A 64 1.51 -5.82 1.77
CA PHE A 64 1.86 -6.66 0.64
C PHE A 64 2.58 -7.93 1.10
N GLU A 65 2.78 -8.86 0.18
CA GLU A 65 3.45 -10.11 0.49
C GLU A 65 4.96 -10.01 0.24
N ALA A 66 5.35 -8.96 -0.47
CA ALA A 66 6.76 -8.73 -0.77
C ALA A 66 7.23 -9.65 -1.89
N SER A 67 6.38 -10.60 -2.28
CA SER A 67 6.71 -11.55 -3.33
C SER A 67 6.49 -10.93 -4.70
N CYS A 68 6.06 -9.67 -4.72
CA CYS A 68 5.79 -8.96 -5.97
C CYS A 68 6.93 -8.00 -6.29
N PHE A 69 7.87 -7.88 -5.36
CA PHE A 69 9.02 -6.98 -5.54
C PHE A 69 10.07 -7.61 -6.44
N ASP A 70 10.99 -6.80 -6.93
CA ASP A 70 12.06 -7.29 -7.81
C ASP A 70 13.32 -7.57 -7.01
N LEU A 71 13.36 -8.73 -6.37
CA LEU A 71 14.52 -9.12 -5.57
C LEU A 71 15.74 -9.36 -6.45
N THR A 72 15.51 -9.56 -7.74
CA THR A 72 16.58 -9.79 -8.69
C THR A 72 16.75 -8.61 -9.64
N GLY A 73 17.99 -8.20 -9.85
CA GLY A 73 18.27 -7.08 -10.73
C GLY A 73 18.86 -5.90 -10.00
N GLN A 74 18.11 -5.36 -9.04
CA GLN A 74 18.57 -4.21 -8.27
C GLN A 74 17.61 -3.91 -7.12
N THR A 75 18.14 -3.88 -5.90
CA THR A 75 17.33 -3.60 -4.72
C THR A 75 15.98 -4.28 -4.82
N ARG A 76 15.00 -3.76 -4.07
CA ARG A 76 13.66 -4.33 -4.07
C ARG A 76 12.65 -3.31 -4.59
N ARG A 77 12.12 -3.58 -5.78
CA ARG A 77 11.14 -2.70 -6.40
C ARG A 77 9.80 -3.40 -6.57
N LEU A 78 8.73 -2.75 -6.11
CA LEU A 78 7.39 -3.32 -6.22
C LEU A 78 6.93 -3.37 -7.67
N LYS A 79 6.70 -4.58 -8.18
CA LYS A 79 6.26 -4.76 -9.55
C LYS A 79 5.05 -3.89 -9.86
N MET A 80 5.15 -3.11 -10.93
CA MET A 80 4.05 -2.23 -11.33
C MET A 80 2.80 -3.03 -11.69
N ASP A 81 2.95 -4.35 -11.74
CA ASP A 81 1.84 -5.23 -12.07
C ASP A 81 1.43 -6.07 -10.86
N ALA A 82 1.93 -5.69 -9.70
CA ALA A 82 1.62 -6.41 -8.47
C ALA A 82 0.42 -5.79 -7.76
N VAL A 83 -0.25 -6.57 -6.92
CA VAL A 83 -1.41 -6.10 -6.18
C VAL A 83 -1.46 -6.70 -4.78
N PRO A 84 -2.05 -5.96 -3.83
CA PRO A 84 -2.17 -6.40 -2.45
C PRO A 84 -3.16 -7.55 -2.29
N THR A 85 -2.64 -8.78 -2.34
CA THR A 85 -3.48 -9.97 -2.21
C THR A 85 -3.61 -10.39 -0.75
N ILE A 86 -3.97 -9.44 0.11
CA ILE A 86 -4.12 -9.72 1.54
C ILE A 86 -5.21 -8.84 2.15
N PHE A 87 -4.80 -7.70 2.69
CA PHE A 87 -5.74 -6.77 3.31
C PHE A 87 -6.56 -7.47 4.40
N ASP A 88 -5.88 -8.18 5.28
CA ASP A 88 -6.54 -8.91 6.37
C ASP A 88 -7.71 -8.08 6.92
N PHE A 89 -8.92 -8.45 6.53
CA PHE A 89 -10.11 -7.74 6.98
C PHE A 89 -11.38 -8.51 6.60
N CYS A 90 -11.73 -9.50 7.41
CA CYS A 90 -12.92 -10.30 7.16
C CYS A 90 -13.86 -10.28 8.36
N THR A 91 -13.32 -10.61 9.53
CA THR A 91 -14.12 -10.64 10.75
C THR A 91 -14.05 -9.29 11.48
N HIS A 92 -15.21 -8.74 11.80
CA HIS A 92 -15.28 -7.46 12.51
C HIS A 92 -16.56 -7.36 13.33
N ILE A 93 -16.79 -8.36 14.18
CA ILE A 93 -17.97 -8.38 15.03
C ILE A 93 -17.61 -8.74 16.47
N SER A 94 -17.43 -7.73 17.31
CA SER A 94 -17.09 -7.94 18.70
C SER A 94 -17.00 -6.60 19.45
N GLY A 95 -18.04 -6.29 20.21
CA GLY A 95 -18.05 -5.04 20.95
C GLY A 95 -19.41 -4.77 21.60
N PRO A 96 -19.49 -3.67 22.35
CA PRO A 96 -20.73 -3.27 23.04
C PRO A 96 -21.81 -2.81 22.06
N SER A 97 -21.40 -2.09 21.03
CA SER A 97 -22.33 -1.59 20.02
C SER A 97 -21.99 -2.11 18.64
N SER A 98 -22.62 -3.22 18.26
CA SER A 98 -22.38 -3.83 16.96
C SER A 98 -23.23 -3.19 15.88
N GLY A 99 -22.63 -2.91 14.73
CA GLY A 99 -23.35 -2.29 13.63
C GLY A 99 -23.87 -0.92 13.99
N GLY A 1 10.18 20.80 4.10
CA GLY A 1 8.91 21.38 4.50
C GLY A 1 8.30 22.24 3.41
N SER A 2 7.11 22.76 3.68
CA SER A 2 6.41 23.61 2.71
C SER A 2 6.05 22.81 1.46
N SER A 3 4.75 22.70 1.18
CA SER A 3 4.28 21.96 0.01
C SER A 3 4.34 22.83 -1.23
N GLY A 4 4.59 22.20 -2.37
CA GLY A 4 4.66 22.93 -3.63
C GLY A 4 3.32 23.51 -4.05
N SER A 5 2.24 22.87 -3.60
CA SER A 5 0.90 23.32 -3.92
C SER A 5 -0.07 23.05 -2.78
N SER A 6 -1.31 23.49 -2.94
CA SER A 6 -2.33 23.30 -1.91
C SER A 6 -2.70 21.83 -1.78
N GLY A 7 -2.37 21.24 -0.63
CA GLY A 7 -2.68 19.84 -0.39
C GLY A 7 -2.08 19.33 0.90
N MET A 8 -2.40 18.08 1.25
CA MET A 8 -1.89 17.48 2.47
C MET A 8 -1.89 15.96 2.36
N PRO A 9 -1.04 15.31 3.17
CA PRO A 9 -0.92 13.84 3.18
C PRO A 9 -2.15 13.16 3.76
N THR A 10 -2.61 12.12 3.08
CA THR A 10 -3.79 11.38 3.54
C THR A 10 -3.39 10.06 4.21
N ASN A 11 -2.09 9.83 4.31
CA ASN A 11 -1.58 8.62 4.94
C ASN A 11 -2.05 7.38 4.17
N CYS A 12 -1.49 6.22 4.53
CA CYS A 12 -1.85 4.97 3.90
C CYS A 12 -3.34 4.94 3.55
N ALA A 13 -3.64 4.77 2.26
CA ALA A 13 -5.02 4.72 1.80
C ALA A 13 -5.77 3.54 2.41
N ALA A 14 -5.02 2.51 2.79
CA ALA A 14 -5.61 1.32 3.39
C ALA A 14 -6.54 1.69 4.55
N ALA A 15 -7.84 1.70 4.28
CA ALA A 15 -8.82 2.04 5.31
C ALA A 15 -8.62 1.20 6.57
N GLY A 16 -8.15 1.85 7.62
CA GLY A 16 -7.91 1.15 8.88
C GLY A 16 -6.44 0.94 9.16
N CYS A 17 -5.62 1.92 8.75
CA CYS A 17 -4.18 1.84 8.96
C CYS A 17 -3.59 3.21 9.26
N ALA A 18 -3.45 4.02 8.22
CA ALA A 18 -2.91 5.37 8.37
C ALA A 18 -1.43 5.32 8.74
N THR A 19 -0.58 5.05 7.77
CA THR A 19 0.86 4.97 8.00
C THR A 19 1.62 5.82 6.99
N THR A 20 2.54 6.64 7.49
CA THR A 20 3.33 7.51 6.63
C THR A 20 4.82 7.13 6.69
N TYR A 21 5.51 7.66 7.69
CA TYR A 21 6.93 7.38 7.86
C TYR A 21 7.22 6.83 9.26
N ASN A 22 8.12 5.87 9.34
CA ASN A 22 8.48 5.26 10.61
C ASN A 22 9.95 5.52 10.94
N LYS A 23 10.28 5.52 12.23
CA LYS A 23 11.64 5.75 12.69
C LYS A 23 12.31 4.44 13.09
N HIS A 24 11.51 3.39 13.23
CA HIS A 24 12.04 2.08 13.61
C HIS A 24 11.99 1.12 12.43
N ILE A 25 10.88 1.12 11.70
CA ILE A 25 10.72 0.25 10.55
C ILE A 25 11.42 0.81 9.31
N ASN A 26 10.93 0.46 8.13
CA ASN A 26 11.51 0.94 6.88
C ASN A 26 10.56 0.71 5.72
N ILE A 27 9.28 0.64 6.02
CA ILE A 27 8.26 0.42 5.00
C ILE A 27 8.47 1.36 3.81
N SER A 28 8.27 0.83 2.60
CA SER A 28 8.44 1.62 1.38
C SER A 28 7.08 2.07 0.83
N PHE A 29 7.05 3.28 0.29
CA PHE A 29 5.82 3.83 -0.28
C PHE A 29 5.64 3.39 -1.73
N HIS A 30 4.63 2.56 -1.97
CA HIS A 30 4.36 2.07 -3.31
C HIS A 30 3.04 2.63 -3.84
N ARG A 31 3.13 3.72 -4.60
CA ARG A 31 1.94 4.36 -5.16
C ARG A 31 1.10 3.35 -5.95
N PHE A 32 0.02 3.83 -6.54
CA PHE A 32 -0.87 2.97 -7.32
C PHE A 32 -0.30 2.71 -8.71
N PRO A 33 -0.68 1.56 -9.30
CA PRO A 33 -0.22 1.17 -10.63
C PRO A 33 -0.80 2.05 -11.73
N LEU A 34 -0.04 2.23 -12.80
CA LEU A 34 -0.49 3.05 -13.92
C LEU A 34 -1.39 2.24 -14.86
N ASP A 35 -1.45 0.93 -14.64
CA ASP A 35 -2.27 0.05 -15.45
C ASP A 35 -3.69 0.01 -14.94
N PRO A 36 -4.66 -0.11 -15.87
CA PRO A 36 -6.08 -0.17 -15.52
C PRO A 36 -6.46 -1.48 -14.83
N LYS A 37 -5.75 -2.54 -15.17
CA LYS A 37 -6.02 -3.85 -14.58
C LYS A 37 -5.70 -3.84 -13.08
N ARG A 38 -4.59 -3.21 -12.72
CA ARG A 38 -4.18 -3.12 -11.32
C ARG A 38 -4.81 -1.91 -10.64
N ARG A 39 -4.70 -0.76 -11.28
CA ARG A 39 -5.26 0.47 -10.74
C ARG A 39 -6.61 0.22 -10.07
N LYS A 40 -7.49 -0.47 -10.78
CA LYS A 40 -8.81 -0.79 -10.26
C LYS A 40 -8.72 -1.74 -9.07
N GLU A 41 -7.75 -2.65 -9.12
CA GLU A 41 -7.55 -3.61 -8.04
C GLU A 41 -7.11 -2.91 -6.76
N TRP A 42 -5.95 -2.27 -6.81
CA TRP A 42 -5.42 -1.56 -5.65
C TRP A 42 -6.53 -0.83 -4.90
N VAL A 43 -7.48 -0.28 -5.65
CA VAL A 43 -8.60 0.44 -5.07
C VAL A 43 -9.74 -0.50 -4.70
N ARG A 44 -9.90 -1.57 -5.48
CA ARG A 44 -10.95 -2.55 -5.23
C ARG A 44 -10.61 -3.40 -4.01
N LEU A 45 -9.34 -3.44 -3.65
CA LEU A 45 -8.88 -4.22 -2.50
C LEU A 45 -8.96 -3.40 -1.22
N VAL A 46 -8.36 -2.21 -1.25
CA VAL A 46 -8.36 -1.32 -0.09
C VAL A 46 -9.77 -1.12 0.44
N ARG A 47 -10.76 -1.39 -0.39
CA ARG A 47 -12.16 -1.24 -0.01
C ARG A 47 -12.48 0.22 0.30
N ARG A 48 -12.48 1.05 -0.74
CA ARG A 48 -12.78 2.47 -0.58
C ARG A 48 -13.66 2.97 -1.72
N LYS A 49 -14.97 2.99 -1.47
CA LYS A 49 -15.92 3.45 -2.47
C LYS A 49 -15.89 4.97 -2.60
N ASN A 50 -16.08 5.46 -3.83
CA ASN A 50 -16.06 6.89 -4.10
C ASN A 50 -14.66 7.46 -3.93
N PHE A 51 -13.65 6.64 -4.23
CA PHE A 51 -12.27 7.07 -4.11
C PHE A 51 -11.48 6.70 -5.37
N VAL A 52 -10.64 7.62 -5.82
CA VAL A 52 -9.82 7.39 -7.01
C VAL A 52 -8.36 7.78 -6.76
N PRO A 53 -7.44 7.00 -7.37
CA PRO A 53 -6.00 7.25 -7.23
C PRO A 53 -5.56 8.52 -7.94
N GLY A 54 -4.54 9.18 -7.38
CA GLY A 54 -4.03 10.40 -7.97
C GLY A 54 -2.63 10.74 -7.50
N LYS A 55 -2.53 11.61 -6.51
CA LYS A 55 -1.25 12.02 -5.97
C LYS A 55 -1.18 11.75 -4.46
N HIS A 56 0.01 11.37 -3.99
CA HIS A 56 0.21 11.08 -2.57
C HIS A 56 -0.31 9.70 -2.23
N THR A 57 -1.58 9.44 -2.55
CA THR A 57 -2.20 8.15 -2.27
C THR A 57 -1.20 7.01 -2.45
N PHE A 58 -0.89 6.31 -1.36
CA PHE A 58 0.05 5.20 -1.40
C PHE A 58 -0.38 4.09 -0.44
N LEU A 59 0.28 2.95 -0.54
CA LEU A 59 -0.02 1.82 0.34
C LEU A 59 1.25 1.23 0.94
N CYS A 60 1.16 0.77 2.17
CA CYS A 60 2.31 0.19 2.87
C CYS A 60 2.71 -1.14 2.22
N SER A 61 3.99 -1.47 2.33
CA SER A 61 4.51 -2.71 1.76
C SER A 61 4.30 -3.88 2.71
N LYS A 62 4.06 -3.57 3.98
CA LYS A 62 3.85 -4.59 5.00
C LYS A 62 2.69 -5.50 4.61
N HIS A 63 1.64 -4.91 4.04
CA HIS A 63 0.47 -5.68 3.62
C HIS A 63 0.83 -6.65 2.50
N PHE A 64 1.54 -6.14 1.49
CA PHE A 64 1.95 -6.96 0.36
C PHE A 64 2.69 -8.21 0.82
N GLU A 65 2.86 -9.17 -0.08
CA GLU A 65 3.55 -10.41 0.24
C GLU A 65 5.07 -10.23 0.10
N ALA A 66 5.47 -9.16 -0.56
CA ALA A 66 6.88 -8.88 -0.77
C ALA A 66 7.45 -9.72 -1.90
N SER A 67 6.69 -10.71 -2.34
CA SER A 67 7.12 -11.60 -3.41
C SER A 67 6.89 -10.95 -4.77
N CYS A 68 6.36 -9.73 -4.76
CA CYS A 68 6.10 -9.00 -6.00
C CYS A 68 7.18 -7.94 -6.24
N PHE A 69 8.08 -7.80 -5.29
CA PHE A 69 9.17 -6.83 -5.40
C PHE A 69 10.29 -7.36 -6.30
N ASP A 70 11.19 -6.47 -6.69
CA ASP A 70 12.30 -6.84 -7.55
C ASP A 70 13.57 -7.09 -6.73
N LEU A 71 13.73 -8.31 -6.27
CA LEU A 71 14.90 -8.68 -5.46
C LEU A 71 16.17 -8.62 -6.29
N THR A 72 16.02 -8.68 -7.61
CA THR A 72 17.16 -8.62 -8.52
C THR A 72 17.29 -7.24 -9.15
N GLY A 73 18.06 -7.15 -10.23
CA GLY A 73 18.26 -5.89 -10.91
C GLY A 73 19.11 -4.93 -10.10
N GLN A 74 18.46 -4.14 -9.24
CA GLN A 74 19.17 -3.18 -8.41
C GLN A 74 18.72 -3.28 -6.95
N THR A 75 17.48 -2.88 -6.70
CA THR A 75 16.93 -2.92 -5.34
C THR A 75 15.52 -3.51 -5.34
N ARG A 76 15.02 -3.83 -4.15
CA ARG A 76 13.68 -4.39 -4.01
C ARG A 76 12.62 -3.38 -4.42
N ARG A 77 12.14 -3.49 -5.66
CA ARG A 77 11.12 -2.58 -6.16
C ARG A 77 9.82 -3.33 -6.42
N LEU A 78 8.72 -2.78 -5.90
CA LEU A 78 7.40 -3.39 -6.07
C LEU A 78 7.02 -3.45 -7.55
N LYS A 79 6.80 -4.66 -8.06
CA LYS A 79 6.43 -4.84 -9.45
C LYS A 79 5.17 -4.04 -9.79
N MET A 80 5.30 -3.12 -10.74
CA MET A 80 4.17 -2.29 -11.15
C MET A 80 2.97 -3.15 -11.53
N ASP A 81 3.22 -4.44 -11.76
CA ASP A 81 2.16 -5.36 -12.12
C ASP A 81 1.72 -6.18 -10.91
N ALA A 82 1.98 -5.66 -9.72
CA ALA A 82 1.62 -6.34 -8.49
C ALA A 82 0.46 -5.64 -7.79
N VAL A 83 -0.36 -6.40 -7.08
CA VAL A 83 -1.50 -5.84 -6.36
C VAL A 83 -1.56 -6.37 -4.93
N PRO A 84 -2.15 -5.57 -4.03
CA PRO A 84 -2.29 -5.93 -2.62
C PRO A 84 -3.29 -7.06 -2.40
N THR A 85 -2.93 -8.26 -2.85
CA THR A 85 -3.79 -9.43 -2.70
C THR A 85 -3.68 -10.03 -1.31
N ILE A 86 -3.62 -9.17 -0.30
CA ILE A 86 -3.51 -9.62 1.08
C ILE A 86 -4.38 -8.77 2.01
N PHE A 87 -3.87 -7.61 2.39
CA PHE A 87 -4.60 -6.71 3.27
C PHE A 87 -4.96 -7.40 4.58
N ASP A 88 -6.11 -8.07 4.59
CA ASP A 88 -6.57 -8.78 5.78
C ASP A 88 -6.04 -10.20 5.80
N PHE A 89 -6.15 -10.85 6.96
CA PHE A 89 -5.68 -12.22 7.12
C PHE A 89 -6.04 -12.77 8.49
N CYS A 90 -5.44 -12.20 9.53
CA CYS A 90 -5.70 -12.63 10.90
C CYS A 90 -6.51 -11.59 11.65
N THR A 91 -7.82 -11.57 11.39
CA THR A 91 -8.71 -10.61 12.05
C THR A 91 -9.90 -11.32 12.69
N HIS A 92 -10.79 -10.54 13.29
CA HIS A 92 -11.98 -11.10 13.95
C HIS A 92 -13.23 -10.76 13.16
N ILE A 93 -14.39 -11.13 13.72
CA ILE A 93 -15.67 -10.86 13.07
C ILE A 93 -15.95 -9.36 12.99
N SER A 94 -15.74 -8.66 14.10
CA SER A 94 -15.97 -7.23 14.17
C SER A 94 -17.24 -6.85 13.40
N GLY A 95 -18.37 -7.43 13.81
CA GLY A 95 -19.63 -7.14 13.16
C GLY A 95 -20.82 -7.54 14.00
N PRO A 96 -20.84 -7.08 15.25
CA PRO A 96 -21.93 -7.39 16.20
C PRO A 96 -23.23 -6.68 15.82
N SER A 97 -24.35 -7.33 16.12
CA SER A 97 -25.66 -6.77 15.81
C SER A 97 -25.95 -6.87 14.32
N SER A 98 -25.02 -7.46 13.57
CA SER A 98 -25.17 -7.62 12.14
C SER A 98 -24.80 -6.33 11.41
N GLY A 99 -23.77 -5.65 11.90
CA GLY A 99 -23.34 -4.41 11.29
C GLY A 99 -24.50 -3.56 10.81
N GLY A 1 25.10 9.06 7.49
CA GLY A 1 24.18 9.90 8.23
C GLY A 1 22.75 9.37 8.17
N SER A 2 22.59 8.08 8.42
CA SER A 2 21.27 7.45 8.39
C SER A 2 20.48 7.92 7.17
N SER A 3 19.19 7.59 7.15
CA SER A 3 18.31 7.98 6.06
C SER A 3 16.87 8.09 6.53
N GLY A 4 16.43 9.33 6.78
CA GLY A 4 15.08 9.55 7.23
C GLY A 4 14.43 10.74 6.56
N SER A 5 14.17 10.62 5.27
CA SER A 5 13.55 11.69 4.50
C SER A 5 12.66 11.14 3.40
N SER A 6 11.35 11.27 3.58
CA SER A 6 10.39 10.78 2.60
C SER A 6 9.91 11.91 1.69
N GLY A 7 9.68 13.08 2.28
CA GLY A 7 9.23 14.22 1.51
C GLY A 7 7.89 14.75 1.98
N MET A 8 6.92 14.76 1.07
CA MET A 8 5.58 15.25 1.41
C MET A 8 4.91 14.33 2.44
N PRO A 9 4.05 14.93 3.29
CA PRO A 9 3.34 14.20 4.32
C PRO A 9 2.28 13.26 3.76
N THR A 10 2.69 12.04 3.40
CA THR A 10 1.78 11.06 2.85
C THR A 10 1.35 10.04 3.90
N ASN A 11 0.20 9.41 3.67
CA ASN A 11 -0.32 8.42 4.60
C ASN A 11 -0.85 7.20 3.86
N CYS A 12 -1.25 6.18 4.62
CA CYS A 12 -1.78 4.96 4.02
C CYS A 12 -3.25 5.12 3.63
N ALA A 13 -3.52 4.95 2.35
CA ALA A 13 -4.89 5.08 1.84
C ALA A 13 -5.79 3.98 2.39
N ALA A 14 -5.18 2.85 2.73
CA ALA A 14 -5.94 1.72 3.28
C ALA A 14 -6.73 2.14 4.51
N ALA A 15 -8.04 1.89 4.47
CA ALA A 15 -8.91 2.24 5.58
C ALA A 15 -8.54 1.45 6.84
N GLY A 16 -8.35 2.16 7.94
CA GLY A 16 -7.99 1.51 9.20
C GLY A 16 -6.50 1.52 9.45
N CYS A 17 -5.73 1.78 8.40
CA CYS A 17 -4.27 1.81 8.51
C CYS A 17 -3.74 3.23 8.33
N ALA A 18 -3.14 3.77 9.39
CA ALA A 18 -2.58 5.12 9.35
C ALA A 18 -1.07 5.10 9.52
N THR A 19 -0.37 4.74 8.44
CA THR A 19 1.08 4.67 8.47
C THR A 19 1.70 6.00 8.01
N THR A 20 2.67 6.48 8.78
CA THR A 20 3.34 7.73 8.46
C THR A 20 4.78 7.73 8.94
N TYR A 21 4.99 8.18 10.18
CA TYR A 21 6.32 8.22 10.76
C TYR A 21 6.51 7.12 11.79
N ASN A 22 5.66 7.11 12.81
CA ASN A 22 5.73 6.10 13.86
C ASN A 22 7.05 6.20 14.62
N LYS A 23 7.78 7.28 14.40
CA LYS A 23 9.05 7.49 15.06
C LYS A 23 9.80 6.18 15.25
N HIS A 24 9.62 5.26 14.29
CA HIS A 24 10.28 3.96 14.36
C HIS A 24 10.09 3.21 13.05
N ILE A 25 8.86 3.12 12.57
CA ILE A 25 8.55 2.44 11.33
C ILE A 25 9.25 3.09 10.15
N ASN A 26 9.83 2.28 9.27
CA ASN A 26 10.52 2.78 8.09
C ASN A 26 9.88 2.27 6.82
N ILE A 27 8.70 1.66 6.95
CA ILE A 27 7.99 1.11 5.81
C ILE A 27 8.19 1.98 4.57
N SER A 28 8.16 1.34 3.40
CA SER A 28 8.35 2.05 2.14
C SER A 28 7.03 2.61 1.63
N PHE A 29 7.10 3.40 0.56
CA PHE A 29 5.91 4.01 -0.02
C PHE A 29 5.81 3.67 -1.51
N HIS A 30 4.85 2.80 -1.83
CA HIS A 30 4.64 2.39 -3.22
C HIS A 30 3.27 2.86 -3.73
N ARG A 31 3.29 3.90 -4.56
CA ARG A 31 2.05 4.44 -5.11
C ARG A 31 1.25 3.36 -5.83
N PHE A 32 0.16 3.76 -6.47
CA PHE A 32 -0.69 2.83 -7.19
C PHE A 32 -0.11 2.51 -8.56
N PRO A 33 -0.48 1.33 -9.10
CA PRO A 33 0.00 0.88 -10.41
C PRO A 33 -0.58 1.70 -11.55
N LEU A 34 0.26 2.03 -12.53
CA LEU A 34 -0.18 2.81 -13.68
C LEU A 34 -1.06 1.97 -14.60
N ASP A 35 -1.01 0.66 -14.42
CA ASP A 35 -1.81 -0.25 -15.23
C ASP A 35 -3.26 -0.26 -14.77
N PRO A 36 -4.19 -0.39 -15.73
CA PRO A 36 -5.62 -0.43 -15.44
C PRO A 36 -6.06 -1.71 -14.73
N LYS A 37 -5.39 -2.81 -15.07
CA LYS A 37 -5.69 -4.10 -14.46
C LYS A 37 -5.46 -4.06 -12.95
N ARG A 38 -4.35 -3.44 -12.54
CA ARG A 38 -4.02 -3.34 -11.13
C ARG A 38 -4.66 -2.10 -10.51
N ARG A 39 -4.47 -0.96 -11.17
CA ARG A 39 -5.01 0.31 -10.69
C ARG A 39 -6.39 0.09 -10.06
N LYS A 40 -7.29 -0.53 -10.81
CA LYS A 40 -8.64 -0.80 -10.33
C LYS A 40 -8.61 -1.78 -9.16
N GLU A 41 -7.76 -2.79 -9.26
CA GLU A 41 -7.64 -3.80 -8.21
C GLU A 41 -7.27 -3.15 -6.88
N TRP A 42 -6.20 -2.37 -6.87
CA TRP A 42 -5.75 -1.70 -5.67
C TRP A 42 -6.88 -0.91 -5.02
N VAL A 43 -7.65 -0.20 -5.84
CA VAL A 43 -8.77 0.58 -5.35
C VAL A 43 -9.96 -0.30 -5.00
N ARG A 44 -10.06 -1.44 -5.67
CA ARG A 44 -11.15 -2.38 -5.43
C ARG A 44 -10.88 -3.22 -4.18
N LEU A 45 -9.61 -3.34 -3.82
CA LEU A 45 -9.21 -4.12 -2.65
C LEU A 45 -9.24 -3.25 -1.40
N VAL A 46 -8.78 -2.01 -1.53
CA VAL A 46 -8.74 -1.08 -0.40
C VAL A 46 -10.15 -0.64 -0.03
N ARG A 47 -11.10 -0.84 -0.94
CA ARG A 47 -12.49 -0.46 -0.70
C ARG A 47 -12.57 0.83 0.10
N ARG A 48 -12.49 1.96 -0.59
CA ARG A 48 -12.55 3.26 0.07
C ARG A 48 -13.27 4.29 -0.82
N LYS A 49 -14.57 4.40 -0.63
CA LYS A 49 -15.38 5.34 -1.41
C LYS A 49 -15.06 5.23 -2.89
N ASN A 50 -14.74 4.02 -3.33
CA ASN A 50 -14.40 3.77 -4.73
C ASN A 50 -13.58 4.92 -5.31
N PHE A 51 -12.78 5.55 -4.45
CA PHE A 51 -11.94 6.67 -4.87
C PHE A 51 -11.06 6.27 -6.05
N VAL A 52 -10.15 7.16 -6.43
CA VAL A 52 -9.25 6.90 -7.54
C VAL A 52 -7.83 7.38 -7.24
N PRO A 53 -6.84 6.65 -7.74
CA PRO A 53 -5.42 6.99 -7.54
C PRO A 53 -5.02 8.25 -8.28
N GLY A 54 -3.71 8.46 -8.42
CA GLY A 54 -3.21 9.62 -9.12
C GLY A 54 -2.88 10.77 -8.17
N LYS A 55 -2.22 10.45 -7.07
CA LYS A 55 -1.85 11.45 -6.08
C LYS A 55 -1.06 10.83 -4.93
N HIS A 56 -0.78 11.63 -3.91
CA HIS A 56 -0.03 11.15 -2.75
C HIS A 56 -0.48 9.74 -2.36
N THR A 57 -1.74 9.42 -2.66
CA THR A 57 -2.28 8.10 -2.34
C THR A 57 -1.22 7.01 -2.50
N PHE A 58 -0.96 6.28 -1.43
CA PHE A 58 0.03 5.21 -1.46
C PHE A 58 -0.38 4.07 -0.53
N LEU A 59 0.34 2.95 -0.61
CA LEU A 59 0.06 1.80 0.22
C LEU A 59 1.34 1.22 0.83
N CYS A 60 1.27 0.86 2.10
CA CYS A 60 2.43 0.31 2.81
C CYS A 60 2.97 -0.90 2.07
N SER A 61 4.20 -1.28 2.40
CA SER A 61 4.85 -2.43 1.77
C SER A 61 4.50 -3.73 2.50
N LYS A 62 3.86 -3.59 3.66
CA LYS A 62 3.47 -4.74 4.45
C LYS A 62 2.33 -5.49 3.79
N HIS A 63 1.36 -4.75 3.26
CA HIS A 63 0.21 -5.35 2.59
C HIS A 63 0.66 -6.27 1.46
N PHE A 64 1.78 -5.94 0.84
CA PHE A 64 2.32 -6.73 -0.27
C PHE A 64 3.34 -7.74 0.24
N GLU A 65 3.58 -8.77 -0.56
CA GLU A 65 4.53 -9.81 -0.20
C GLU A 65 5.88 -9.59 -0.88
N ALA A 66 6.72 -10.61 -0.87
CA ALA A 66 8.04 -10.53 -1.49
C ALA A 66 7.97 -10.80 -2.98
N SER A 67 6.94 -11.55 -3.39
CA SER A 67 6.76 -11.89 -4.79
C SER A 67 6.14 -10.72 -5.56
N CYS A 68 5.85 -9.64 -4.84
CA CYS A 68 5.25 -8.46 -5.45
C CYS A 68 6.31 -7.39 -5.70
N PHE A 69 7.52 -7.63 -5.21
CA PHE A 69 8.62 -6.68 -5.38
C PHE A 69 9.65 -7.21 -6.36
N ASP A 70 10.68 -6.42 -6.61
CA ASP A 70 11.75 -6.81 -7.54
C ASP A 70 13.11 -6.77 -6.85
N LEU A 71 13.45 -7.87 -6.18
CA LEU A 71 14.73 -7.97 -5.48
C LEU A 71 15.72 -8.81 -6.27
N THR A 72 15.20 -9.77 -7.04
CA THR A 72 16.04 -10.64 -7.85
C THR A 72 17.13 -9.85 -8.56
N GLY A 73 16.88 -8.57 -8.79
CA GLY A 73 17.85 -7.73 -9.46
C GLY A 73 18.62 -6.85 -8.49
N GLN A 74 17.97 -5.80 -8.01
CA GLN A 74 18.60 -4.87 -7.08
C GLN A 74 17.54 -4.16 -6.23
N THR A 75 17.83 -4.00 -4.94
CA THR A 75 16.92 -3.33 -4.03
C THR A 75 15.50 -3.90 -4.15
N ARG A 76 14.60 -3.39 -3.34
CA ARG A 76 13.21 -3.85 -3.36
C ARG A 76 12.31 -2.84 -4.07
N ARG A 77 11.71 -3.27 -5.17
CA ARG A 77 10.83 -2.41 -5.95
C ARG A 77 9.48 -3.10 -6.21
N LEU A 78 8.40 -2.42 -5.86
CA LEU A 78 7.07 -2.96 -6.07
C LEU A 78 6.72 -3.05 -7.54
N LYS A 79 6.60 -4.27 -8.06
CA LYS A 79 6.28 -4.50 -9.46
C LYS A 79 4.98 -3.78 -9.84
N MET A 80 4.97 -3.18 -11.03
CA MET A 80 3.80 -2.46 -11.50
C MET A 80 2.63 -3.42 -11.71
N ASP A 81 2.91 -4.72 -11.64
CA ASP A 81 1.88 -5.74 -11.82
C ASP A 81 1.62 -6.48 -10.52
N ALA A 82 1.90 -5.82 -9.40
CA ALA A 82 1.69 -6.42 -8.08
C ALA A 82 0.47 -5.83 -7.39
N VAL A 83 -0.37 -6.69 -6.84
CA VAL A 83 -1.57 -6.25 -6.16
C VAL A 83 -1.59 -6.75 -4.71
N PRO A 84 -2.26 -5.99 -3.83
CA PRO A 84 -2.37 -6.35 -2.41
C PRO A 84 -3.26 -7.57 -2.18
N THR A 85 -2.64 -8.74 -2.17
CA THR A 85 -3.38 -9.98 -1.96
C THR A 85 -3.49 -10.32 -0.47
N ILE A 86 -2.73 -9.59 0.34
CA ILE A 86 -2.74 -9.82 1.79
C ILE A 86 -3.79 -8.95 2.46
N PHE A 87 -3.56 -7.63 2.45
CA PHE A 87 -4.49 -6.69 3.06
C PHE A 87 -5.03 -7.24 4.39
N ASP A 88 -4.27 -7.03 5.46
CA ASP A 88 -4.67 -7.50 6.78
C ASP A 88 -5.90 -6.74 7.27
N PHE A 89 -5.91 -5.43 7.06
CA PHE A 89 -7.02 -4.59 7.49
C PHE A 89 -6.99 -4.38 9.01
N CYS A 90 -7.23 -5.45 9.75
CA CYS A 90 -7.24 -5.38 11.21
C CYS A 90 -6.60 -6.63 11.81
N THR A 91 -6.69 -6.75 13.14
CA THR A 91 -6.12 -7.90 13.84
C THR A 91 -6.99 -9.13 13.67
N HIS A 92 -6.73 -10.15 14.49
CA HIS A 92 -7.50 -11.39 14.44
C HIS A 92 -8.64 -11.36 15.45
N ILE A 93 -9.68 -10.57 15.16
CA ILE A 93 -10.83 -10.46 16.04
C ILE A 93 -10.40 -10.52 17.51
N SER A 94 -9.28 -9.85 17.82
CA SER A 94 -8.76 -9.83 19.18
C SER A 94 -8.61 -11.24 19.73
N GLY A 95 -7.36 -11.70 19.80
CA GLY A 95 -7.09 -13.04 20.31
C GLY A 95 -6.79 -13.04 21.81
N PRO A 96 -6.35 -14.19 22.32
CA PRO A 96 -6.01 -14.35 23.73
C PRO A 96 -4.77 -13.57 24.14
N SER A 97 -4.71 -13.16 25.40
CA SER A 97 -3.58 -12.40 25.90
C SER A 97 -3.52 -12.46 27.43
N SER A 98 -4.26 -11.57 28.08
CA SER A 98 -4.29 -11.52 29.54
C SER A 98 -4.89 -12.80 30.12
N GLY A 99 -6.13 -13.10 29.74
CA GLY A 99 -6.80 -14.29 30.23
C GLY A 99 -8.00 -14.66 29.39
N GLY A 1 12.83 -0.74 4.62
CA GLY A 1 13.89 0.25 4.75
C GLY A 1 13.91 1.22 3.59
N SER A 2 14.25 2.47 3.88
CA SER A 2 14.30 3.51 2.85
C SER A 2 15.68 4.15 2.80
N SER A 3 16.29 4.34 3.97
CA SER A 3 17.61 4.94 4.06
C SER A 3 17.73 6.12 3.10
N GLY A 4 16.69 6.95 3.04
CA GLY A 4 16.71 8.10 2.16
C GLY A 4 16.21 9.35 2.85
N SER A 5 15.31 10.09 2.18
CA SER A 5 14.77 11.32 2.74
C SER A 5 13.30 11.48 2.36
N SER A 6 12.42 11.21 3.32
CA SER A 6 10.98 11.31 3.11
C SER A 6 10.32 12.07 4.25
N GLY A 7 10.12 13.37 4.05
CA GLY A 7 9.49 14.19 5.06
C GLY A 7 8.33 15.01 4.52
N MET A 8 7.49 14.38 3.71
CA MET A 8 6.34 15.05 3.12
C MET A 8 5.03 14.47 3.65
N PRO A 9 3.94 15.24 3.52
CA PRO A 9 2.62 14.82 3.98
C PRO A 9 2.04 13.68 3.13
N THR A 10 2.12 12.47 3.65
CA THR A 10 1.61 11.30 2.95
C THR A 10 1.09 10.25 3.92
N ASN A 11 -0.08 9.70 3.62
CA ASN A 11 -0.69 8.68 4.46
C ASN A 11 -1.18 7.50 3.63
N CYS A 12 -1.21 6.32 4.25
CA CYS A 12 -1.66 5.11 3.57
C CYS A 12 -3.16 5.20 3.24
N ALA A 13 -3.49 4.92 1.99
CA ALA A 13 -4.88 4.96 1.54
C ALA A 13 -5.69 3.84 2.19
N ALA A 14 -5.03 2.71 2.45
CA ALA A 14 -5.70 1.57 3.06
C ALA A 14 -6.74 2.02 4.08
N ALA A 15 -7.89 1.36 4.08
CA ALA A 15 -8.97 1.69 5.01
C ALA A 15 -8.50 1.55 6.46
N GLY A 16 -8.33 2.70 7.13
CA GLY A 16 -7.90 2.68 8.51
C GLY A 16 -6.52 2.04 8.68
N CYS A 17 -5.49 2.76 8.25
CA CYS A 17 -4.12 2.26 8.35
C CYS A 17 -3.14 3.41 8.54
N ALA A 18 -3.04 4.27 7.52
CA ALA A 18 -2.14 5.42 7.58
C ALA A 18 -0.68 4.97 7.68
N THR A 19 -0.23 4.74 8.91
CA THR A 19 1.15 4.32 9.15
C THR A 19 2.10 5.51 9.16
N THR A 20 1.55 6.71 9.09
CA THR A 20 2.35 7.93 9.10
C THR A 20 3.46 7.85 10.13
N TYR A 21 3.09 8.00 11.40
CA TYR A 21 4.07 7.95 12.49
C TYR A 21 3.84 6.71 13.36
N ASN A 22 4.93 6.01 13.68
CA ASN A 22 4.85 4.81 14.50
C ASN A 22 6.05 4.73 15.44
N LYS A 23 6.73 5.86 15.64
CA LYS A 23 7.89 5.91 16.52
C LYS A 23 9.13 5.38 15.81
N HIS A 24 9.17 4.07 15.60
CA HIS A 24 10.31 3.43 14.95
C HIS A 24 9.83 2.54 13.80
N ILE A 25 9.75 3.11 12.61
CA ILE A 25 9.31 2.37 11.43
C ILE A 25 10.03 2.85 10.17
N ASN A 26 10.29 1.93 9.25
CA ASN A 26 10.97 2.26 8.01
C ASN A 26 10.23 1.66 6.81
N ILE A 27 8.92 1.86 6.76
CA ILE A 27 8.11 1.33 5.67
C ILE A 27 8.22 2.21 4.43
N SER A 28 8.30 1.57 3.27
CA SER A 28 8.40 2.30 2.01
C SER A 28 7.05 2.82 1.55
N PHE A 29 7.04 3.54 0.45
CA PHE A 29 5.80 4.10 -0.10
C PHE A 29 5.63 3.72 -1.57
N HIS A 30 4.69 2.82 -1.84
CA HIS A 30 4.42 2.37 -3.20
C HIS A 30 3.03 2.81 -3.66
N ARG A 31 2.97 3.93 -4.38
CA ARG A 31 1.70 4.44 -4.88
C ARG A 31 0.96 3.38 -5.69
N PHE A 32 -0.22 3.74 -6.18
CA PHE A 32 -1.04 2.83 -6.97
C PHE A 32 -0.37 2.54 -8.31
N PRO A 33 -0.72 1.39 -8.91
CA PRO A 33 -0.18 0.97 -10.21
C PRO A 33 -0.67 1.84 -11.35
N LEU A 34 0.22 2.15 -12.28
CA LEU A 34 -0.12 2.98 -13.44
C LEU A 34 -0.96 2.20 -14.44
N ASP A 35 -1.04 0.89 -14.24
CA ASP A 35 -1.81 0.02 -15.12
C ASP A 35 -3.28 -0.01 -14.70
N PRO A 36 -4.18 -0.13 -15.69
CA PRO A 36 -5.62 -0.19 -15.43
C PRO A 36 -6.05 -1.49 -14.76
N LYS A 37 -5.46 -2.59 -15.19
CA LYS A 37 -5.77 -3.90 -14.63
C LYS A 37 -5.55 -3.91 -13.12
N ARG A 38 -4.44 -3.33 -12.69
CA ARG A 38 -4.11 -3.27 -11.27
C ARG A 38 -4.79 -2.07 -10.60
N ARG A 39 -4.63 -0.91 -11.21
CA ARG A 39 -5.22 0.32 -10.67
C ARG A 39 -6.61 0.04 -10.10
N LYS A 40 -7.46 -0.58 -10.91
CA LYS A 40 -8.82 -0.91 -10.49
C LYS A 40 -8.81 -1.89 -9.33
N GLU A 41 -7.91 -2.87 -9.40
CA GLU A 41 -7.79 -3.88 -8.35
C GLU A 41 -7.48 -3.24 -7.00
N TRP A 42 -6.35 -2.53 -6.94
CA TRP A 42 -5.94 -1.87 -5.71
C TRP A 42 -7.11 -1.14 -5.06
N VAL A 43 -7.76 -0.28 -5.82
CA VAL A 43 -8.90 0.48 -5.33
C VAL A 43 -10.05 -0.45 -4.93
N ARG A 44 -10.07 -1.64 -5.51
CA ARG A 44 -11.10 -2.62 -5.21
C ARG A 44 -10.69 -3.52 -4.06
N LEU A 45 -9.38 -3.57 -3.79
CA LEU A 45 -8.86 -4.40 -2.71
C LEU A 45 -8.83 -3.63 -1.40
N VAL A 46 -8.42 -2.36 -1.48
CA VAL A 46 -8.36 -1.51 -0.30
C VAL A 46 -9.73 -1.34 0.34
N ARG A 47 -10.77 -1.40 -0.48
CA ARG A 47 -12.14 -1.24 -0.01
C ARG A 47 -12.39 0.18 0.47
N ARG A 48 -12.75 1.06 -0.46
CA ARG A 48 -13.03 2.45 -0.14
C ARG A 48 -14.16 2.99 -0.99
N LYS A 49 -14.84 4.03 -0.49
CA LYS A 49 -15.95 4.64 -1.20
C LYS A 49 -15.48 5.87 -1.98
N ASN A 50 -15.78 5.88 -3.28
CA ASN A 50 -15.39 7.00 -4.13
C ASN A 50 -13.93 7.36 -3.94
N PHE A 51 -13.09 6.34 -3.72
CA PHE A 51 -11.66 6.55 -3.52
C PHE A 51 -10.88 6.24 -4.79
N VAL A 52 -9.70 6.84 -4.91
CA VAL A 52 -8.85 6.63 -6.08
C VAL A 52 -7.51 7.35 -5.93
N PRO A 53 -6.45 6.74 -6.45
CA PRO A 53 -5.09 7.30 -6.38
C PRO A 53 -4.94 8.54 -7.26
N GLY A 54 -4.73 9.69 -6.63
CA GLY A 54 -4.57 10.93 -7.38
C GLY A 54 -3.41 11.76 -6.89
N LYS A 55 -3.22 11.78 -5.57
CA LYS A 55 -2.13 12.55 -4.97
C LYS A 55 -2.00 12.22 -3.48
N HIS A 56 -0.80 11.82 -3.07
CA HIS A 56 -0.53 11.48 -1.68
C HIS A 56 -1.07 10.10 -1.35
N THR A 57 -1.69 9.46 -2.34
CA THR A 57 -2.25 8.12 -2.16
C THR A 57 -1.19 7.05 -2.32
N PHE A 58 -0.91 6.32 -1.24
CA PHE A 58 0.09 5.26 -1.26
C PHE A 58 -0.29 4.13 -0.31
N LEU A 59 0.34 2.98 -0.48
CA LEU A 59 0.07 1.81 0.36
C LEU A 59 1.36 1.27 0.97
N CYS A 60 1.30 0.92 2.25
CA CYS A 60 2.46 0.38 2.95
C CYS A 60 3.01 -0.85 2.22
N SER A 61 4.20 -1.28 2.62
CA SER A 61 4.84 -2.43 2.02
C SER A 61 4.59 -3.69 2.84
N LYS A 62 4.19 -3.50 4.09
CA LYS A 62 3.91 -4.61 4.99
C LYS A 62 2.77 -5.48 4.45
N HIS A 63 1.89 -4.87 3.67
CA HIS A 63 0.75 -5.58 3.09
C HIS A 63 1.23 -6.65 2.11
N PHE A 64 1.94 -6.21 1.08
CA PHE A 64 2.45 -7.13 0.06
C PHE A 64 3.49 -8.08 0.67
N GLU A 65 3.59 -9.28 0.10
CA GLU A 65 4.54 -10.28 0.58
C GLU A 65 5.96 -9.94 0.13
N ALA A 66 6.39 -10.58 -0.96
CA ALA A 66 7.72 -10.35 -1.49
C ALA A 66 7.75 -10.55 -3.00
N SER A 67 7.01 -11.55 -3.48
CA SER A 67 6.96 -11.85 -4.90
C SER A 67 6.31 -10.70 -5.68
N CYS A 68 5.73 -9.76 -4.94
CA CYS A 68 5.08 -8.60 -5.56
C CYS A 68 6.08 -7.47 -5.78
N PHE A 69 7.33 -7.71 -5.39
CA PHE A 69 8.37 -6.70 -5.55
C PHE A 69 9.43 -7.18 -6.54
N ASP A 70 10.45 -6.34 -6.74
CA ASP A 70 11.53 -6.67 -7.68
C ASP A 70 12.78 -7.11 -6.93
N LEU A 71 12.75 -8.34 -6.42
CA LEU A 71 13.89 -8.88 -5.68
C LEU A 71 14.95 -9.42 -6.63
N THR A 72 14.52 -9.97 -7.76
CA THR A 72 15.43 -10.52 -8.75
C THR A 72 15.87 -9.45 -9.74
N GLY A 73 16.50 -8.39 -9.23
CA GLY A 73 16.96 -7.32 -10.07
C GLY A 73 17.72 -6.25 -9.31
N GLN A 74 17.11 -5.74 -8.26
CA GLN A 74 17.74 -4.71 -7.43
C GLN A 74 16.80 -4.23 -6.33
N THR A 75 17.30 -4.18 -5.11
CA THR A 75 16.50 -3.74 -3.97
C THR A 75 15.09 -4.34 -4.02
N ARG A 76 14.20 -3.80 -3.21
CA ARG A 76 12.82 -4.29 -3.16
C ARG A 76 11.86 -3.24 -3.67
N ARG A 77 11.49 -3.34 -4.95
CA ARG A 77 10.58 -2.40 -5.57
C ARG A 77 9.26 -3.07 -5.92
N LEU A 78 8.15 -2.45 -5.51
CA LEU A 78 6.82 -2.99 -5.78
C LEU A 78 6.56 -3.05 -7.28
N LYS A 79 6.49 -4.28 -7.81
CA LYS A 79 6.25 -4.48 -9.23
C LYS A 79 5.03 -3.66 -9.69
N MET A 80 5.20 -2.94 -10.78
CA MET A 80 4.12 -2.11 -11.32
C MET A 80 2.90 -2.98 -11.67
N ASP A 81 3.10 -4.29 -11.68
CA ASP A 81 2.03 -5.22 -11.99
C ASP A 81 1.70 -6.11 -10.80
N ALA A 82 1.93 -5.58 -9.60
CA ALA A 82 1.66 -6.33 -8.38
C ALA A 82 0.45 -5.75 -7.64
N VAL A 83 -0.38 -6.64 -7.10
CA VAL A 83 -1.58 -6.23 -6.38
C VAL A 83 -1.57 -6.77 -4.95
N PRO A 84 -2.22 -6.04 -4.04
CA PRO A 84 -2.30 -6.43 -2.62
C PRO A 84 -3.18 -7.65 -2.41
N THR A 85 -2.58 -8.83 -2.50
CA THR A 85 -3.31 -10.07 -2.32
C THR A 85 -3.28 -10.52 -0.87
N ILE A 86 -3.00 -9.59 0.04
CA ILE A 86 -2.93 -9.88 1.46
C ILE A 86 -3.66 -8.83 2.28
N PHE A 87 -3.12 -7.61 2.26
CA PHE A 87 -3.73 -6.50 3.00
C PHE A 87 -3.82 -6.82 4.49
N ASP A 88 -4.87 -7.55 4.86
CA ASP A 88 -5.08 -7.94 6.25
C ASP A 88 -6.23 -8.93 6.38
N PHE A 89 -6.02 -9.98 7.17
CA PHE A 89 -7.03 -11.01 7.37
C PHE A 89 -7.19 -11.33 8.85
N CYS A 90 -8.23 -10.76 9.47
CA CYS A 90 -8.48 -10.98 10.88
C CYS A 90 -9.87 -11.58 11.10
N THR A 91 -10.10 -12.14 12.28
CA THR A 91 -11.39 -12.75 12.61
C THR A 91 -11.73 -12.55 14.07
N HIS A 92 -13.03 -12.34 14.34
CA HIS A 92 -13.50 -12.13 15.71
C HIS A 92 -13.22 -13.36 16.58
N ILE A 93 -13.11 -14.52 15.93
CA ILE A 93 -12.85 -15.76 16.64
C ILE A 93 -11.36 -16.09 16.65
N SER A 94 -10.56 -15.16 17.18
CA SER A 94 -9.12 -15.35 17.25
C SER A 94 -8.56 -14.78 18.54
N GLY A 95 -8.12 -15.67 19.43
CA GLY A 95 -7.57 -15.23 20.70
C GLY A 95 -8.46 -14.25 21.42
N PRO A 96 -9.67 -14.70 21.79
CA PRO A 96 -10.64 -13.86 22.48
C PRO A 96 -10.23 -13.54 23.91
N SER A 97 -9.33 -12.57 24.06
CA SER A 97 -8.83 -12.18 25.38
C SER A 97 -8.61 -13.40 26.26
N SER A 98 -7.57 -14.17 25.96
CA SER A 98 -7.25 -15.36 26.73
C SER A 98 -5.77 -15.39 27.11
N GLY A 99 -4.91 -15.50 26.09
CA GLY A 99 -3.49 -15.53 26.33
C GLY A 99 -2.76 -14.36 25.71
N GLY A 1 20.58 12.62 3.36
CA GLY A 1 19.35 12.11 3.95
C GLY A 1 18.23 12.00 2.94
N SER A 2 18.51 12.37 1.69
CA SER A 2 17.52 12.31 0.63
C SER A 2 16.31 13.18 0.98
N SER A 3 16.27 14.38 0.43
CA SER A 3 15.18 15.31 0.69
C SER A 3 13.85 14.74 0.19
N GLY A 4 12.76 15.17 0.80
CA GLY A 4 11.44 14.68 0.41
C GLY A 4 10.70 15.68 -0.45
N SER A 5 9.59 16.20 0.07
CA SER A 5 8.77 17.16 -0.66
C SER A 5 8.57 18.44 0.15
N SER A 6 9.03 18.42 1.40
CA SER A 6 8.91 19.57 2.28
C SER A 6 7.51 20.18 2.17
N GLY A 7 6.49 19.34 2.35
CA GLY A 7 5.12 19.81 2.27
C GLY A 7 4.24 19.23 3.37
N MET A 8 2.96 19.04 3.05
CA MET A 8 2.02 18.50 4.02
C MET A 8 2.06 16.97 4.01
N PRO A 9 1.76 16.36 5.16
CA PRO A 9 1.76 14.90 5.32
C PRO A 9 0.61 14.25 4.57
N THR A 10 0.71 12.94 4.37
CA THR A 10 -0.33 12.19 3.67
C THR A 10 -0.98 11.16 4.58
N ASN A 11 -1.64 10.18 3.98
CA ASN A 11 -2.32 9.13 4.75
C ASN A 11 -2.49 7.87 3.90
N CYS A 12 -2.04 6.74 4.44
CA CYS A 12 -2.14 5.47 3.75
C CYS A 12 -3.55 5.24 3.21
N ALA A 13 -3.71 5.35 1.89
CA ALA A 13 -5.00 5.16 1.26
C ALA A 13 -5.83 4.11 2.00
N ALA A 14 -5.17 3.01 2.37
CA ALA A 14 -5.86 1.93 3.09
C ALA A 14 -6.71 2.47 4.22
N ALA A 15 -7.86 1.84 4.45
CA ALA A 15 -8.77 2.26 5.50
C ALA A 15 -8.30 1.77 6.86
N GLY A 16 -8.14 0.45 6.99
CA GLY A 16 -7.70 -0.13 8.24
C GLY A 16 -6.20 -0.01 8.44
N CYS A 17 -5.71 1.22 8.50
CA CYS A 17 -4.29 1.48 8.69
C CYS A 17 -4.05 2.84 9.31
N ALA A 18 -2.94 2.99 10.01
CA ALA A 18 -2.59 4.25 10.66
C ALA A 18 -1.13 4.61 10.41
N THR A 19 -0.64 4.28 9.23
CA THR A 19 0.75 4.57 8.86
C THR A 19 0.86 5.90 8.13
N THR A 20 1.53 6.86 8.76
CA THR A 20 1.70 8.18 8.17
C THR A 20 3.13 8.69 8.36
N TYR A 21 3.46 9.03 9.61
CA TYR A 21 4.80 9.53 9.93
C TYR A 21 5.68 8.41 10.45
N ASN A 22 5.48 8.04 11.71
CA ASN A 22 6.27 6.98 12.34
C ASN A 22 7.64 7.49 12.74
N LYS A 23 8.30 8.20 11.83
CA LYS A 23 9.63 8.75 12.09
C LYS A 23 10.70 7.68 11.92
N HIS A 24 10.27 6.43 11.75
CA HIS A 24 11.20 5.32 11.56
C HIS A 24 10.56 4.21 10.74
N ILE A 25 10.99 2.98 10.97
CA ILE A 25 10.45 1.83 10.25
C ILE A 25 11.06 1.74 8.85
N ASN A 26 11.03 0.54 8.28
CA ASN A 26 11.58 0.31 6.94
C ASN A 26 10.48 0.38 5.89
N ILE A 27 9.28 0.75 6.32
CA ILE A 27 8.14 0.86 5.41
C ILE A 27 8.43 1.85 4.28
N SER A 28 8.11 1.46 3.06
CA SER A 28 8.34 2.31 1.89
C SER A 28 7.01 2.89 1.38
N PHE A 29 7.10 3.71 0.35
CA PHE A 29 5.92 4.35 -0.23
C PHE A 29 5.76 3.95 -1.70
N HIS A 30 4.80 3.06 -1.96
CA HIS A 30 4.55 2.59 -3.32
C HIS A 30 3.16 3.04 -3.80
N ARG A 31 3.14 4.08 -4.62
CA ARG A 31 1.88 4.61 -5.15
C ARG A 31 1.13 3.53 -5.91
N PHE A 32 -0.04 3.90 -6.44
CA PHE A 32 -0.87 2.97 -7.19
C PHE A 32 -0.29 2.74 -8.60
N PRO A 33 -0.63 1.58 -9.19
CA PRO A 33 -0.15 1.23 -10.53
C PRO A 33 -0.80 2.09 -11.62
N LEU A 34 -0.07 2.27 -12.72
CA LEU A 34 -0.57 3.07 -13.84
C LEU A 34 -1.47 2.24 -14.75
N ASP A 35 -1.31 0.92 -14.69
CA ASP A 35 -2.12 0.02 -15.51
C ASP A 35 -3.53 -0.09 -14.97
N PRO A 36 -4.50 -0.30 -15.87
CA PRO A 36 -5.92 -0.42 -15.50
C PRO A 36 -6.20 -1.71 -14.74
N LYS A 37 -5.57 -2.80 -15.16
CA LYS A 37 -5.76 -4.09 -14.52
C LYS A 37 -5.50 -4.00 -13.02
N ARG A 38 -4.39 -3.36 -12.66
CA ARG A 38 -4.02 -3.21 -11.26
C ARG A 38 -4.69 -1.98 -10.65
N ARG A 39 -4.56 -0.85 -11.32
CA ARG A 39 -5.15 0.41 -10.85
C ARG A 39 -6.52 0.13 -10.20
N LYS A 40 -7.39 -0.55 -10.94
CA LYS A 40 -8.73 -0.86 -10.44
C LYS A 40 -8.65 -1.84 -9.28
N GLU A 41 -7.70 -2.77 -9.34
CA GLU A 41 -7.52 -3.75 -8.28
C GLU A 41 -7.12 -3.09 -6.97
N TRP A 42 -5.97 -2.42 -6.98
CA TRP A 42 -5.47 -1.74 -5.79
C TRP A 42 -6.60 -1.03 -5.07
N VAL A 43 -7.56 -0.51 -5.82
CA VAL A 43 -8.70 0.19 -5.24
C VAL A 43 -9.80 -0.78 -4.83
N ARG A 44 -9.90 -1.88 -5.56
CA ARG A 44 -10.91 -2.91 -5.26
C ARG A 44 -10.53 -3.72 -4.03
N LEU A 45 -9.23 -3.79 -3.76
CA LEU A 45 -8.73 -4.53 -2.60
C LEU A 45 -8.82 -3.69 -1.33
N VAL A 46 -8.32 -2.47 -1.40
CA VAL A 46 -8.35 -1.56 -0.26
C VAL A 46 -9.75 -1.47 0.33
N ARG A 47 -10.75 -1.87 -0.44
CA ARG A 47 -12.13 -1.84 0.01
C ARG A 47 -12.69 -0.42 -0.05
N ARG A 48 -12.34 0.30 -1.11
CA ARG A 48 -12.80 1.67 -1.28
C ARG A 48 -13.89 1.75 -2.35
N LYS A 49 -13.48 1.64 -3.61
CA LYS A 49 -14.41 1.69 -4.72
C LYS A 49 -14.84 3.13 -5.01
N ASN A 50 -15.29 3.83 -3.97
CA ASN A 50 -15.73 5.22 -4.11
C ASN A 50 -14.55 6.17 -3.95
N PHE A 51 -13.34 5.66 -4.20
CA PHE A 51 -12.13 6.47 -4.08
C PHE A 51 -11.18 6.19 -5.25
N VAL A 52 -10.41 7.21 -5.62
CA VAL A 52 -9.45 7.08 -6.71
C VAL A 52 -8.14 7.77 -6.38
N PRO A 53 -7.03 7.19 -6.86
CA PRO A 53 -5.68 7.74 -6.64
C PRO A 53 -5.45 9.03 -7.39
N GLY A 54 -5.24 10.11 -6.64
CA GLY A 54 -5.01 11.41 -7.26
C GLY A 54 -3.62 11.96 -6.95
N LYS A 55 -2.60 11.17 -7.22
CA LYS A 55 -1.22 11.58 -6.97
C LYS A 55 -0.87 11.40 -5.49
N HIS A 56 -1.69 11.99 -4.61
CA HIS A 56 -1.47 11.90 -3.18
C HIS A 56 -1.96 10.55 -2.63
N THR A 57 -1.65 9.48 -3.35
CA THR A 57 -2.07 8.14 -2.93
C THR A 57 -0.87 7.19 -2.85
N PHE A 58 -0.69 6.59 -1.68
CA PHE A 58 0.41 5.67 -1.47
C PHE A 58 0.02 4.56 -0.49
N LEU A 59 0.62 3.39 -0.66
CA LEU A 59 0.32 2.25 0.21
C LEU A 59 1.60 1.70 0.84
N CYS A 60 1.53 1.35 2.11
CA CYS A 60 2.68 0.81 2.83
C CYS A 60 3.21 -0.44 2.14
N SER A 61 4.36 -0.92 2.60
CA SER A 61 4.99 -2.10 2.01
C SER A 61 4.65 -3.34 2.84
N LYS A 62 4.34 -3.14 4.11
CA LYS A 62 4.00 -4.24 5.01
C LYS A 62 2.85 -5.07 4.43
N HIS A 63 1.90 -4.39 3.80
CA HIS A 63 0.75 -5.07 3.22
C HIS A 63 1.19 -6.11 2.20
N PHE A 64 2.01 -5.69 1.25
CA PHE A 64 2.51 -6.59 0.21
C PHE A 64 3.50 -7.58 0.79
N GLU A 65 3.28 -8.87 0.50
CA GLU A 65 4.17 -9.92 1.01
C GLU A 65 5.59 -9.73 0.49
N ALA A 66 5.93 -10.43 -0.57
CA ALA A 66 7.27 -10.33 -1.16
C ALA A 66 7.22 -10.56 -2.67
N SER A 67 6.39 -11.51 -3.09
CA SER A 67 6.27 -11.83 -4.51
C SER A 67 5.80 -10.61 -5.30
N CYS A 68 5.39 -9.57 -4.58
CA CYS A 68 4.92 -8.35 -5.22
C CYS A 68 6.09 -7.41 -5.53
N PHE A 69 7.24 -7.69 -4.93
CA PHE A 69 8.43 -6.87 -5.14
C PHE A 69 9.45 -7.61 -6.01
N ASP A 70 10.33 -6.86 -6.65
CA ASP A 70 11.35 -7.44 -7.51
C ASP A 70 12.63 -7.72 -6.72
N LEU A 71 12.84 -8.99 -6.38
CA LEU A 71 14.03 -9.39 -5.63
C LEU A 71 15.26 -9.37 -6.52
N THR A 72 15.24 -10.16 -7.58
CA THR A 72 16.37 -10.23 -8.51
C THR A 72 16.78 -8.84 -8.98
N GLY A 73 17.98 -8.74 -9.53
CA GLY A 73 18.46 -7.46 -10.02
C GLY A 73 18.95 -6.57 -8.90
N GLN A 74 18.05 -5.76 -8.35
CA GLN A 74 18.39 -4.85 -7.27
C GLN A 74 17.40 -4.97 -6.12
N THR A 75 17.55 -4.11 -5.12
CA THR A 75 16.67 -4.12 -3.96
C THR A 75 15.22 -4.38 -4.36
N ARG A 76 14.41 -4.82 -3.41
CA ARG A 76 13.01 -5.11 -3.67
C ARG A 76 12.30 -3.89 -4.25
N ARG A 77 11.66 -4.06 -5.39
CA ARG A 77 10.94 -2.98 -6.05
C ARG A 77 9.52 -3.39 -6.40
N LEU A 78 8.55 -2.59 -6.00
CA LEU A 78 7.14 -2.87 -6.27
C LEU A 78 6.89 -2.95 -7.76
N LYS A 79 6.60 -4.16 -8.24
CA LYS A 79 6.34 -4.38 -9.66
C LYS A 79 5.03 -3.72 -10.08
N MET A 80 5.04 -3.06 -11.23
CA MET A 80 3.85 -2.38 -11.73
C MET A 80 2.69 -3.37 -11.86
N ASP A 81 3.01 -4.64 -12.00
CA ASP A 81 1.99 -5.68 -12.14
C ASP A 81 1.73 -6.37 -10.80
N ALA A 82 2.09 -5.68 -9.72
CA ALA A 82 1.89 -6.23 -8.38
C ALA A 82 0.70 -5.58 -7.69
N VAL A 83 -0.16 -6.39 -7.11
CA VAL A 83 -1.34 -5.90 -6.41
C VAL A 83 -1.38 -6.36 -4.97
N PRO A 84 -2.01 -5.56 -4.10
CA PRO A 84 -2.12 -5.89 -2.67
C PRO A 84 -3.05 -7.06 -2.41
N THR A 85 -2.50 -8.27 -2.46
CA THR A 85 -3.28 -9.48 -2.24
C THR A 85 -3.51 -9.71 -0.75
N ILE A 86 -3.14 -8.73 0.05
CA ILE A 86 -3.30 -8.83 1.50
C ILE A 86 -3.86 -7.53 2.08
N PHE A 87 -4.59 -7.65 3.19
CA PHE A 87 -5.17 -6.48 3.84
C PHE A 87 -5.71 -6.84 5.22
N ASP A 88 -6.73 -7.70 5.23
CA ASP A 88 -7.35 -8.13 6.49
C ASP A 88 -7.44 -9.65 6.55
N PHE A 89 -7.29 -10.20 7.76
CA PHE A 89 -7.35 -11.64 7.95
C PHE A 89 -6.15 -12.33 7.30
N CYS A 90 -5.28 -12.90 8.12
CA CYS A 90 -4.10 -13.59 7.62
C CYS A 90 -3.68 -14.71 8.58
N THR A 91 -3.12 -14.32 9.72
CA THR A 91 -2.68 -15.29 10.71
C THR A 91 -3.35 -15.05 12.05
N HIS A 92 -3.14 -15.96 12.99
CA HIS A 92 -3.73 -15.86 14.32
C HIS A 92 -5.25 -15.76 14.22
N ILE A 93 -5.90 -15.65 15.38
CA ILE A 93 -7.36 -15.55 15.43
C ILE A 93 -7.80 -14.11 15.59
N SER A 94 -8.38 -13.56 14.52
CA SER A 94 -8.85 -12.18 14.55
C SER A 94 -10.21 -12.07 15.24
N GLY A 95 -10.43 -10.96 15.95
CA GLY A 95 -11.68 -10.77 16.65
C GLY A 95 -12.02 -9.30 16.82
N PRO A 96 -13.22 -9.03 17.33
CA PRO A 96 -13.70 -7.65 17.56
C PRO A 96 -12.95 -6.97 18.70
N SER A 97 -12.38 -5.80 18.41
CA SER A 97 -11.64 -5.04 19.42
C SER A 97 -11.52 -3.58 19.01
N SER A 98 -12.46 -3.12 18.19
CA SER A 98 -12.47 -1.73 17.73
C SER A 98 -13.75 -1.02 18.16
N GLY A 99 -13.67 0.30 18.29
CA GLY A 99 -14.82 1.07 18.70
C GLY A 99 -15.05 2.27 17.80
N GLY A 1 7.90 13.86 16.84
CA GLY A 1 6.77 14.38 17.58
C GLY A 1 6.96 15.82 18.01
N SER A 2 5.92 16.64 17.85
CA SER A 2 6.00 18.04 18.22
C SER A 2 4.60 18.65 18.32
N SER A 3 4.07 19.11 17.19
CA SER A 3 2.74 19.71 17.16
C SER A 3 1.67 18.65 16.91
N GLY A 4 1.70 18.07 15.71
CA GLY A 4 0.73 17.05 15.37
C GLY A 4 -0.52 17.63 14.72
N SER A 5 -0.71 18.94 14.89
CA SER A 5 -1.87 19.62 14.33
C SER A 5 -1.79 19.68 12.80
N SER A 6 -0.56 19.61 12.28
CA SER A 6 -0.35 19.66 10.85
C SER A 6 -0.23 18.25 10.26
N GLY A 7 0.18 17.30 11.10
CA GLY A 7 0.33 15.93 10.65
C GLY A 7 1.55 15.72 9.78
N MET A 8 1.47 14.77 8.87
CA MET A 8 2.58 14.48 7.97
C MET A 8 2.09 14.35 6.52
N PRO A 9 2.98 14.68 5.57
CA PRO A 9 2.66 14.61 4.13
C PRO A 9 2.50 13.17 3.65
N THR A 10 1.42 12.92 2.91
CA THR A 10 1.16 11.59 2.38
C THR A 10 0.76 10.62 3.49
N ASN A 11 -0.36 9.93 3.30
CA ASN A 11 -0.84 8.97 4.29
C ASN A 11 -1.42 7.73 3.60
N CYS A 12 -1.14 6.56 4.19
CA CYS A 12 -1.63 5.31 3.63
C CYS A 12 -3.11 5.41 3.27
N ALA A 13 -3.44 5.02 2.04
CA ALA A 13 -4.81 5.07 1.57
C ALA A 13 -5.67 4.04 2.28
N ALA A 14 -5.12 2.85 2.50
CA ALA A 14 -5.84 1.78 3.18
C ALA A 14 -6.71 2.33 4.31
N ALA A 15 -8.01 2.08 4.21
CA ALA A 15 -8.95 2.55 5.23
C ALA A 15 -8.92 1.64 6.45
N GLY A 16 -8.19 2.06 7.48
CA GLY A 16 -8.09 1.27 8.69
C GLY A 16 -6.69 0.74 8.94
N CYS A 17 -5.69 1.57 8.65
CA CYS A 17 -4.30 1.19 8.85
C CYS A 17 -3.53 2.25 9.61
N ALA A 18 -3.26 3.37 8.94
CA ALA A 18 -2.53 4.47 9.56
C ALA A 18 -1.03 4.21 9.55
N THR A 19 -0.29 5.09 8.88
CA THR A 19 1.15 4.96 8.79
C THR A 19 1.78 6.21 8.16
N THR A 20 2.81 6.75 8.82
CA THR A 20 3.49 7.93 8.32
C THR A 20 4.99 7.84 8.57
N TYR A 21 5.43 8.32 9.72
CA TYR A 21 6.84 8.29 10.08
C TYR A 21 7.04 7.72 11.48
N ASN A 22 8.26 7.27 11.75
CA ASN A 22 8.59 6.69 13.05
C ASN A 22 10.09 6.45 13.19
N LYS A 23 10.46 5.61 14.14
CA LYS A 23 11.87 5.28 14.36
C LYS A 23 12.17 3.83 14.00
N HIS A 24 11.12 3.02 13.96
CA HIS A 24 11.26 1.60 13.62
C HIS A 24 10.54 1.27 12.32
N ILE A 25 9.32 1.79 12.19
CA ILE A 25 8.53 1.55 10.99
C ILE A 25 9.40 1.57 9.74
N ASN A 26 9.80 2.76 9.32
CA ASN A 26 10.64 2.91 8.13
C ASN A 26 9.97 2.27 6.91
N ILE A 27 8.65 2.18 6.94
CA ILE A 27 7.90 1.60 5.84
C ILE A 27 8.08 2.41 4.56
N SER A 28 8.15 1.71 3.43
CA SER A 28 8.33 2.37 2.14
C SER A 28 7.00 2.93 1.64
N PHE A 29 7.04 3.54 0.46
CA PHE A 29 5.83 4.13 -0.14
C PHE A 29 5.71 3.72 -1.60
N HIS A 30 4.72 2.87 -1.88
CA HIS A 30 4.49 2.39 -3.24
C HIS A 30 3.12 2.85 -3.75
N ARG A 31 3.12 3.93 -4.52
CA ARG A 31 1.88 4.48 -5.07
C ARG A 31 1.12 3.41 -5.85
N PHE A 32 -0.08 3.77 -6.32
CA PHE A 32 -0.90 2.84 -7.10
C PHE A 32 -0.28 2.55 -8.45
N PRO A 33 -0.63 1.39 -9.02
CA PRO A 33 -0.11 0.95 -10.32
C PRO A 33 -0.65 1.81 -11.47
N LEU A 34 0.22 2.10 -12.44
CA LEU A 34 -0.17 2.90 -13.59
C LEU A 34 -1.07 2.11 -14.53
N ASP A 35 -1.01 0.79 -14.41
CA ASP A 35 -1.82 -0.08 -15.25
C ASP A 35 -3.26 -0.14 -14.75
N PRO A 36 -4.20 -0.32 -15.69
CA PRO A 36 -5.63 -0.39 -15.37
C PRO A 36 -5.99 -1.68 -14.62
N LYS A 37 -5.53 -2.81 -15.14
CA LYS A 37 -5.79 -4.10 -14.52
C LYS A 37 -5.53 -4.05 -13.01
N ARG A 38 -4.42 -3.41 -12.64
CA ARG A 38 -4.06 -3.30 -11.23
C ARG A 38 -4.72 -2.08 -10.59
N ARG A 39 -4.55 -0.92 -11.23
CA ARG A 39 -5.13 0.32 -10.73
C ARG A 39 -6.51 0.06 -10.11
N LYS A 40 -7.40 -0.51 -10.89
CA LYS A 40 -8.75 -0.81 -10.42
C LYS A 40 -8.72 -1.81 -9.27
N GLU A 41 -7.76 -2.73 -9.32
CA GLU A 41 -7.62 -3.74 -8.28
C GLU A 41 -7.28 -3.10 -6.94
N TRP A 42 -6.16 -2.38 -6.90
CA TRP A 42 -5.73 -1.72 -5.68
C TRP A 42 -6.88 -0.97 -5.02
N VAL A 43 -7.69 -0.31 -5.84
CA VAL A 43 -8.83 0.45 -5.34
C VAL A 43 -9.97 -0.48 -4.94
N ARG A 44 -10.09 -1.61 -5.63
CA ARG A 44 -11.13 -2.58 -5.35
C ARG A 44 -10.81 -3.37 -4.07
N LEU A 45 -9.53 -3.49 -3.77
CA LEU A 45 -9.09 -4.21 -2.59
C LEU A 45 -9.11 -3.31 -1.35
N VAL A 46 -9.01 -2.01 -1.58
CA VAL A 46 -9.02 -1.04 -0.48
C VAL A 46 -10.42 -0.46 -0.28
N ARG A 47 -11.20 -0.42 -1.36
CA ARG A 47 -12.55 0.11 -1.29
C ARG A 47 -12.54 1.61 -1.02
N ARG A 48 -12.20 1.98 0.20
CA ARG A 48 -12.15 3.39 0.58
C ARG A 48 -13.25 4.18 -0.12
N LYS A 49 -14.39 3.54 -0.34
CA LYS A 49 -15.52 4.18 -1.00
C LYS A 49 -15.18 4.53 -2.45
N ASN A 50 -15.83 5.55 -2.98
CA ASN A 50 -15.60 5.99 -4.35
C ASN A 50 -14.30 6.77 -4.46
N PHE A 51 -13.21 6.18 -3.95
CA PHE A 51 -11.90 6.82 -3.99
C PHE A 51 -11.16 6.47 -5.27
N VAL A 52 -10.18 7.29 -5.63
CA VAL A 52 -9.40 7.07 -6.84
C VAL A 52 -7.97 7.59 -6.68
N PRO A 53 -7.01 6.89 -7.31
CA PRO A 53 -5.59 7.27 -7.25
C PRO A 53 -5.30 8.56 -8.01
N GLY A 54 -5.50 9.69 -7.33
CA GLY A 54 -5.25 10.98 -7.96
C GLY A 54 -4.32 11.85 -7.14
N LYS A 55 -4.68 12.07 -5.88
CA LYS A 55 -3.87 12.90 -4.98
C LYS A 55 -2.81 12.06 -4.28
N HIS A 56 -2.15 12.65 -3.29
CA HIS A 56 -1.13 11.95 -2.53
C HIS A 56 -1.69 10.68 -1.89
N THR A 57 -1.72 9.60 -2.67
CA THR A 57 -2.24 8.33 -2.19
C THR A 57 -1.23 7.20 -2.41
N PHE A 58 -0.90 6.49 -1.35
CA PHE A 58 0.05 5.39 -1.43
C PHE A 58 -0.35 4.25 -0.49
N LEU A 59 0.36 3.13 -0.60
CA LEU A 59 0.08 1.97 0.23
C LEU A 59 1.36 1.44 0.89
N CYS A 60 1.27 1.13 2.17
CA CYS A 60 2.42 0.61 2.91
C CYS A 60 2.95 -0.66 2.27
N SER A 61 4.17 -1.03 2.63
CA SER A 61 4.80 -2.23 2.09
C SER A 61 4.53 -3.45 2.98
N LYS A 62 3.90 -3.19 4.12
CA LYS A 62 3.57 -4.26 5.07
C LYS A 62 2.42 -5.11 4.55
N HIS A 63 1.53 -4.50 3.78
CA HIS A 63 0.39 -5.21 3.21
C HIS A 63 0.85 -6.31 2.26
N PHE A 64 1.69 -5.95 1.31
CA PHE A 64 2.20 -6.91 0.34
C PHE A 64 3.18 -7.88 1.00
N GLU A 65 3.72 -8.79 0.20
CA GLU A 65 4.67 -9.78 0.70
C GLU A 65 6.09 -9.47 0.21
N ALA A 66 6.50 -10.14 -0.85
CA ALA A 66 7.83 -9.94 -1.41
C ALA A 66 7.86 -10.33 -2.89
N SER A 67 7.21 -11.44 -3.22
CA SER A 67 7.18 -11.93 -4.59
C SER A 67 6.53 -10.90 -5.51
N CYS A 68 5.93 -9.88 -4.92
CA CYS A 68 5.27 -8.83 -5.69
C CYS A 68 6.24 -7.69 -5.98
N PHE A 69 7.47 -7.82 -5.52
CA PHE A 69 8.49 -6.81 -5.74
C PHE A 69 9.60 -7.33 -6.65
N ASP A 70 10.61 -6.49 -6.88
CA ASP A 70 11.73 -6.87 -7.73
C ASP A 70 12.93 -7.28 -6.90
N LEU A 71 12.89 -8.50 -6.35
CA LEU A 71 13.98 -9.01 -5.53
C LEU A 71 15.05 -9.65 -6.39
N THR A 72 14.63 -10.42 -7.39
CA THR A 72 15.56 -11.09 -8.29
C THR A 72 16.73 -10.18 -8.64
N GLY A 73 17.87 -10.39 -7.96
CA GLY A 73 19.04 -9.59 -8.21
C GLY A 73 18.70 -8.15 -8.54
N GLN A 74 18.16 -7.43 -7.57
CA GLN A 74 17.78 -6.03 -7.77
C GLN A 74 17.00 -5.50 -6.58
N THR A 75 17.21 -4.22 -6.27
CA THR A 75 16.52 -3.59 -5.14
C THR A 75 15.05 -3.99 -5.11
N ARG A 76 14.51 -4.19 -3.91
CA ARG A 76 13.12 -4.58 -3.74
C ARG A 76 12.19 -3.47 -4.23
N ARG A 77 11.72 -3.60 -5.46
CA ARG A 77 10.82 -2.62 -6.05
C ARG A 77 9.45 -3.23 -6.35
N LEU A 78 8.39 -2.57 -5.88
CA LEU A 78 7.04 -3.05 -6.11
C LEU A 78 6.74 -3.16 -7.60
N LYS A 79 6.57 -4.38 -8.07
CA LYS A 79 6.27 -4.63 -9.48
C LYS A 79 5.04 -3.84 -9.92
N MET A 80 5.12 -3.19 -11.07
CA MET A 80 4.01 -2.41 -11.59
C MET A 80 2.78 -3.28 -11.79
N ASP A 81 2.99 -4.60 -11.82
CA ASP A 81 1.89 -5.55 -12.01
C ASP A 81 1.66 -6.35 -10.73
N ALA A 82 1.99 -5.75 -9.59
CA ALA A 82 1.81 -6.41 -8.31
C ALA A 82 0.65 -5.80 -7.53
N VAL A 83 -0.30 -6.66 -7.13
CA VAL A 83 -1.47 -6.19 -6.39
C VAL A 83 -1.46 -6.76 -4.97
N PRO A 84 -2.07 -6.00 -4.03
CA PRO A 84 -2.16 -6.40 -2.62
C PRO A 84 -3.09 -7.60 -2.42
N THR A 85 -2.54 -8.80 -2.62
CA THR A 85 -3.32 -10.02 -2.44
C THR A 85 -3.33 -10.48 -1.00
N ILE A 86 -3.39 -9.52 -0.08
CA ILE A 86 -3.41 -9.82 1.35
C ILE A 86 -4.18 -8.77 2.13
N PHE A 87 -3.62 -7.57 2.22
CA PHE A 87 -4.25 -6.48 2.94
C PHE A 87 -4.60 -6.90 4.36
N ASP A 88 -3.64 -6.80 5.27
CA ASP A 88 -3.85 -7.16 6.66
C ASP A 88 -3.44 -6.03 7.59
N PHE A 89 -4.16 -5.88 8.69
CA PHE A 89 -3.86 -4.84 9.67
C PHE A 89 -2.53 -5.10 10.37
N CYS A 90 -1.97 -6.28 10.14
CA CYS A 90 -0.70 -6.66 10.74
C CYS A 90 0.06 -7.63 9.85
N THR A 91 1.39 -7.62 9.96
CA THR A 91 2.24 -8.49 9.16
C THR A 91 3.27 -9.20 10.03
N HIS A 92 3.22 -10.52 10.02
CA HIS A 92 4.17 -11.31 10.81
C HIS A 92 4.21 -12.76 10.31
N ILE A 93 5.21 -13.07 9.50
CA ILE A 93 5.35 -14.42 8.96
C ILE A 93 6.81 -14.88 9.04
N SER A 94 7.61 -14.17 9.83
CA SER A 94 9.02 -14.51 9.99
C SER A 94 9.59 -13.87 11.25
N GLY A 95 10.76 -14.35 11.67
CA GLY A 95 11.40 -13.82 12.86
C GLY A 95 12.36 -12.68 12.54
N PRO A 96 12.84 -12.00 13.59
CA PRO A 96 13.78 -10.89 13.45
C PRO A 96 15.15 -11.34 12.98
N SER A 97 15.50 -12.59 13.29
CA SER A 97 16.78 -13.14 12.90
C SER A 97 17.01 -13.01 11.40
N SER A 98 18.28 -12.98 10.99
CA SER A 98 18.62 -12.85 9.58
C SER A 98 18.60 -14.22 8.89
N GLY A 99 17.39 -14.70 8.60
CA GLY A 99 17.25 -15.98 7.94
C GLY A 99 16.27 -16.89 8.65
N GLY A 1 19.47 13.41 -5.40
CA GLY A 1 18.17 14.02 -5.58
C GLY A 1 17.27 13.20 -6.50
N SER A 2 16.15 12.74 -5.98
CA SER A 2 15.20 11.95 -6.76
C SER A 2 13.90 12.71 -6.99
N SER A 3 13.02 12.67 -5.99
CA SER A 3 11.74 13.35 -6.08
C SER A 3 11.91 14.87 -5.94
N GLY A 4 11.70 15.58 -7.04
CA GLY A 4 11.84 17.03 -7.03
C GLY A 4 10.52 17.74 -7.24
N SER A 5 9.42 17.05 -6.93
CA SER A 5 8.09 17.63 -7.10
C SER A 5 7.85 18.74 -6.09
N SER A 6 6.61 19.22 -6.03
CA SER A 6 6.25 20.30 -5.12
C SER A 6 6.15 19.77 -3.69
N GLY A 7 5.12 18.95 -3.44
CA GLY A 7 4.94 18.40 -2.11
C GLY A 7 5.30 16.93 -2.03
N MET A 8 5.17 16.35 -0.85
CA MET A 8 5.49 14.94 -0.65
C MET A 8 4.26 14.17 -0.17
N PRO A 9 4.27 12.84 -0.40
CA PRO A 9 3.16 11.97 -0.01
C PRO A 9 3.08 11.79 1.50
N THR A 10 1.87 11.53 1.99
CA THR A 10 1.65 11.35 3.42
C THR A 10 0.37 10.56 3.68
N ASN A 11 0.34 9.84 4.80
CA ASN A 11 -0.82 9.04 5.17
C ASN A 11 -0.98 7.85 4.22
N CYS A 12 -1.61 6.79 4.72
CA CYS A 12 -1.84 5.59 3.92
C CYS A 12 -3.30 5.48 3.49
N ALA A 13 -3.52 5.36 2.19
CA ALA A 13 -4.87 5.24 1.66
C ALA A 13 -5.62 4.08 2.30
N ALA A 14 -4.91 2.98 2.52
CA ALA A 14 -5.51 1.79 3.13
C ALA A 14 -6.33 2.17 4.36
N ALA A 15 -7.48 1.53 4.51
CA ALA A 15 -8.36 1.79 5.65
C ALA A 15 -7.99 0.90 6.84
N GLY A 16 -7.81 1.54 8.00
CA GLY A 16 -7.46 0.80 9.20
C GLY A 16 -5.97 0.56 9.31
N CYS A 17 -5.18 1.45 8.72
CA CYS A 17 -3.73 1.34 8.77
C CYS A 17 -3.11 2.58 9.42
N ALA A 18 -3.20 3.71 8.73
CA ALA A 18 -2.65 4.97 9.23
C ALA A 18 -1.14 4.86 9.44
N THR A 19 -0.38 5.04 8.37
CA THR A 19 1.07 4.96 8.43
C THR A 19 1.72 6.17 7.77
N THR A 20 2.72 6.74 8.43
CA THR A 20 3.43 7.90 7.90
C THR A 20 4.92 7.82 8.19
N TYR A 21 5.59 8.96 8.18
CA TYR A 21 7.02 9.01 8.43
C TYR A 21 7.35 8.48 9.82
N ASN A 22 6.43 8.69 10.77
CA ASN A 22 6.64 8.22 12.14
C ASN A 22 8.07 8.42 12.58
N LYS A 23 8.63 9.59 12.30
CA LYS A 23 10.00 9.90 12.67
C LYS A 23 10.98 9.00 11.93
N HIS A 24 11.28 7.84 12.51
CA HIS A 24 12.19 6.89 11.91
C HIS A 24 11.44 5.68 11.36
N ILE A 25 11.27 5.65 10.04
CA ILE A 25 10.56 4.54 9.39
C ILE A 25 11.37 3.99 8.21
N ASN A 26 11.11 2.74 7.86
CA ASN A 26 11.80 2.09 6.75
C ASN A 26 10.84 1.79 5.62
N ILE A 27 9.60 1.48 5.96
CA ILE A 27 8.58 1.17 4.96
C ILE A 27 8.74 2.04 3.72
N SER A 28 8.47 1.45 2.56
CA SER A 28 8.59 2.17 1.30
C SER A 28 7.22 2.64 0.81
N PHE A 29 7.22 3.68 -0.03
CA PHE A 29 5.97 4.21 -0.57
C PHE A 29 5.76 3.77 -2.01
N HIS A 30 4.76 2.91 -2.21
CA HIS A 30 4.46 2.39 -3.54
C HIS A 30 3.06 2.85 -3.98
N ARG A 31 3.02 3.92 -4.77
CA ARG A 31 1.75 4.45 -5.26
C ARG A 31 0.99 3.40 -6.06
N PHE A 32 -0.17 3.79 -6.58
CA PHE A 32 -1.00 2.87 -7.37
C PHE A 32 -0.37 2.60 -8.73
N PRO A 33 -0.73 1.46 -9.33
CA PRO A 33 -0.21 1.05 -10.63
C PRO A 33 -0.75 1.92 -11.76
N LEU A 34 0.07 2.12 -12.79
CA LEU A 34 -0.33 2.94 -13.93
C LEU A 34 -1.19 2.14 -14.90
N ASP A 35 -1.27 0.83 -14.68
CA ASP A 35 -2.06 -0.05 -15.53
C ASP A 35 -3.52 -0.08 -15.07
N PRO A 36 -4.44 -0.18 -16.04
CA PRO A 36 -5.88 -0.22 -15.76
C PRO A 36 -6.30 -1.52 -15.08
N LYS A 37 -5.62 -2.61 -15.42
CA LYS A 37 -5.93 -3.92 -14.85
C LYS A 37 -5.66 -3.92 -13.36
N ARG A 38 -4.56 -3.29 -12.95
CA ARG A 38 -4.18 -3.23 -11.55
C ARG A 38 -4.85 -2.03 -10.86
N ARG A 39 -4.69 -0.86 -11.45
CA ARG A 39 -5.27 0.35 -10.91
C ARG A 39 -6.63 0.07 -10.27
N LYS A 40 -7.52 -0.55 -11.03
CA LYS A 40 -8.85 -0.89 -10.53
C LYS A 40 -8.77 -1.89 -9.39
N GLU A 41 -7.83 -2.84 -9.49
CA GLU A 41 -7.65 -3.85 -8.47
C GLU A 41 -7.24 -3.21 -7.14
N TRP A 42 -6.14 -2.47 -7.17
CA TRP A 42 -5.63 -1.81 -5.98
C TRP A 42 -6.75 -1.11 -5.21
N VAL A 43 -7.57 -0.37 -5.94
CA VAL A 43 -8.69 0.35 -5.33
C VAL A 43 -9.79 -0.61 -4.90
N ARG A 44 -9.81 -1.79 -5.51
CA ARG A 44 -10.81 -2.80 -5.17
C ARG A 44 -10.33 -3.67 -4.01
N LEU A 45 -9.02 -3.71 -3.81
CA LEU A 45 -8.45 -4.52 -2.73
C LEU A 45 -8.39 -3.72 -1.44
N VAL A 46 -8.53 -2.40 -1.55
CA VAL A 46 -8.49 -1.53 -0.39
C VAL A 46 -9.90 -1.19 0.10
N ARG A 47 -10.90 -1.51 -0.73
CA ARG A 47 -12.28 -1.24 -0.38
C ARG A 47 -12.43 0.13 0.28
N ARG A 48 -12.44 1.17 -0.54
CA ARG A 48 -12.57 2.53 -0.04
C ARG A 48 -13.78 3.23 -0.65
N LYS A 49 -14.63 3.77 0.20
CA LYS A 49 -15.83 4.47 -0.26
C LYS A 49 -15.47 5.70 -1.08
N ASN A 50 -15.99 5.76 -2.30
CA ASN A 50 -15.72 6.89 -3.19
C ASN A 50 -14.27 7.33 -3.08
N PHE A 51 -13.35 6.40 -3.32
CA PHE A 51 -11.93 6.71 -3.24
C PHE A 51 -11.25 6.55 -4.61
N VAL A 52 -10.08 7.14 -4.76
CA VAL A 52 -9.34 7.06 -6.01
C VAL A 52 -7.93 7.61 -5.85
N PRO A 53 -6.97 7.01 -6.56
CA PRO A 53 -5.56 7.42 -6.52
C PRO A 53 -5.33 8.78 -7.18
N GLY A 54 -4.27 9.46 -6.77
CA GLY A 54 -3.96 10.76 -7.33
C GLY A 54 -2.85 11.47 -6.57
N LYS A 55 -3.18 11.98 -5.39
CA LYS A 55 -2.21 12.69 -4.56
C LYS A 55 -2.21 12.15 -3.14
N HIS A 56 -1.04 12.15 -2.51
CA HIS A 56 -0.91 11.66 -1.14
C HIS A 56 -1.49 10.26 -1.01
N THR A 57 -1.66 9.58 -2.14
CA THR A 57 -2.22 8.24 -2.15
C THR A 57 -1.13 7.19 -2.34
N PHE A 58 -0.75 6.51 -1.26
CA PHE A 58 0.28 5.50 -1.33
C PHE A 58 0.00 4.37 -0.33
N LEU A 59 0.51 3.18 -0.62
CA LEU A 59 0.31 2.03 0.24
C LEU A 59 1.64 1.57 0.85
N CYS A 60 1.57 1.10 2.09
CA CYS A 60 2.76 0.63 2.79
C CYS A 60 3.31 -0.64 2.14
N SER A 61 4.50 -1.06 2.59
CA SER A 61 5.13 -2.26 2.05
C SER A 61 4.81 -3.49 2.90
N LYS A 62 4.04 -3.27 3.96
CA LYS A 62 3.66 -4.35 4.87
C LYS A 62 2.54 -5.20 4.26
N HIS A 63 1.58 -4.53 3.63
CA HIS A 63 0.47 -5.23 3.00
C HIS A 63 0.96 -6.30 2.04
N PHE A 64 1.85 -5.91 1.13
CA PHE A 64 2.40 -6.83 0.15
C PHE A 64 3.41 -7.78 0.80
N GLU A 65 3.48 -9.01 0.29
CA GLU A 65 4.40 -10.00 0.82
C GLU A 65 5.81 -9.80 0.26
N ALA A 66 6.14 -10.55 -0.78
CA ALA A 66 7.46 -10.45 -1.41
C ALA A 66 7.36 -10.69 -2.91
N SER A 67 6.56 -11.68 -3.31
CA SER A 67 6.39 -11.99 -4.72
C SER A 67 5.88 -10.78 -5.50
N CYS A 68 5.30 -9.83 -4.77
CA CYS A 68 4.77 -8.62 -5.40
C CYS A 68 5.88 -7.58 -5.60
N PHE A 69 7.00 -7.78 -4.90
CA PHE A 69 8.12 -6.85 -5.01
C PHE A 69 9.19 -7.41 -5.94
N ASP A 70 10.32 -6.72 -6.02
CA ASP A 70 11.42 -7.14 -6.88
C ASP A 70 12.72 -7.24 -6.08
N LEU A 71 12.61 -7.61 -4.81
CA LEU A 71 13.77 -7.74 -3.94
C LEU A 71 14.96 -8.31 -4.70
N THR A 72 14.68 -9.16 -5.67
CA THR A 72 15.72 -9.77 -6.48
C THR A 72 16.53 -8.71 -7.22
N GLY A 73 17.55 -8.18 -6.55
CA GLY A 73 18.39 -7.17 -7.16
C GLY A 73 18.04 -5.77 -6.71
N GLN A 74 18.84 -5.22 -5.80
CA GLN A 74 18.60 -3.88 -5.28
C GLN A 74 17.47 -3.88 -4.26
N THR A 75 17.38 -2.81 -3.47
CA THR A 75 16.35 -2.69 -2.46
C THR A 75 15.00 -3.19 -2.98
N ARG A 76 14.08 -3.44 -2.06
CA ARG A 76 12.75 -3.91 -2.44
C ARG A 76 12.07 -2.93 -3.40
N ARG A 77 11.30 -3.48 -4.34
CA ARG A 77 10.60 -2.66 -5.32
C ARG A 77 9.29 -3.31 -5.74
N LEU A 78 8.20 -2.56 -5.62
CA LEU A 78 6.88 -3.06 -5.97
C LEU A 78 6.67 -3.00 -7.49
N LYS A 79 6.51 -4.17 -8.09
CA LYS A 79 6.29 -4.27 -9.54
C LYS A 79 4.96 -3.64 -9.93
N MET A 80 4.97 -2.88 -11.02
CA MET A 80 3.75 -2.24 -11.50
C MET A 80 2.64 -3.25 -11.74
N ASP A 81 3.03 -4.51 -11.91
CA ASP A 81 2.06 -5.58 -12.15
C ASP A 81 1.80 -6.36 -10.87
N ALA A 82 2.01 -5.72 -9.72
CA ALA A 82 1.80 -6.36 -8.44
C ALA A 82 0.62 -5.71 -7.70
N VAL A 83 -0.27 -6.55 -7.18
CA VAL A 83 -1.45 -6.06 -6.46
C VAL A 83 -1.48 -6.63 -5.04
N PRO A 84 -2.10 -5.87 -4.12
CA PRO A 84 -2.22 -6.27 -2.72
C PRO A 84 -3.18 -7.45 -2.54
N THR A 85 -2.69 -8.65 -2.79
CA THR A 85 -3.51 -9.86 -2.66
C THR A 85 -3.50 -10.36 -1.21
N ILE A 86 -3.16 -9.48 -0.28
CA ILE A 86 -3.12 -9.85 1.13
C ILE A 86 -3.85 -8.81 1.99
N PHE A 87 -3.27 -7.63 2.10
CA PHE A 87 -3.86 -6.55 2.88
C PHE A 87 -4.07 -6.99 4.33
N ASP A 88 -2.99 -6.99 5.10
CA ASP A 88 -3.06 -7.39 6.51
C ASP A 88 -4.36 -6.90 7.14
N PHE A 89 -5.26 -7.83 7.42
CA PHE A 89 -6.55 -7.51 8.02
C PHE A 89 -6.35 -6.90 9.41
N CYS A 90 -7.44 -6.78 10.16
CA CYS A 90 -7.39 -6.22 11.50
C CYS A 90 -8.68 -6.50 12.26
N THR A 91 -9.81 -6.36 11.58
CA THR A 91 -11.11 -6.60 12.19
C THR A 91 -11.69 -7.94 11.73
N HIS A 92 -12.74 -8.39 12.42
CA HIS A 92 -13.38 -9.64 12.09
C HIS A 92 -14.74 -9.40 11.43
N ILE A 93 -14.90 -8.23 10.83
CA ILE A 93 -16.15 -7.87 10.17
C ILE A 93 -17.35 -8.13 11.07
N SER A 94 -17.19 -7.84 12.36
CA SER A 94 -18.25 -8.04 13.33
C SER A 94 -18.38 -9.52 13.70
N GLY A 95 -17.24 -10.21 13.72
CA GLY A 95 -17.24 -11.62 14.07
C GLY A 95 -17.39 -12.52 12.85
N PRO A 96 -17.18 -13.82 13.05
CA PRO A 96 -17.30 -14.81 11.97
C PRO A 96 -18.73 -15.00 11.50
N SER A 97 -18.89 -15.65 10.35
CA SER A 97 -20.21 -15.89 9.79
C SER A 97 -20.97 -14.59 9.59
N SER A 98 -21.10 -14.15 8.35
CA SER A 98 -21.79 -12.91 8.03
C SER A 98 -22.78 -13.13 6.89
N GLY A 99 -24.02 -13.42 7.24
CA GLY A 99 -25.05 -13.64 6.23
C GLY A 99 -26.28 -12.77 6.44
N GLY A 1 14.03 18.74 17.44
CA GLY A 1 13.91 18.70 15.99
C GLY A 1 12.83 17.75 15.53
N SER A 2 11.73 18.32 15.03
CA SER A 2 10.62 17.51 14.55
C SER A 2 10.60 17.46 13.03
N SER A 3 11.40 18.31 12.41
CA SER A 3 11.48 18.37 10.94
C SER A 3 12.73 17.66 10.44
N GLY A 4 12.84 17.53 9.13
CA GLY A 4 14.00 16.87 8.54
C GLY A 4 13.80 16.56 7.07
N SER A 5 13.92 17.59 6.23
CA SER A 5 13.74 17.42 4.79
C SER A 5 12.40 16.79 4.47
N SER A 6 11.49 17.59 3.91
CA SER A 6 10.16 17.11 3.56
C SER A 6 9.40 18.16 2.75
N GLY A 7 8.68 17.70 1.72
CA GLY A 7 7.92 18.62 0.89
C GLY A 7 6.43 18.40 1.02
N MET A 8 5.76 18.21 -0.11
CA MET A 8 4.32 18.00 -0.12
C MET A 8 3.93 16.86 0.81
N PRO A 9 2.78 17.00 1.48
CA PRO A 9 2.27 15.99 2.41
C PRO A 9 1.81 14.72 1.70
N THR A 10 1.42 13.72 2.49
CA THR A 10 0.97 12.45 1.93
C THR A 10 0.61 11.47 3.03
N ASN A 11 -0.29 10.54 2.72
CA ASN A 11 -0.71 9.53 3.69
C ASN A 11 -1.08 8.22 2.99
N CYS A 12 -1.26 7.16 3.78
CA CYS A 12 -1.61 5.86 3.24
C CYS A 12 -3.09 5.79 2.89
N ALA A 13 -3.41 5.03 1.85
CA ALA A 13 -4.79 4.88 1.42
C ALA A 13 -5.43 3.64 2.03
N ALA A 14 -4.60 2.64 2.33
CA ALA A 14 -5.08 1.41 2.92
C ALA A 14 -5.96 1.67 4.14
N ALA A 15 -6.83 0.72 4.45
CA ALA A 15 -7.73 0.86 5.59
C ALA A 15 -7.20 0.10 6.81
N GLY A 16 -7.37 0.68 7.98
CA GLY A 16 -6.90 0.04 9.20
C GLY A 16 -5.39 0.10 9.34
N CYS A 17 -4.76 1.04 8.65
CA CYS A 17 -3.31 1.19 8.69
C CYS A 17 -2.93 2.52 9.33
N ALA A 18 -2.99 3.59 8.54
CA ALA A 18 -2.66 4.92 9.03
C ALA A 18 -1.15 5.07 9.22
N THR A 19 -0.40 4.85 8.15
CA THR A 19 1.05 4.96 8.20
C THR A 19 1.54 6.25 7.55
N THR A 20 2.26 7.06 8.32
CA THR A 20 2.79 8.32 7.81
C THR A 20 4.12 8.66 8.46
N TYR A 21 4.09 8.92 9.76
CA TYR A 21 5.29 9.26 10.50
C TYR A 21 5.57 8.25 11.61
N ASN A 22 6.77 7.70 11.63
CA ASN A 22 7.15 6.72 12.63
C ASN A 22 8.65 6.80 12.93
N LYS A 23 9.06 6.17 14.03
CA LYS A 23 10.46 6.17 14.43
C LYS A 23 11.31 5.37 13.44
N HIS A 24 11.44 4.07 13.69
CA HIS A 24 12.23 3.19 12.82
C HIS A 24 11.35 2.61 11.71
N ILE A 25 10.96 3.46 10.77
CA ILE A 25 10.12 3.01 9.66
C ILE A 25 10.68 3.50 8.33
N ASN A 26 11.35 2.60 7.62
CA ASN A 26 11.94 2.93 6.32
C ASN A 26 11.04 2.48 5.18
N ILE A 27 9.83 2.05 5.53
CA ILE A 27 8.86 1.59 4.53
C ILE A 27 8.99 2.38 3.24
N SER A 28 8.71 1.73 2.12
CA SER A 28 8.79 2.38 0.81
C SER A 28 7.43 2.88 0.36
N PHE A 29 7.43 3.89 -0.49
CA PHE A 29 6.18 4.47 -1.00
C PHE A 29 5.84 3.90 -2.37
N HIS A 30 4.84 3.01 -2.40
CA HIS A 30 4.41 2.39 -3.65
C HIS A 30 3.07 2.97 -4.11
N ARG A 31 3.13 3.85 -5.09
CA ARG A 31 1.92 4.48 -5.62
C ARG A 31 1.07 3.47 -6.37
N PHE A 32 -0.14 3.88 -6.76
CA PHE A 32 -1.05 3.00 -7.49
C PHE A 32 -0.63 2.87 -8.95
N PRO A 33 -1.04 1.77 -9.58
CA PRO A 33 -0.73 1.49 -10.99
C PRO A 33 -1.45 2.43 -11.94
N LEU A 34 -0.70 3.08 -12.82
CA LEU A 34 -1.27 4.01 -13.79
C LEU A 34 -2.12 3.26 -14.82
N ASP A 35 -2.10 1.93 -14.74
CA ASP A 35 -2.88 1.11 -15.67
C ASP A 35 -4.29 0.87 -15.14
N PRO A 36 -5.26 0.82 -16.06
CA PRO A 36 -6.67 0.61 -15.72
C PRO A 36 -6.94 -0.81 -15.23
N LYS A 37 -6.08 -1.74 -15.64
CA LYS A 37 -6.22 -3.14 -15.24
C LYS A 37 -5.99 -3.31 -13.74
N ARG A 38 -4.84 -2.82 -13.27
CA ARG A 38 -4.49 -2.90 -11.86
C ARG A 38 -5.15 -1.78 -11.06
N ARG A 39 -5.17 -0.58 -11.64
CA ARG A 39 -5.77 0.57 -10.98
C ARG A 39 -7.02 0.17 -10.20
N LYS A 40 -7.90 -0.58 -10.85
CA LYS A 40 -9.14 -1.02 -10.22
C LYS A 40 -8.85 -2.06 -9.14
N GLU A 41 -7.85 -2.90 -9.39
CA GLU A 41 -7.47 -3.94 -8.44
C GLU A 41 -6.99 -3.32 -7.12
N TRP A 42 -5.90 -2.56 -7.19
CA TRP A 42 -5.35 -1.91 -6.01
C TRP A 42 -6.44 -1.23 -5.19
N VAL A 43 -7.47 -0.74 -5.87
CA VAL A 43 -8.58 -0.07 -5.21
C VAL A 43 -9.64 -1.07 -4.77
N ARG A 44 -9.79 -2.14 -5.55
CA ARG A 44 -10.76 -3.18 -5.24
C ARG A 44 -10.29 -4.06 -4.09
N LEU A 45 -8.98 -4.06 -3.85
CA LEU A 45 -8.41 -4.85 -2.77
C LEU A 45 -8.50 -4.12 -1.43
N VAL A 46 -8.10 -2.86 -1.43
CA VAL A 46 -8.15 -2.05 -0.21
C VAL A 46 -9.56 -2.02 0.37
N ARG A 47 -10.56 -2.24 -0.49
CA ARG A 47 -11.95 -2.25 -0.06
C ARG A 47 -12.44 -0.82 0.17
N ARG A 48 -11.53 0.14 0.07
CA ARG A 48 -11.86 1.55 0.27
C ARG A 48 -13.20 1.88 -0.38
N LYS A 49 -13.82 2.97 0.07
CA LYS A 49 -15.11 3.40 -0.46
C LYS A 49 -14.99 3.74 -1.95
N ASN A 50 -14.95 2.71 -2.79
CA ASN A 50 -14.84 2.91 -4.23
C ASN A 50 -13.98 4.12 -4.55
N PHE A 51 -12.96 4.36 -3.74
CA PHE A 51 -12.06 5.49 -3.93
C PHE A 51 -11.23 5.31 -5.20
N VAL A 52 -10.46 6.34 -5.54
CA VAL A 52 -9.61 6.30 -6.72
C VAL A 52 -8.31 7.06 -6.49
N PRO A 53 -7.22 6.57 -7.11
CA PRO A 53 -5.90 7.19 -6.99
C PRO A 53 -5.82 8.54 -7.70
N GLY A 54 -4.60 9.04 -7.87
CA GLY A 54 -4.42 10.32 -8.54
C GLY A 54 -4.00 11.42 -7.58
N LYS A 55 -3.10 11.08 -6.66
CA LYS A 55 -2.61 12.05 -5.67
C LYS A 55 -1.60 11.40 -4.73
N HIS A 56 -1.52 11.92 -3.52
CA HIS A 56 -0.59 11.39 -2.52
C HIS A 56 -0.91 9.94 -2.19
N THR A 57 -2.07 9.47 -2.65
CA THR A 57 -2.50 8.11 -2.41
C THR A 57 -1.35 7.12 -2.63
N PHE A 58 -0.93 6.46 -1.55
CA PHE A 58 0.15 5.50 -1.61
C PHE A 58 -0.06 4.36 -0.63
N LEU A 59 0.43 3.18 -0.98
CA LEU A 59 0.28 2.00 -0.13
C LEU A 59 1.64 1.53 0.38
N CYS A 60 1.71 1.26 1.68
CA CYS A 60 2.95 0.81 2.30
C CYS A 60 3.42 -0.50 1.67
N SER A 61 4.42 -1.12 2.29
CA SER A 61 4.97 -2.37 1.79
C SER A 61 4.44 -3.56 2.59
N LYS A 62 4.04 -3.29 3.83
CA LYS A 62 3.51 -4.34 4.71
C LYS A 62 2.22 -4.94 4.13
N HIS A 63 1.54 -4.15 3.31
CA HIS A 63 0.29 -4.60 2.69
C HIS A 63 0.56 -5.78 1.74
N PHE A 64 1.67 -5.71 1.02
CA PHE A 64 2.02 -6.76 0.08
C PHE A 64 2.84 -7.86 0.76
N GLU A 65 2.68 -9.08 0.30
CA GLU A 65 3.39 -10.22 0.87
C GLU A 65 4.90 -10.03 0.74
N ALA A 66 5.48 -10.64 -0.30
CA ALA A 66 6.90 -10.55 -0.54
C ALA A 66 7.23 -10.72 -2.02
N SER A 67 6.57 -11.69 -2.65
CA SER A 67 6.79 -11.96 -4.07
C SER A 67 6.31 -10.80 -4.93
N CYS A 68 5.59 -9.86 -4.30
CA CYS A 68 5.07 -8.71 -5.02
C CYS A 68 6.12 -7.61 -5.14
N PHE A 69 7.29 -7.86 -4.53
CA PHE A 69 8.39 -6.90 -4.56
C PHE A 69 9.51 -7.40 -5.47
N ASP A 70 10.56 -6.60 -5.59
CA ASP A 70 11.70 -6.94 -6.42
C ASP A 70 12.92 -7.30 -5.56
N LEU A 71 13.03 -8.58 -5.22
CA LEU A 71 14.14 -9.05 -4.40
C LEU A 71 15.43 -9.14 -5.23
N THR A 72 15.28 -9.52 -6.50
CA THR A 72 16.43 -9.65 -7.39
C THR A 72 16.79 -8.30 -8.01
N GLY A 73 16.76 -7.25 -7.18
CA GLY A 73 17.10 -5.93 -7.66
C GLY A 73 17.69 -5.05 -6.58
N GLN A 74 18.74 -5.55 -5.92
CA GLN A 74 19.41 -4.82 -4.87
C GLN A 74 18.49 -4.67 -3.65
N THR A 75 17.48 -3.81 -3.78
CA THR A 75 16.53 -3.59 -2.70
C THR A 75 15.14 -4.11 -3.06
N ARG A 76 14.25 -4.14 -2.07
CA ARG A 76 12.90 -4.62 -2.28
C ARG A 76 12.01 -3.51 -2.83
N ARG A 77 11.56 -3.68 -4.08
CA ARG A 77 10.71 -2.69 -4.72
C ARG A 77 9.42 -3.34 -5.23
N LEU A 78 8.29 -2.68 -4.98
CA LEU A 78 6.99 -3.19 -5.41
C LEU A 78 6.94 -3.31 -6.94
N LYS A 79 6.81 -4.54 -7.41
CA LYS A 79 6.74 -4.79 -8.85
C LYS A 79 5.49 -4.15 -9.46
N MET A 80 5.69 -3.38 -10.52
CA MET A 80 4.59 -2.71 -11.19
C MET A 80 3.53 -3.72 -11.65
N ASP A 81 3.89 -4.99 -11.62
CA ASP A 81 2.98 -6.06 -12.03
C ASP A 81 2.45 -6.82 -10.81
N ALA A 82 2.31 -6.12 -9.70
CA ALA A 82 1.82 -6.72 -8.47
C ALA A 82 0.62 -5.96 -7.92
N VAL A 83 -0.17 -6.64 -7.09
CA VAL A 83 -1.36 -6.02 -6.49
C VAL A 83 -1.47 -6.37 -5.01
N PRO A 84 -2.08 -5.46 -4.23
CA PRO A 84 -2.27 -5.66 -2.79
C PRO A 84 -3.28 -6.76 -2.48
N THR A 85 -2.78 -7.99 -2.35
CA THR A 85 -3.64 -9.13 -2.06
C THR A 85 -3.81 -9.31 -0.55
N ILE A 86 -3.69 -8.22 0.19
CA ILE A 86 -3.83 -8.26 1.64
C ILE A 86 -4.47 -6.98 2.17
N PHE A 87 -5.46 -7.14 3.05
CA PHE A 87 -6.16 -6.00 3.63
C PHE A 87 -7.05 -6.44 4.79
N ASP A 88 -7.62 -5.46 5.50
CA ASP A 88 -8.48 -5.75 6.63
C ASP A 88 -7.72 -6.51 7.72
N PHE A 89 -7.47 -5.84 8.83
CA PHE A 89 -6.76 -6.46 9.95
C PHE A 89 -7.25 -7.88 10.20
N CYS A 90 -6.35 -8.73 10.67
CA CYS A 90 -6.70 -10.12 10.95
C CYS A 90 -6.42 -10.47 12.41
N THR A 91 -6.27 -11.76 12.69
CA THR A 91 -6.01 -12.23 14.04
C THR A 91 -7.17 -11.88 14.98
N HIS A 92 -7.75 -12.91 15.60
CA HIS A 92 -8.87 -12.72 16.52
C HIS A 92 -10.16 -12.46 15.76
N ILE A 93 -11.09 -13.40 15.85
CA ILE A 93 -12.38 -13.27 15.18
C ILE A 93 -13.37 -12.47 16.02
N SER A 94 -13.98 -11.45 15.41
CA SER A 94 -14.95 -10.63 16.11
C SER A 94 -16.13 -11.45 16.60
N GLY A 95 -16.29 -12.64 16.02
CA GLY A 95 -17.37 -13.51 16.41
C GLY A 95 -18.11 -14.09 15.21
N PRO A 96 -19.00 -13.28 14.62
CA PRO A 96 -19.78 -13.70 13.44
C PRO A 96 -18.92 -13.85 12.19
N SER A 97 -19.25 -14.85 11.38
CA SER A 97 -18.50 -15.10 10.15
C SER A 97 -18.88 -16.46 9.56
N SER A 98 -18.42 -17.53 10.20
CA SER A 98 -18.70 -18.88 9.74
C SER A 98 -18.29 -19.06 8.28
N GLY A 99 -17.32 -18.25 7.85
CA GLY A 99 -16.86 -18.33 6.47
C GLY A 99 -15.43 -18.82 6.37
N GLY A 1 16.50 23.17 9.18
CA GLY A 1 16.97 24.05 8.13
C GLY A 1 16.19 25.34 8.04
N SER A 2 15.77 25.69 6.83
CA SER A 2 15.00 26.92 6.61
C SER A 2 13.90 26.70 5.58
N SER A 3 14.26 26.01 4.49
CA SER A 3 13.30 25.73 3.42
C SER A 3 12.29 24.68 3.85
N GLY A 4 12.75 23.71 4.64
CA GLY A 4 11.87 22.66 5.11
C GLY A 4 12.29 21.28 4.63
N SER A 5 11.41 20.30 4.77
CA SER A 5 11.71 18.94 4.35
C SER A 5 10.64 18.43 3.38
N SER A 6 11.00 18.39 2.10
CA SER A 6 10.07 17.92 1.07
C SER A 6 9.47 16.57 1.45
N GLY A 7 8.19 16.38 1.14
CA GLY A 7 7.53 15.14 1.46
C GLY A 7 6.16 15.35 2.08
N MET A 8 6.12 16.15 3.14
CA MET A 8 4.88 16.44 3.84
C MET A 8 4.31 15.18 4.48
N PRO A 9 3.49 15.36 5.52
CA PRO A 9 2.87 14.25 6.25
C PRO A 9 1.82 13.53 5.42
N THR A 10 2.24 12.51 4.68
CA THR A 10 1.34 11.74 3.85
C THR A 10 0.78 10.53 4.59
N ASN A 11 -0.51 10.26 4.40
CA ASN A 11 -1.16 9.12 5.06
C ASN A 11 -1.24 7.92 4.12
N CYS A 12 -1.80 6.83 4.62
CA CYS A 12 -1.93 5.61 3.83
C CYS A 12 -3.38 5.43 3.39
N ALA A 13 -3.58 5.21 2.09
CA ALA A 13 -4.91 5.02 1.53
C ALA A 13 -5.64 3.90 2.26
N ALA A 14 -4.97 2.77 2.45
CA ALA A 14 -5.57 1.64 3.13
C ALA A 14 -6.46 2.09 4.28
N ALA A 15 -7.78 1.95 4.09
CA ALA A 15 -8.74 2.34 5.11
C ALA A 15 -8.39 1.74 6.46
N GLY A 16 -8.03 0.46 6.46
CA GLY A 16 -7.67 -0.21 7.70
C GLY A 16 -6.20 -0.07 8.03
N CYS A 17 -5.71 1.16 8.03
CA CYS A 17 -4.30 1.42 8.33
C CYS A 17 -4.12 2.81 8.93
N ALA A 18 -3.01 3.00 9.62
CA ALA A 18 -2.71 4.29 10.26
C ALA A 18 -1.22 4.60 10.19
N THR A 19 -0.59 4.23 9.07
CA THR A 19 0.84 4.47 8.88
C THR A 19 1.09 5.86 8.32
N THR A 20 1.82 6.68 9.07
CA THR A 20 2.13 8.04 8.63
C THR A 20 3.62 8.34 8.80
N TYR A 21 4.04 8.50 10.05
CA TYR A 21 5.44 8.80 10.34
C TYR A 21 5.76 8.48 11.80
N ASN A 22 6.32 7.30 12.03
CA ASN A 22 6.69 6.88 13.39
C ASN A 22 8.18 7.09 13.64
N LYS A 23 8.78 8.01 12.88
CA LYS A 23 10.20 8.30 13.02
C LYS A 23 11.05 7.08 12.71
N HIS A 24 11.16 6.18 13.68
CA HIS A 24 11.95 4.97 13.51
C HIS A 24 11.59 4.27 12.19
N ILE A 25 10.32 3.92 12.04
CA ILE A 25 9.85 3.25 10.84
C ILE A 25 10.49 3.85 9.59
N ASN A 26 10.53 3.07 8.51
CA ASN A 26 11.12 3.53 7.26
C ASN A 26 10.40 2.91 6.07
N ILE A 27 9.19 2.41 6.30
CA ILE A 27 8.40 1.79 5.25
C ILE A 27 8.47 2.60 3.95
N SER A 28 8.70 1.91 2.84
CA SER A 28 8.79 2.57 1.54
C SER A 28 7.41 2.94 1.02
N PHE A 29 7.37 3.97 0.17
CA PHE A 29 6.10 4.42 -0.41
C PHE A 29 5.95 3.94 -1.84
N HIS A 30 4.97 3.06 -2.06
CA HIS A 30 4.72 2.52 -3.38
C HIS A 30 3.39 3.04 -3.94
N ARG A 31 3.47 4.00 -4.86
CA ARG A 31 2.29 4.58 -5.47
C ARG A 31 1.46 3.51 -6.17
N PHE A 32 0.25 3.89 -6.58
CA PHE A 32 -0.65 2.97 -7.26
C PHE A 32 -0.14 2.64 -8.66
N PRO A 33 -0.55 1.48 -9.18
CA PRO A 33 -0.16 1.02 -10.52
C PRO A 33 -0.76 1.87 -11.63
N LEU A 34 0.04 2.18 -12.65
CA LEU A 34 -0.42 2.99 -13.76
C LEU A 34 -1.29 2.16 -14.71
N ASP A 35 -1.29 0.85 -14.50
CA ASP A 35 -2.08 -0.06 -15.32
C ASP A 35 -3.53 -0.11 -14.85
N PRO A 36 -4.46 -0.27 -15.81
CA PRO A 36 -5.90 -0.34 -15.50
C PRO A 36 -6.27 -1.62 -14.77
N LYS A 37 -5.65 -2.73 -15.16
CA LYS A 37 -5.91 -4.03 -14.54
C LYS A 37 -5.64 -3.96 -13.04
N ARG A 38 -4.51 -3.38 -12.67
CA ARG A 38 -4.13 -3.26 -11.27
C ARG A 38 -4.80 -2.06 -10.61
N ARG A 39 -4.68 -0.91 -11.26
CA ARG A 39 -5.28 0.32 -10.74
C ARG A 39 -6.64 0.05 -10.11
N LYS A 40 -7.52 -0.58 -10.88
CA LYS A 40 -8.87 -0.91 -10.40
C LYS A 40 -8.79 -1.89 -9.23
N GLU A 41 -7.82 -2.79 -9.27
CA GLU A 41 -7.64 -3.78 -8.22
C GLU A 41 -7.23 -3.12 -6.91
N TRP A 42 -6.10 -2.43 -6.93
CA TRP A 42 -5.59 -1.75 -5.75
C TRP A 42 -6.72 -1.01 -5.03
N VAL A 43 -7.54 -0.30 -5.80
CA VAL A 43 -8.66 0.46 -5.23
C VAL A 43 -9.78 -0.48 -4.78
N ARG A 44 -9.97 -1.57 -5.53
CA ARG A 44 -11.01 -2.53 -5.21
C ARG A 44 -10.64 -3.34 -3.98
N LEU A 45 -9.34 -3.42 -3.69
CA LEU A 45 -8.85 -4.16 -2.53
C LEU A 45 -8.88 -3.30 -1.27
N VAL A 46 -8.30 -2.11 -1.37
CA VAL A 46 -8.26 -1.18 -0.24
C VAL A 46 -9.67 -0.87 0.26
N ARG A 47 -10.63 -0.85 -0.66
CA ARG A 47 -12.01 -0.56 -0.30
C ARG A 47 -12.11 0.68 0.56
N ARG A 48 -11.84 1.84 -0.04
CA ARG A 48 -11.89 3.10 0.69
C ARG A 48 -13.29 3.73 0.58
N LYS A 49 -13.75 3.95 -0.64
CA LYS A 49 -15.06 4.54 -0.87
C LYS A 49 -15.21 4.98 -2.33
N ASN A 50 -15.40 4.00 -3.22
CA ASN A 50 -15.55 4.29 -4.64
C ASN A 50 -14.63 5.42 -5.07
N PHE A 51 -13.40 5.42 -4.54
CA PHE A 51 -12.42 6.44 -4.88
C PHE A 51 -11.52 5.98 -6.01
N VAL A 52 -10.63 6.87 -6.45
CA VAL A 52 -9.70 6.55 -7.53
C VAL A 52 -8.39 7.31 -7.37
N PRO A 53 -7.28 6.68 -7.81
CA PRO A 53 -5.96 7.27 -7.72
C PRO A 53 -5.77 8.45 -8.68
N GLY A 54 -4.71 9.20 -8.48
CA GLY A 54 -4.44 10.34 -9.34
C GLY A 54 -3.97 11.56 -8.56
N LYS A 55 -3.17 11.33 -7.53
CA LYS A 55 -2.66 12.41 -6.70
C LYS A 55 -1.39 11.97 -5.97
N HIS A 56 -1.55 11.49 -4.74
CA HIS A 56 -0.43 11.03 -3.95
C HIS A 56 -0.73 9.68 -3.28
N THR A 57 -1.91 9.16 -3.56
CA THR A 57 -2.33 7.88 -2.99
C THR A 57 -1.17 6.88 -2.97
N PHE A 58 -0.86 6.36 -1.79
CA PHE A 58 0.22 5.41 -1.64
C PHE A 58 -0.16 4.30 -0.66
N LEU A 59 0.62 3.22 -0.65
CA LEU A 59 0.37 2.10 0.25
C LEU A 59 1.67 1.58 0.85
N CYS A 60 1.61 1.21 2.13
CA CYS A 60 2.79 0.70 2.82
C CYS A 60 3.31 -0.57 2.15
N SER A 61 4.55 -0.94 2.47
CA SER A 61 5.16 -2.13 1.90
C SER A 61 4.90 -3.35 2.77
N LYS A 62 4.29 -3.13 3.92
CA LYS A 62 3.98 -4.21 4.86
C LYS A 62 2.79 -5.02 4.37
N HIS A 63 1.90 -4.37 3.62
CA HIS A 63 0.72 -5.04 3.09
C HIS A 63 1.10 -6.14 2.10
N PHE A 64 2.03 -5.82 1.21
CA PHE A 64 2.49 -6.77 0.20
C PHE A 64 3.45 -7.79 0.82
N GLU A 65 3.35 -9.04 0.37
CA GLU A 65 4.21 -10.10 0.88
C GLU A 65 5.65 -9.90 0.41
N ALA A 66 6.03 -10.59 -0.66
CA ALA A 66 7.38 -10.50 -1.20
C ALA A 66 7.37 -10.68 -2.71
N SER A 67 6.50 -11.55 -3.20
CA SER A 67 6.40 -11.82 -4.63
C SER A 67 5.88 -10.59 -5.38
N CYS A 68 5.43 -9.60 -4.62
CA CYS A 68 4.91 -8.36 -5.21
C CYS A 68 6.03 -7.35 -5.42
N PHE A 69 7.21 -7.65 -4.90
CA PHE A 69 8.35 -6.76 -5.03
C PHE A 69 9.42 -7.38 -5.94
N ASP A 70 10.43 -6.59 -6.26
CA ASP A 70 11.51 -7.05 -7.13
C ASP A 70 12.77 -7.34 -6.32
N LEU A 71 12.95 -8.61 -5.96
CA LEU A 71 14.11 -9.02 -5.17
C LEU A 71 15.04 -9.90 -6.00
N THR A 72 14.45 -10.73 -6.86
CA THR A 72 15.22 -11.63 -7.71
C THR A 72 16.05 -10.86 -8.72
N GLY A 73 15.79 -9.55 -8.82
CA GLY A 73 16.53 -8.72 -9.75
C GLY A 73 17.39 -7.69 -9.05
N GLN A 74 16.76 -6.65 -8.50
CA GLN A 74 17.48 -5.60 -7.80
C GLN A 74 16.84 -5.30 -6.45
N THR A 75 16.99 -4.07 -5.99
CA THR A 75 16.42 -3.66 -4.71
C THR A 75 14.93 -3.94 -4.66
N ARG A 76 14.44 -4.29 -3.46
CA ARG A 76 13.02 -4.59 -3.28
C ARG A 76 12.15 -3.48 -3.86
N ARG A 77 11.67 -3.68 -5.08
CA ARG A 77 10.83 -2.70 -5.74
C ARG A 77 9.47 -3.30 -6.09
N LEU A 78 8.40 -2.59 -5.76
CA LEU A 78 7.05 -3.05 -6.05
C LEU A 78 6.75 -2.97 -7.54
N LYS A 79 6.43 -4.10 -8.14
CA LYS A 79 6.12 -4.17 -9.56
C LYS A 79 4.74 -3.58 -9.84
N MET A 80 4.65 -2.76 -10.89
CA MET A 80 3.39 -2.13 -11.26
C MET A 80 2.31 -3.18 -11.51
N ASP A 81 2.75 -4.40 -11.81
CA ASP A 81 1.82 -5.50 -12.08
C ASP A 81 1.55 -6.30 -10.80
N ALA A 82 1.91 -5.73 -9.66
CA ALA A 82 1.71 -6.39 -8.39
C ALA A 82 0.57 -5.75 -7.61
N VAL A 83 -0.32 -6.58 -7.06
CA VAL A 83 -1.45 -6.09 -6.30
C VAL A 83 -1.41 -6.62 -4.87
N PRO A 84 -1.99 -5.83 -3.94
CA PRO A 84 -2.04 -6.20 -2.52
C PRO A 84 -2.96 -7.38 -2.24
N THR A 85 -2.48 -8.58 -2.55
CA THR A 85 -3.27 -9.79 -2.35
C THR A 85 -3.21 -10.24 -0.89
N ILE A 86 -3.35 -9.29 0.02
CA ILE A 86 -3.30 -9.59 1.45
C ILE A 86 -4.36 -8.78 2.21
N PHE A 87 -4.00 -7.55 2.57
CA PHE A 87 -4.91 -6.68 3.30
C PHE A 87 -5.59 -7.43 4.44
N ASP A 88 -4.90 -7.54 5.57
CA ASP A 88 -5.44 -8.23 6.73
C ASP A 88 -5.52 -7.30 7.93
N PHE A 89 -5.63 -7.88 9.13
CA PHE A 89 -5.71 -7.10 10.34
C PHE A 89 -4.60 -7.48 11.33
N CYS A 90 -3.51 -6.72 11.30
CA CYS A 90 -2.38 -6.98 12.19
C CYS A 90 -2.13 -5.82 13.13
N THR A 91 -1.18 -5.98 14.04
CA THR A 91 -0.86 -4.93 15.00
C THR A 91 0.42 -5.27 15.76
N HIS A 92 1.34 -5.96 15.10
CA HIS A 92 2.61 -6.33 15.71
C HIS A 92 3.47 -5.11 15.99
N ILE A 93 3.08 -4.35 17.02
CA ILE A 93 3.80 -3.15 17.40
C ILE A 93 4.62 -3.39 18.67
N SER A 94 5.73 -4.11 18.54
CA SER A 94 6.59 -4.40 19.68
C SER A 94 7.89 -3.61 19.59
N GLY A 95 8.66 -3.86 18.53
CA GLY A 95 9.92 -3.15 18.36
C GLY A 95 11.07 -3.83 19.09
N PRO A 96 11.59 -4.91 18.50
CA PRO A 96 12.70 -5.67 19.08
C PRO A 96 14.01 -4.89 19.05
N SER A 97 14.07 -3.81 19.82
CA SER A 97 15.27 -2.98 19.87
C SER A 97 15.82 -2.91 21.29
N SER A 98 17.12 -2.62 21.41
CA SER A 98 17.76 -2.52 22.71
C SER A 98 17.87 -1.07 23.16
N GLY A 99 18.18 -0.19 22.21
CA GLY A 99 18.31 1.22 22.52
C GLY A 99 19.75 1.68 22.50
N GLY A 1 12.52 8.20 -7.43
CA GLY A 1 11.38 8.93 -7.95
C GLY A 1 11.60 9.40 -9.38
N SER A 2 10.70 10.26 -9.86
CA SER A 2 10.80 10.77 -11.22
C SER A 2 10.46 12.26 -11.26
N SER A 3 10.26 12.85 -10.08
CA SER A 3 9.92 14.26 -9.98
C SER A 3 8.59 14.55 -10.68
N GLY A 4 7.57 13.79 -10.33
CA GLY A 4 6.25 13.98 -10.92
C GLY A 4 5.20 14.38 -9.91
N SER A 5 5.64 14.85 -8.75
CA SER A 5 4.72 15.26 -7.69
C SER A 5 5.43 16.17 -6.68
N SER A 6 4.67 17.06 -6.06
CA SER A 6 5.21 18.00 -5.09
C SER A 6 4.60 17.76 -3.71
N GLY A 7 3.36 17.26 -3.70
CA GLY A 7 2.67 17.00 -2.45
C GLY A 7 3.11 15.68 -1.82
N MET A 8 3.39 15.73 -0.52
CA MET A 8 3.82 14.53 0.20
C MET A 8 2.63 13.84 0.88
N PRO A 9 2.72 12.52 1.04
CA PRO A 9 1.67 11.72 1.67
C PRO A 9 1.54 12.00 3.16
N THR A 10 0.31 12.12 3.64
CA THR A 10 0.06 12.39 5.05
C THR A 10 -0.80 11.29 5.66
N ASN A 11 -1.15 10.28 4.86
CA ASN A 11 -1.98 9.18 5.34
C ASN A 11 -2.00 8.05 4.31
N CYS A 12 -2.23 6.83 4.80
CA CYS A 12 -2.28 5.66 3.92
C CYS A 12 -3.68 5.46 3.36
N ALA A 13 -3.77 5.37 2.03
CA ALA A 13 -5.05 5.17 1.36
C ALA A 13 -5.79 3.98 1.94
N ALA A 14 -5.05 3.04 2.52
CA ALA A 14 -5.65 1.85 3.12
C ALA A 14 -6.63 2.22 4.22
N ALA A 15 -7.91 2.13 3.91
CA ALA A 15 -8.96 2.45 4.87
C ALA A 15 -8.65 1.84 6.23
N GLY A 16 -7.95 0.72 6.23
CA GLY A 16 -7.60 0.05 7.47
C GLY A 16 -6.10 0.06 7.74
N CYS A 17 -5.59 1.22 8.14
CA CYS A 17 -4.16 1.36 8.43
C CYS A 17 -3.91 2.52 9.38
N ALA A 18 -2.74 2.51 10.02
CA ALA A 18 -2.37 3.57 10.95
C ALA A 18 -1.04 4.20 10.58
N THR A 19 -0.66 4.07 9.31
CA THR A 19 0.59 4.63 8.81
C THR A 19 0.36 5.98 8.15
N THR A 20 0.83 7.04 8.80
CA THR A 20 0.67 8.39 8.28
C THR A 20 2.03 9.04 8.04
N TYR A 21 2.86 9.05 9.08
CA TYR A 21 4.19 9.65 8.98
C TYR A 21 5.15 9.03 9.99
N ASN A 22 4.91 9.30 11.27
CA ASN A 22 5.74 8.75 12.34
C ASN A 22 7.11 9.42 12.34
N LYS A 23 7.90 9.13 13.36
CA LYS A 23 9.24 9.69 13.49
C LYS A 23 10.31 8.63 13.24
N HIS A 24 10.03 7.40 13.67
CA HIS A 24 10.96 6.29 13.48
C HIS A 24 10.38 5.23 12.56
N ILE A 25 10.07 5.64 11.32
CA ILE A 25 9.51 4.73 10.34
C ILE A 25 10.51 4.45 9.22
N ASN A 26 10.45 3.25 8.65
CA ASN A 26 11.34 2.86 7.57
C ASN A 26 10.55 2.38 6.35
N ILE A 27 9.25 2.17 6.54
CA ILE A 27 8.39 1.72 5.47
C ILE A 27 8.57 2.56 4.21
N SER A 28 8.48 1.92 3.06
CA SER A 28 8.64 2.60 1.78
C SER A 28 7.31 3.19 1.30
N PHE A 29 7.33 3.78 0.11
CA PHE A 29 6.12 4.36 -0.47
C PHE A 29 5.92 3.89 -1.90
N HIS A 30 4.92 3.03 -2.10
CA HIS A 30 4.63 2.50 -3.42
C HIS A 30 3.26 2.98 -3.90
N ARG A 31 3.27 3.99 -4.77
CA ARG A 31 2.03 4.54 -5.31
C ARG A 31 1.23 3.47 -6.04
N PHE A 32 0.07 3.87 -6.57
CA PHE A 32 -0.79 2.94 -7.30
C PHE A 32 -0.22 2.63 -8.68
N PRO A 33 -0.57 1.45 -9.21
CA PRO A 33 -0.10 1.01 -10.53
C PRO A 33 -0.73 1.82 -11.67
N LEU A 34 0.10 2.20 -12.64
CA LEU A 34 -0.37 2.98 -13.78
C LEU A 34 -1.26 2.14 -14.68
N ASP A 35 -1.17 0.81 -14.53
CA ASP A 35 -1.97 -0.11 -15.33
C ASP A 35 -3.40 -0.15 -14.82
N PRO A 36 -4.36 -0.30 -15.76
CA PRO A 36 -5.78 -0.37 -15.43
C PRO A 36 -6.16 -1.65 -14.72
N LYS A 37 -5.52 -2.76 -15.11
CA LYS A 37 -5.78 -4.06 -14.50
C LYS A 37 -5.53 -4.01 -12.99
N ARG A 38 -4.41 -3.42 -12.59
CA ARG A 38 -4.07 -3.30 -11.19
C ARG A 38 -4.69 -2.05 -10.57
N ARG A 39 -4.53 -0.92 -11.24
CA ARG A 39 -5.07 0.34 -10.76
C ARG A 39 -6.44 0.13 -10.11
N LYS A 40 -7.36 -0.46 -10.86
CA LYS A 40 -8.71 -0.72 -10.36
C LYS A 40 -8.67 -1.69 -9.18
N GLU A 41 -7.81 -2.70 -9.28
CA GLU A 41 -7.68 -3.69 -8.22
C GLU A 41 -7.29 -3.03 -6.90
N TRP A 42 -6.14 -2.39 -6.88
CA TRP A 42 -5.66 -1.71 -5.67
C TRP A 42 -6.80 -0.99 -4.96
N VAL A 43 -7.61 -0.27 -5.74
CA VAL A 43 -8.75 0.47 -5.18
C VAL A 43 -9.87 -0.49 -4.76
N ARG A 44 -9.95 -1.63 -5.43
CA ARG A 44 -10.98 -2.62 -5.13
C ARG A 44 -10.60 -3.42 -3.89
N LEU A 45 -9.31 -3.53 -3.63
CA LEU A 45 -8.81 -4.28 -2.47
C LEU A 45 -8.89 -3.42 -1.20
N VAL A 46 -8.42 -2.19 -1.30
CA VAL A 46 -8.43 -1.27 -0.17
C VAL A 46 -9.84 -1.09 0.37
N ARG A 47 -10.84 -1.33 -0.48
CA ARG A 47 -12.23 -1.20 -0.09
C ARG A 47 -12.57 0.26 0.20
N ARG A 48 -12.60 1.08 -0.85
CA ARG A 48 -12.91 2.49 -0.71
C ARG A 48 -14.02 2.91 -1.67
N LYS A 49 -14.63 4.05 -1.40
CA LYS A 49 -15.71 4.57 -2.24
C LYS A 49 -15.24 4.76 -3.68
N ASN A 50 -15.87 5.70 -4.37
CA ASN A 50 -15.51 5.99 -5.76
C ASN A 50 -14.24 6.82 -5.84
N PHE A 51 -13.20 6.38 -5.13
CA PHE A 51 -11.93 7.09 -5.12
C PHE A 51 -10.98 6.53 -6.18
N VAL A 52 -10.22 7.42 -6.80
CA VAL A 52 -9.27 7.02 -7.84
C VAL A 52 -7.87 7.58 -7.54
N PRO A 53 -6.85 6.79 -7.89
CA PRO A 53 -5.45 7.18 -7.67
C PRO A 53 -5.02 8.33 -8.59
N GLY A 54 -3.71 8.56 -8.66
CA GLY A 54 -3.20 9.63 -9.50
C GLY A 54 -2.69 10.81 -8.69
N LYS A 55 -2.42 10.57 -7.41
CA LYS A 55 -1.93 11.63 -6.52
C LYS A 55 -1.00 11.06 -5.46
N HIS A 56 -0.88 11.76 -4.34
CA HIS A 56 -0.01 11.33 -3.25
C HIS A 56 -0.44 9.96 -2.75
N THR A 57 -1.64 9.52 -3.14
CA THR A 57 -2.15 8.23 -2.73
C THR A 57 -1.09 7.14 -2.83
N PHE A 58 -0.70 6.59 -1.68
CA PHE A 58 0.31 5.55 -1.63
C PHE A 58 -0.07 4.46 -0.63
N LEU A 59 0.54 3.29 -0.78
CA LEU A 59 0.27 2.17 0.11
C LEU A 59 1.56 1.66 0.74
N CYS A 60 1.49 1.31 2.02
CA CYS A 60 2.65 0.81 2.75
C CYS A 60 3.12 -0.52 2.15
N SER A 61 4.29 -0.98 2.58
CA SER A 61 4.85 -2.23 2.10
C SER A 61 4.41 -3.40 2.97
N LYS A 62 4.23 -3.14 4.26
CA LYS A 62 3.81 -4.16 5.20
C LYS A 62 2.70 -5.02 4.61
N HIS A 63 1.75 -4.37 3.94
CA HIS A 63 0.63 -5.07 3.33
C HIS A 63 1.13 -6.15 2.37
N PHE A 64 1.93 -5.75 1.40
CA PHE A 64 2.48 -6.69 0.41
C PHE A 64 3.48 -7.64 1.07
N GLU A 65 3.74 -8.76 0.40
CA GLU A 65 4.67 -9.75 0.92
C GLU A 65 6.06 -9.56 0.31
N ALA A 66 6.37 -10.33 -0.73
CA ALA A 66 7.65 -10.24 -1.40
C ALA A 66 7.52 -10.52 -2.89
N SER A 67 6.69 -11.50 -3.23
CA SER A 67 6.47 -11.86 -4.63
C SER A 67 5.89 -10.69 -5.42
N CYS A 68 5.45 -9.67 -4.70
CA CYS A 68 4.87 -8.49 -5.32
C CYS A 68 5.93 -7.42 -5.56
N PHE A 69 7.17 -7.72 -5.19
CA PHE A 69 8.27 -6.79 -5.35
C PHE A 69 9.35 -7.37 -6.26
N ASP A 70 10.46 -6.65 -6.40
CA ASP A 70 11.56 -7.10 -7.24
C ASP A 70 12.71 -7.64 -6.39
N LEU A 71 12.56 -8.87 -5.93
CA LEU A 71 13.58 -9.51 -5.11
C LEU A 71 14.80 -9.88 -5.94
N THR A 72 14.57 -10.23 -7.21
CA THR A 72 15.65 -10.60 -8.11
C THR A 72 16.37 -9.36 -8.63
N GLY A 73 15.94 -8.18 -8.17
CA GLY A 73 16.56 -6.95 -8.61
C GLY A 73 17.45 -6.35 -7.54
N GLN A 74 18.21 -5.32 -7.91
CA GLN A 74 19.12 -4.66 -6.98
C GLN A 74 18.48 -4.51 -5.61
N THR A 75 17.19 -4.13 -5.59
CA THR A 75 16.46 -3.95 -4.35
C THR A 75 14.99 -4.31 -4.52
N ARG A 76 14.28 -4.43 -3.40
CA ARG A 76 12.86 -4.78 -3.42
C ARG A 76 12.05 -3.65 -4.07
N ARG A 77 11.70 -3.84 -5.34
CA ARG A 77 10.93 -2.85 -6.07
C ARG A 77 9.55 -3.38 -6.41
N LEU A 78 8.52 -2.61 -6.05
CA LEU A 78 7.14 -3.00 -6.32
C LEU A 78 6.86 -3.06 -7.81
N LYS A 79 6.48 -4.25 -8.30
CA LYS A 79 6.18 -4.44 -9.71
C LYS A 79 4.88 -3.74 -10.09
N MET A 80 4.88 -3.07 -11.24
CA MET A 80 3.69 -2.37 -11.71
C MET A 80 2.53 -3.33 -11.91
N ASP A 81 2.84 -4.63 -11.90
CA ASP A 81 1.81 -5.65 -12.08
C ASP A 81 1.58 -6.42 -10.78
N ALA A 82 1.89 -5.79 -9.66
CA ALA A 82 1.71 -6.41 -8.35
C ALA A 82 0.59 -5.74 -7.57
N VAL A 83 -0.33 -6.55 -7.05
CA VAL A 83 -1.45 -6.04 -6.28
C VAL A 83 -1.42 -6.56 -4.85
N PRO A 84 -1.98 -5.77 -3.92
CA PRO A 84 -2.03 -6.12 -2.50
C PRO A 84 -2.97 -7.28 -2.23
N THR A 85 -2.48 -8.50 -2.43
CA THR A 85 -3.29 -9.70 -2.20
C THR A 85 -3.18 -10.16 -0.75
N ILE A 86 -3.01 -9.20 0.16
CA ILE A 86 -2.91 -9.52 1.57
C ILE A 86 -3.87 -8.67 2.40
N PHE A 87 -3.49 -7.43 2.66
CA PHE A 87 -4.33 -6.52 3.43
C PHE A 87 -4.71 -7.14 4.77
N ASP A 88 -5.57 -6.44 5.52
CA ASP A 88 -6.03 -6.93 6.81
C ASP A 88 -7.54 -7.03 6.86
N PHE A 89 -8.17 -6.96 5.69
CA PHE A 89 -9.62 -7.04 5.59
C PHE A 89 -10.04 -8.02 4.50
N CYS A 90 -11.35 -8.18 4.32
CA CYS A 90 -11.88 -9.08 3.31
C CYS A 90 -11.52 -10.53 3.63
N THR A 91 -12.10 -11.46 2.88
CA THR A 91 -11.82 -12.88 3.08
C THR A 91 -10.36 -13.13 3.43
N HIS A 92 -10.10 -13.35 4.71
CA HIS A 92 -8.74 -13.60 5.19
C HIS A 92 -8.64 -14.96 5.88
N ILE A 93 -9.20 -15.04 7.08
CA ILE A 93 -9.17 -16.29 7.84
C ILE A 93 -10.57 -16.69 8.27
N SER A 94 -11.57 -16.29 7.48
CA SER A 94 -12.96 -16.61 7.79
C SER A 94 -13.23 -16.51 9.29
N GLY A 95 -13.56 -15.31 9.75
CA GLY A 95 -13.83 -15.10 11.15
C GLY A 95 -15.23 -14.56 11.39
N PRO A 96 -15.56 -14.31 12.67
CA PRO A 96 -16.88 -13.78 13.06
C PRO A 96 -17.08 -12.33 12.62
N SER A 97 -18.21 -11.75 12.99
CA SER A 97 -18.53 -10.38 12.63
C SER A 97 -18.84 -10.27 11.15
N SER A 98 -19.99 -10.81 10.75
CA SER A 98 -20.42 -10.77 9.36
C SER A 98 -21.87 -10.32 9.23
N GLY A 99 -22.07 -9.04 8.93
CA GLY A 99 -23.41 -8.51 8.80
C GLY A 99 -24.13 -8.39 10.13
N GLY A 1 11.54 24.64 -8.12
CA GLY A 1 10.24 24.03 -8.35
C GLY A 1 10.34 22.66 -9.00
N SER A 2 9.32 22.29 -9.75
CA SER A 2 9.29 20.99 -10.42
C SER A 2 9.90 19.91 -9.53
N SER A 3 9.75 20.07 -8.23
CA SER A 3 10.27 19.11 -7.28
C SER A 3 9.17 18.17 -6.77
N GLY A 4 9.26 16.91 -7.15
CA GLY A 4 8.27 15.93 -6.74
C GLY A 4 7.89 16.08 -5.29
N SER A 5 6.82 16.83 -5.03
CA SER A 5 6.35 17.06 -3.67
C SER A 5 5.76 15.78 -3.07
N SER A 6 6.64 14.86 -2.70
CA SER A 6 6.21 13.59 -2.12
C SER A 6 6.93 13.32 -0.81
N GLY A 7 7.86 14.20 -0.46
CA GLY A 7 8.61 14.04 0.78
C GLY A 7 7.75 14.21 2.01
N MET A 8 6.69 14.99 1.89
CA MET A 8 5.78 15.24 2.99
C MET A 8 5.26 13.92 3.57
N PRO A 9 4.98 13.92 4.88
CA PRO A 9 4.48 12.74 5.58
C PRO A 9 3.04 12.39 5.17
N THR A 10 2.89 11.87 3.96
CA THR A 10 1.57 11.49 3.46
C THR A 10 1.04 10.25 4.17
N ASN A 11 -0.28 10.20 4.35
CA ASN A 11 -0.92 9.07 5.02
C ASN A 11 -1.12 7.91 4.05
N CYS A 12 -1.47 6.75 4.59
CA CYS A 12 -1.69 5.56 3.78
C CYS A 12 -3.14 5.48 3.33
N ALA A 13 -3.35 5.24 2.03
CA ALA A 13 -4.68 5.13 1.47
C ALA A 13 -5.48 4.02 2.14
N ALA A 14 -4.83 2.88 2.35
CA ALA A 14 -5.48 1.74 2.98
C ALA A 14 -6.47 2.19 4.04
N ALA A 15 -7.64 1.55 4.07
CA ALA A 15 -8.68 1.89 5.03
C ALA A 15 -8.52 1.07 6.30
N GLY A 16 -8.05 1.72 7.36
CA GLY A 16 -7.86 1.04 8.63
C GLY A 16 -6.40 0.93 9.01
N CYS A 17 -5.51 1.36 8.12
CA CYS A 17 -4.08 1.31 8.38
C CYS A 17 -3.61 2.55 9.12
N ALA A 18 -2.60 2.38 9.98
CA ALA A 18 -2.06 3.49 10.74
C ALA A 18 -0.58 3.68 10.47
N THR A 19 -0.26 4.02 9.22
CA THR A 19 1.13 4.23 8.83
C THR A 19 1.36 5.68 8.41
N THR A 20 2.10 6.41 9.24
CA THR A 20 2.40 7.81 8.96
C THR A 20 3.81 8.17 9.44
N TYR A 21 4.01 8.14 10.75
CA TYR A 21 5.30 8.46 11.34
C TYR A 21 5.89 7.25 12.06
N ASN A 22 5.24 6.84 13.14
CA ASN A 22 5.69 5.70 13.92
C ASN A 22 7.11 5.93 14.43
N LYS A 23 7.54 5.10 15.39
CA LYS A 23 8.87 5.21 15.95
C LYS A 23 9.92 5.41 14.86
N HIS A 24 10.38 4.31 14.29
CA HIS A 24 11.38 4.36 13.22
C HIS A 24 10.76 3.98 11.88
N ILE A 25 10.63 2.68 11.64
CA ILE A 25 10.07 2.19 10.39
C ILE A 25 10.85 2.69 9.19
N ASN A 26 10.83 1.92 8.10
CA ASN A 26 11.54 2.30 6.89
C ASN A 26 10.76 1.86 5.65
N ILE A 27 9.53 1.42 5.86
CA ILE A 27 8.68 0.99 4.76
C ILE A 27 8.84 1.89 3.54
N SER A 28 8.60 1.32 2.36
CA SER A 28 8.73 2.08 1.11
C SER A 28 7.36 2.49 0.59
N PHE A 29 7.26 3.73 0.13
CA PHE A 29 6.01 4.25 -0.40
C PHE A 29 5.84 3.88 -1.88
N HIS A 30 4.93 2.96 -2.15
CA HIS A 30 4.68 2.51 -3.52
C HIS A 30 3.31 2.99 -4.01
N ARG A 31 3.32 3.99 -4.89
CA ARG A 31 2.07 4.54 -5.43
C ARG A 31 1.28 3.46 -6.17
N PHE A 32 0.05 3.80 -6.55
CA PHE A 32 -0.81 2.87 -7.26
C PHE A 32 -0.22 2.53 -8.64
N PRO A 33 -0.61 1.37 -9.17
CA PRO A 33 -0.13 0.90 -10.47
C PRO A 33 -0.69 1.73 -11.63
N LEU A 34 0.15 1.98 -12.64
CA LEU A 34 -0.27 2.75 -13.80
C LEU A 34 -1.16 1.94 -14.72
N ASP A 35 -1.12 0.62 -14.55
CA ASP A 35 -1.93 -0.28 -15.37
C ASP A 35 -3.38 -0.29 -14.89
N PRO A 36 -4.31 -0.51 -15.83
CA PRO A 36 -5.74 -0.55 -15.53
C PRO A 36 -6.13 -1.79 -14.71
N LYS A 37 -5.64 -2.94 -15.13
CA LYS A 37 -5.93 -4.20 -14.44
C LYS A 37 -5.69 -4.06 -12.94
N ARG A 38 -4.51 -3.55 -12.58
CA ARG A 38 -4.15 -3.36 -11.18
C ARG A 38 -4.81 -2.11 -10.62
N ARG A 39 -4.62 -0.98 -11.31
CA ARG A 39 -5.20 0.29 -10.88
C ARG A 39 -6.59 0.08 -10.28
N LYS A 40 -7.43 -0.64 -11.02
CA LYS A 40 -8.79 -0.91 -10.57
C LYS A 40 -8.79 -1.83 -9.36
N GLU A 41 -7.88 -2.80 -9.36
CA GLU A 41 -7.79 -3.75 -8.26
C GLU A 41 -7.41 -3.05 -6.96
N TRP A 42 -6.24 -2.43 -6.96
CA TRP A 42 -5.76 -1.71 -5.78
C TRP A 42 -6.90 -0.94 -5.11
N VAL A 43 -7.65 -0.20 -5.91
CA VAL A 43 -8.77 0.58 -5.40
C VAL A 43 -9.90 -0.32 -4.90
N ARG A 44 -10.07 -1.46 -5.57
CA ARG A 44 -11.11 -2.42 -5.20
C ARG A 44 -10.70 -3.21 -3.96
N LEU A 45 -9.40 -3.27 -3.70
CA LEU A 45 -8.89 -4.00 -2.55
C LEU A 45 -8.86 -3.11 -1.31
N VAL A 46 -8.33 -1.90 -1.46
CA VAL A 46 -8.25 -0.95 -0.37
C VAL A 46 -9.62 -0.67 0.22
N ARG A 47 -10.66 -0.82 -0.61
CA ARG A 47 -12.02 -0.57 -0.17
C ARG A 47 -12.21 0.88 0.25
N ARG A 48 -12.26 1.76 -0.74
CA ARG A 48 -12.43 3.19 -0.48
C ARG A 48 -13.32 3.83 -1.55
N LYS A 49 -14.63 3.71 -1.38
CA LYS A 49 -15.58 4.28 -2.32
C LYS A 49 -15.12 4.07 -3.76
N ASN A 50 -15.55 4.95 -4.65
CA ASN A 50 -15.19 4.85 -6.06
C ASN A 50 -13.97 5.73 -6.37
N PHE A 51 -13.20 6.04 -5.33
CA PHE A 51 -12.01 6.87 -5.49
C PHE A 51 -11.08 6.28 -6.54
N VAL A 52 -10.14 7.11 -7.01
CA VAL A 52 -9.17 6.67 -8.02
C VAL A 52 -7.82 7.33 -7.81
N PRO A 53 -6.74 6.58 -8.10
CA PRO A 53 -5.37 7.08 -7.95
C PRO A 53 -5.03 8.15 -8.98
N GLY A 54 -4.02 8.96 -8.66
CA GLY A 54 -3.61 10.02 -9.57
C GLY A 54 -3.16 11.27 -8.83
N LYS A 55 -2.52 11.07 -7.67
CA LYS A 55 -2.03 12.18 -6.88
C LYS A 55 -0.88 11.74 -5.97
N HIS A 56 -1.21 11.35 -4.75
CA HIS A 56 -0.22 10.90 -3.79
C HIS A 56 -0.57 9.52 -3.24
N THR A 57 -1.74 9.03 -3.62
CA THR A 57 -2.20 7.72 -3.16
C THR A 57 -1.05 6.71 -3.11
N PHE A 58 -0.74 6.23 -1.91
CA PHE A 58 0.35 5.28 -1.73
C PHE A 58 -0.06 4.17 -0.76
N LEU A 59 0.69 3.08 -0.77
CA LEU A 59 0.40 1.95 0.11
C LEU A 59 1.68 1.41 0.73
N CYS A 60 1.61 1.06 2.01
CA CYS A 60 2.76 0.52 2.73
C CYS A 60 3.22 -0.78 2.11
N SER A 61 4.21 -1.43 2.75
CA SER A 61 4.75 -2.68 2.26
C SER A 61 4.18 -3.86 3.05
N LYS A 62 3.66 -3.57 4.25
CA LYS A 62 3.08 -4.60 5.10
C LYS A 62 1.91 -5.28 4.41
N HIS A 63 1.32 -4.60 3.44
CA HIS A 63 0.19 -5.14 2.69
C HIS A 63 0.65 -6.17 1.66
N PHE A 64 1.80 -5.91 1.07
CA PHE A 64 2.36 -6.81 0.05
C PHE A 64 3.42 -7.73 0.67
N GLU A 65 3.36 -9.01 0.32
CA GLU A 65 4.32 -9.99 0.83
C GLU A 65 5.74 -9.65 0.39
N ALA A 66 6.19 -10.29 -0.67
CA ALA A 66 7.54 -10.05 -1.19
C ALA A 66 7.59 -10.28 -2.70
N SER A 67 6.91 -11.32 -3.16
CA SER A 67 6.88 -11.65 -4.58
C SER A 67 6.25 -10.53 -5.39
N CYS A 68 5.68 -9.55 -4.68
CA CYS A 68 5.04 -8.42 -5.33
C CYS A 68 6.05 -7.30 -5.61
N PHE A 69 7.26 -7.47 -5.08
CA PHE A 69 8.31 -6.47 -5.25
C PHE A 69 9.42 -7.00 -6.15
N ASP A 70 10.48 -6.22 -6.31
CA ASP A 70 11.60 -6.61 -7.15
C ASP A 70 12.88 -6.71 -6.33
N LEU A 71 13.16 -7.92 -5.85
CA LEU A 71 14.36 -8.16 -5.05
C LEU A 71 15.48 -8.74 -5.90
N THR A 72 15.10 -9.54 -6.89
CA THR A 72 16.08 -10.17 -7.78
C THR A 72 16.68 -9.15 -8.75
N GLY A 73 16.23 -7.90 -8.63
CA GLY A 73 16.74 -6.86 -9.49
C GLY A 73 17.26 -5.66 -8.72
N GLN A 74 17.91 -5.93 -7.59
CA GLN A 74 18.46 -4.87 -6.76
C GLN A 74 17.36 -4.21 -5.91
N THR A 75 17.68 -3.92 -4.66
CA THR A 75 16.73 -3.30 -3.75
C THR A 75 15.36 -3.96 -3.87
N ARG A 76 14.35 -3.31 -3.29
CA ARG A 76 12.99 -3.83 -3.33
C ARG A 76 12.04 -2.82 -3.97
N ARG A 77 11.55 -3.14 -5.16
CA ARG A 77 10.63 -2.26 -5.88
C ARG A 77 9.32 -2.96 -6.16
N LEU A 78 8.21 -2.33 -5.79
CA LEU A 78 6.89 -2.90 -6.01
C LEU A 78 6.60 -3.06 -7.51
N LYS A 79 6.50 -4.30 -7.95
CA LYS A 79 6.23 -4.60 -9.35
C LYS A 79 4.96 -3.89 -9.82
N MET A 80 5.10 -3.05 -10.83
CA MET A 80 3.95 -2.31 -11.38
C MET A 80 2.79 -3.26 -11.67
N ASP A 81 3.09 -4.55 -11.78
CA ASP A 81 2.08 -5.55 -12.06
C ASP A 81 1.76 -6.38 -10.82
N ALA A 82 1.80 -5.72 -9.65
CA ALA A 82 1.52 -6.40 -8.39
C ALA A 82 0.36 -5.74 -7.66
N VAL A 83 -0.48 -6.55 -7.03
CA VAL A 83 -1.63 -6.04 -6.29
C VAL A 83 -1.62 -6.53 -4.84
N PRO A 84 -2.23 -5.74 -3.94
CA PRO A 84 -2.30 -6.07 -2.52
C PRO A 84 -3.22 -7.25 -2.25
N THR A 85 -2.67 -8.46 -2.28
CA THR A 85 -3.44 -9.66 -2.04
C THR A 85 -3.66 -9.88 -0.54
N ILE A 86 -3.18 -8.95 0.26
CA ILE A 86 -3.33 -9.04 1.71
C ILE A 86 -3.80 -7.72 2.30
N PHE A 87 -4.93 -7.75 3.01
CA PHE A 87 -5.49 -6.56 3.63
C PHE A 87 -6.10 -6.88 4.98
N ASP A 88 -7.09 -7.75 4.98
CA ASP A 88 -7.77 -8.15 6.22
C ASP A 88 -6.75 -8.56 7.28
N PHE A 89 -7.18 -8.55 8.54
CA PHE A 89 -6.31 -8.91 9.65
C PHE A 89 -6.86 -10.12 10.40
N CYS A 90 -8.13 -10.04 10.79
CA CYS A 90 -8.77 -11.12 11.53
C CYS A 90 -8.25 -11.20 12.95
N THR A 91 -9.06 -10.74 13.90
CA THR A 91 -8.66 -10.76 15.31
C THR A 91 -8.11 -12.12 15.71
N HIS A 92 -6.81 -12.17 15.97
CA HIS A 92 -6.16 -13.42 16.37
C HIS A 92 -6.30 -14.47 15.27
N ILE A 93 -5.52 -15.54 15.39
CA ILE A 93 -5.55 -16.62 14.42
C ILE A 93 -6.94 -17.28 14.37
N SER A 94 -7.37 -17.64 13.16
CA SER A 94 -8.68 -18.27 12.99
C SER A 94 -8.51 -19.71 12.49
N GLY A 95 -9.63 -20.32 12.13
CA GLY A 95 -9.59 -21.69 11.64
C GLY A 95 -10.76 -22.52 12.15
N PRO A 96 -10.80 -23.80 11.73
CA PRO A 96 -11.88 -24.71 12.14
C PRO A 96 -11.79 -25.09 13.61
N SER A 97 -12.91 -25.57 14.16
CA SER A 97 -12.96 -25.95 15.57
C SER A 97 -12.85 -24.74 16.47
N SER A 98 -14.00 -24.28 16.99
CA SER A 98 -14.04 -23.13 17.87
C SER A 98 -14.74 -23.46 19.17
N GLY A 99 -15.80 -24.27 19.09
CA GLY A 99 -16.55 -24.66 20.26
C GLY A 99 -17.99 -24.19 20.22
N GLY A 1 -6.18 10.27 22.04
CA GLY A 1 -6.79 11.36 22.78
C GLY A 1 -8.28 11.46 22.54
N SER A 2 -8.77 12.69 22.34
CA SER A 2 -10.19 12.92 22.12
C SER A 2 -10.41 13.75 20.86
N SER A 3 -9.41 13.78 19.99
CA SER A 3 -9.50 14.54 18.75
C SER A 3 -9.80 13.62 17.57
N GLY A 4 -11.00 13.76 17.02
CA GLY A 4 -11.40 12.95 15.90
C GLY A 4 -12.63 13.50 15.19
N SER A 5 -12.46 13.87 13.92
CA SER A 5 -13.55 14.42 13.12
C SER A 5 -13.12 14.63 11.68
N SER A 6 -12.44 15.74 11.43
CA SER A 6 -11.98 16.06 10.08
C SER A 6 -10.65 16.81 10.13
N GLY A 7 -9.97 16.88 8.98
CA GLY A 7 -8.70 17.58 8.91
C GLY A 7 -7.54 16.61 8.72
N MET A 8 -6.40 16.95 9.30
CA MET A 8 -5.21 16.12 9.20
C MET A 8 -4.74 16.01 7.75
N PRO A 9 -3.42 15.96 7.55
CA PRO A 9 -2.82 15.87 6.21
C PRO A 9 -3.07 14.51 5.56
N THR A 10 -2.56 14.34 4.35
CA THR A 10 -2.73 13.09 3.63
C THR A 10 -2.11 11.92 4.39
N ASN A 11 -2.66 10.72 4.19
CA ASN A 11 -2.16 9.53 4.86
C ASN A 11 -2.50 8.28 4.07
N CYS A 12 -1.93 7.16 4.47
CA CYS A 12 -2.16 5.88 3.79
C CYS A 12 -3.60 5.80 3.28
N ALA A 13 -3.76 5.23 2.10
CA ALA A 13 -5.09 5.08 1.50
C ALA A 13 -5.85 3.92 2.13
N ALA A 14 -5.15 2.82 2.37
CA ALA A 14 -5.76 1.64 2.97
C ALA A 14 -6.74 2.03 4.07
N ALA A 15 -7.85 1.30 4.16
CA ALA A 15 -8.87 1.58 5.17
C ALA A 15 -8.25 1.68 6.56
N GLY A 16 -8.27 0.58 7.30
CA GLY A 16 -7.72 0.58 8.64
C GLY A 16 -6.25 0.20 8.65
N CYS A 17 -5.38 1.21 8.69
CA CYS A 17 -3.94 0.99 8.70
C CYS A 17 -3.25 1.95 9.66
N ALA A 18 -3.38 3.25 9.38
CA ALA A 18 -2.76 4.27 10.22
C ALA A 18 -1.26 4.33 10.00
N THR A 19 -0.85 4.98 8.91
CA THR A 19 0.56 5.11 8.58
C THR A 19 0.82 6.32 7.70
N THR A 20 1.66 7.23 8.18
CA THR A 20 1.99 8.44 7.43
C THR A 20 3.42 8.39 6.88
N TYR A 21 4.39 8.39 7.79
CA TYR A 21 5.79 8.35 7.40
C TYR A 21 6.59 7.47 8.36
N ASN A 22 6.30 7.58 9.64
CA ASN A 22 7.00 6.80 10.66
C ASN A 22 8.47 6.63 10.30
N LYS A 23 9.30 7.55 10.77
CA LYS A 23 10.73 7.51 10.50
C LYS A 23 11.40 6.42 11.34
N HIS A 24 10.65 5.85 12.27
CA HIS A 24 11.18 4.80 13.14
C HIS A 24 11.17 3.46 12.42
N ILE A 25 10.65 3.44 11.20
CA ILE A 25 10.59 2.21 10.41
C ILE A 25 11.13 2.44 9.00
N ASN A 26 10.70 3.53 8.37
CA ASN A 26 11.13 3.87 7.03
C ASN A 26 10.35 3.06 5.99
N ILE A 27 9.16 2.63 6.36
CA ILE A 27 8.30 1.86 5.46
C ILE A 27 8.41 2.36 4.03
N SER A 28 8.37 1.44 3.07
CA SER A 28 8.47 1.79 1.66
C SER A 28 7.23 2.55 1.20
N PHE A 29 7.32 3.19 0.04
CA PHE A 29 6.21 3.95 -0.52
C PHE A 29 5.82 3.43 -1.90
N HIS A 30 4.70 2.72 -1.97
CA HIS A 30 4.22 2.18 -3.23
C HIS A 30 2.93 2.86 -3.67
N ARG A 31 3.04 3.74 -4.67
CA ARG A 31 1.90 4.46 -5.17
C ARG A 31 1.05 3.58 -6.08
N PHE A 32 -0.21 3.97 -6.29
CA PHE A 32 -1.11 3.21 -7.14
C PHE A 32 -0.49 2.91 -8.49
N PRO A 33 -1.02 1.89 -9.18
CA PRO A 33 -0.52 1.47 -10.49
C PRO A 33 -0.83 2.50 -11.57
N LEU A 34 -0.29 2.27 -12.77
CA LEU A 34 -0.52 3.17 -13.89
C LEU A 34 -1.36 2.51 -14.98
N ASP A 35 -1.75 1.27 -14.72
CA ASP A 35 -2.56 0.51 -15.67
C ASP A 35 -4.00 0.35 -15.17
N PRO A 36 -4.95 0.25 -16.10
CA PRO A 36 -6.36 0.09 -15.78
C PRO A 36 -6.67 -1.27 -15.16
N LYS A 37 -5.75 -2.21 -15.33
CA LYS A 37 -5.92 -3.56 -14.79
C LYS A 37 -5.61 -3.58 -13.30
N ARG A 38 -4.48 -3.00 -12.92
CA ARG A 38 -4.06 -2.96 -11.52
C ARG A 38 -4.89 -1.95 -10.74
N ARG A 39 -5.12 -0.78 -11.35
CA ARG A 39 -5.90 0.27 -10.71
C ARG A 39 -7.16 -0.30 -10.07
N LYS A 40 -7.94 -1.04 -10.86
CA LYS A 40 -9.18 -1.64 -10.38
C LYS A 40 -8.91 -2.57 -9.20
N GLU A 41 -7.75 -3.22 -9.22
CA GLU A 41 -7.38 -4.14 -8.16
C GLU A 41 -7.03 -3.38 -6.88
N TRP A 42 -6.03 -2.51 -6.98
CA TRP A 42 -5.59 -1.72 -5.82
C TRP A 42 -6.77 -1.00 -5.19
N VAL A 43 -7.62 -0.40 -6.03
CA VAL A 43 -8.79 0.32 -5.55
C VAL A 43 -9.82 -0.63 -4.95
N ARG A 44 -9.84 -1.86 -5.44
CA ARG A 44 -10.78 -2.87 -4.96
C ARG A 44 -10.27 -3.52 -3.68
N LEU A 45 -8.95 -3.56 -3.53
CA LEU A 45 -8.33 -4.15 -2.34
C LEU A 45 -8.32 -3.16 -1.18
N VAL A 46 -8.27 -1.87 -1.51
CA VAL A 46 -8.25 -0.82 -0.50
C VAL A 46 -9.66 -0.48 -0.05
N ARG A 47 -10.64 -0.72 -0.92
CA ARG A 47 -12.03 -0.44 -0.62
C ARG A 47 -12.18 0.97 -0.02
N ARG A 48 -11.94 1.98 -0.84
CA ARG A 48 -12.04 3.36 -0.40
C ARG A 48 -13.26 4.05 -1.01
N LYS A 49 -14.32 3.26 -1.23
CA LYS A 49 -15.55 3.79 -1.81
C LYS A 49 -15.38 4.06 -3.29
N ASN A 50 -15.14 3.00 -4.06
CA ASN A 50 -14.96 3.13 -5.51
C ASN A 50 -14.18 4.39 -5.85
N PHE A 51 -13.29 4.78 -4.94
CA PHE A 51 -12.47 5.97 -5.15
C PHE A 51 -11.50 5.77 -6.30
N VAL A 52 -10.77 6.83 -6.66
CA VAL A 52 -9.80 6.77 -7.75
C VAL A 52 -8.46 7.33 -7.32
N PRO A 53 -7.38 6.74 -7.84
CA PRO A 53 -6.01 7.17 -7.52
C PRO A 53 -5.68 8.53 -8.13
N GLY A 54 -4.88 9.32 -7.40
CA GLY A 54 -4.50 10.63 -7.88
C GLY A 54 -3.00 10.79 -7.99
N LYS A 55 -2.35 11.09 -6.86
CA LYS A 55 -0.90 11.27 -6.83
C LYS A 55 -0.33 10.83 -5.49
N HIS A 56 -0.60 11.62 -4.45
CA HIS A 56 -0.10 11.30 -3.11
C HIS A 56 -0.58 9.93 -2.66
N THR A 57 -1.82 9.59 -3.02
CA THR A 57 -2.41 8.31 -2.65
C THR A 57 -1.39 7.19 -2.79
N PHE A 58 -0.80 6.79 -1.66
CA PHE A 58 0.19 5.72 -1.65
C PHE A 58 -0.22 4.62 -0.68
N LEU A 59 0.50 3.49 -0.74
CA LEU A 59 0.22 2.36 0.14
C LEU A 59 1.49 1.87 0.82
N CYS A 60 1.36 1.42 2.06
CA CYS A 60 2.50 0.93 2.82
C CYS A 60 3.04 -0.37 2.21
N SER A 61 4.23 -0.75 2.63
CA SER A 61 4.87 -1.97 2.12
C SER A 61 4.34 -3.20 2.84
N LYS A 62 4.28 -3.13 4.17
CA LYS A 62 3.80 -4.23 4.97
C LYS A 62 2.61 -4.91 4.31
N HIS A 63 1.82 -4.13 3.58
CA HIS A 63 0.64 -4.66 2.90
C HIS A 63 1.03 -5.78 1.95
N PHE A 64 1.95 -5.49 1.04
CA PHE A 64 2.42 -6.49 0.07
C PHE A 64 3.18 -7.62 0.77
N GLU A 65 3.17 -8.79 0.15
CA GLU A 65 3.86 -9.95 0.71
C GLU A 65 5.35 -9.89 0.42
N ALA A 66 5.78 -10.58 -0.63
CA ALA A 66 7.19 -10.60 -1.01
C ALA A 66 7.34 -10.83 -2.51
N SER A 67 6.50 -11.70 -3.07
CA SER A 67 6.55 -12.01 -4.49
C SER A 67 6.13 -10.80 -5.32
N CYS A 68 5.64 -9.78 -4.64
CA CYS A 68 5.19 -8.56 -5.32
C CYS A 68 6.36 -7.61 -5.57
N PHE A 69 7.53 -8.00 -5.08
CA PHE A 69 8.73 -7.18 -5.24
C PHE A 69 9.67 -7.79 -6.28
N ASP A 70 10.76 -7.10 -6.57
CA ASP A 70 11.74 -7.57 -7.54
C ASP A 70 12.89 -8.29 -6.85
N LEU A 71 12.61 -9.45 -6.29
CA LEU A 71 13.62 -10.24 -5.59
C LEU A 71 14.73 -10.66 -6.55
N THR A 72 14.37 -11.45 -7.56
CA THR A 72 15.34 -11.93 -8.55
C THR A 72 16.26 -10.81 -9.00
N GLY A 73 15.80 -9.57 -8.83
CA GLY A 73 16.60 -8.42 -9.23
C GLY A 73 17.73 -8.15 -8.26
N GLN A 74 17.84 -6.90 -7.82
CA GLN A 74 18.90 -6.51 -6.90
C GLN A 74 18.32 -6.05 -5.56
N THR A 75 17.26 -5.25 -5.64
CA THR A 75 16.60 -4.73 -4.44
C THR A 75 15.11 -5.02 -4.46
N ARG A 76 14.51 -5.10 -3.28
CA ARG A 76 13.08 -5.37 -3.16
C ARG A 76 12.27 -4.19 -3.67
N ARG A 77 11.94 -4.19 -4.96
CA ARG A 77 11.16 -3.12 -5.57
C ARG A 77 9.79 -3.63 -5.98
N LEU A 78 8.75 -2.89 -5.61
CA LEU A 78 7.38 -3.25 -5.94
C LEU A 78 7.14 -3.16 -7.45
N LYS A 79 6.88 -4.30 -8.08
CA LYS A 79 6.64 -4.35 -9.51
C LYS A 79 5.31 -3.67 -9.87
N MET A 80 5.26 -3.05 -11.03
CA MET A 80 4.04 -2.37 -11.48
C MET A 80 2.87 -3.34 -11.54
N ASP A 81 3.13 -4.56 -12.00
CA ASP A 81 2.09 -5.58 -12.10
C ASP A 81 1.93 -6.32 -10.78
N ALA A 82 2.25 -5.65 -9.67
CA ALA A 82 2.14 -6.24 -8.36
C ALA A 82 0.98 -5.64 -7.57
N VAL A 83 0.09 -6.49 -7.09
CA VAL A 83 -1.07 -6.03 -6.32
C VAL A 83 -1.00 -6.53 -4.88
N PRO A 84 -1.58 -5.75 -3.95
CA PRO A 84 -1.61 -6.09 -2.53
C PRO A 84 -2.50 -7.29 -2.23
N THR A 85 -1.92 -8.48 -2.25
CA THR A 85 -2.66 -9.71 -1.97
C THR A 85 -2.74 -9.97 -0.48
N ILE A 86 -3.10 -8.95 0.28
CA ILE A 86 -3.23 -9.08 1.73
C ILE A 86 -4.30 -8.15 2.28
N PHE A 87 -3.88 -6.95 2.67
CA PHE A 87 -4.81 -5.96 3.22
C PHE A 87 -5.42 -6.45 4.52
N ASP A 88 -4.77 -6.13 5.63
CA ASP A 88 -5.26 -6.54 6.95
C ASP A 88 -6.66 -5.99 7.21
N PHE A 89 -7.67 -6.72 6.74
CA PHE A 89 -9.05 -6.30 6.92
C PHE A 89 -9.61 -6.79 8.25
N CYS A 90 -9.13 -6.18 9.34
CA CYS A 90 -9.57 -6.56 10.68
C CYS A 90 -8.91 -7.87 11.12
N THR A 91 -7.79 -7.74 11.84
CA THR A 91 -7.08 -8.91 12.33
C THR A 91 -7.25 -9.09 13.82
N HIS A 92 -8.12 -8.27 14.41
CA HIS A 92 -8.39 -8.33 15.84
C HIS A 92 -9.88 -8.17 16.14
N ILE A 93 -10.27 -8.45 17.36
CA ILE A 93 -11.66 -8.33 17.77
C ILE A 93 -11.98 -6.91 18.24
N SER A 94 -12.75 -6.19 17.44
CA SER A 94 -13.12 -4.82 17.76
C SER A 94 -14.13 -4.28 16.76
N GLY A 95 -14.92 -3.28 17.18
CA GLY A 95 -15.90 -2.69 16.31
C GLY A 95 -15.29 -1.83 15.23
N PRO A 96 -16.13 -1.28 14.34
CA PRO A 96 -15.68 -0.43 13.24
C PRO A 96 -15.18 0.93 13.73
N SER A 97 -13.93 1.24 13.43
CA SER A 97 -13.33 2.49 13.83
C SER A 97 -13.30 3.49 12.67
N SER A 98 -13.65 4.74 12.96
CA SER A 98 -13.66 5.78 11.95
C SER A 98 -12.25 6.09 11.46
N GLY A 99 -12.14 6.44 10.18
CA GLY A 99 -10.84 6.75 9.61
C GLY A 99 -10.87 6.84 8.10
N GLY A 1 15.78 10.45 -6.05
CA GLY A 1 16.24 11.57 -5.26
C GLY A 1 16.00 11.36 -3.77
N SER A 2 14.77 11.00 -3.42
CA SER A 2 14.40 10.78 -2.03
C SER A 2 14.95 11.89 -1.14
N SER A 3 14.97 13.10 -1.67
CA SER A 3 15.47 14.25 -0.93
C SER A 3 14.33 15.15 -0.48
N GLY A 4 13.15 14.94 -1.05
CA GLY A 4 11.99 15.73 -0.69
C GLY A 4 10.95 15.77 -1.80
N SER A 5 10.12 14.73 -1.85
CA SER A 5 9.07 14.64 -2.86
C SER A 5 7.99 15.69 -2.63
N SER A 6 7.48 15.75 -1.41
CA SER A 6 6.45 16.72 -1.06
C SER A 6 6.76 17.38 0.28
N GLY A 7 5.77 18.09 0.83
CA GLY A 7 5.96 18.77 2.10
C GLY A 7 5.19 18.11 3.23
N MET A 8 5.22 16.78 3.26
CA MET A 8 4.51 16.02 4.30
C MET A 8 4.54 14.54 4.00
N PRO A 9 4.60 13.71 5.07
CA PRO A 9 4.63 12.26 4.95
C PRO A 9 3.30 11.69 4.45
N THR A 10 3.31 11.08 3.27
CA THR A 10 2.11 10.50 2.70
C THR A 10 1.45 9.52 3.67
N ASN A 11 0.15 9.34 3.52
CA ASN A 11 -0.60 8.43 4.39
C ASN A 11 -1.02 7.18 3.63
N CYS A 12 -1.32 6.12 4.36
CA CYS A 12 -1.74 4.86 3.75
C CYS A 12 -3.14 4.99 3.15
N ALA A 13 -3.22 4.87 1.83
CA ALA A 13 -4.50 4.97 1.14
C ALA A 13 -5.52 3.98 1.71
N ALA A 14 -5.02 2.98 2.41
CA ALA A 14 -5.88 1.97 3.02
C ALA A 14 -7.15 2.60 3.59
N ALA A 15 -8.17 1.77 3.80
CA ALA A 15 -9.44 2.25 4.35
C ALA A 15 -9.57 1.89 5.82
N GLY A 16 -8.43 1.88 6.53
CA GLY A 16 -8.44 1.55 7.94
C GLY A 16 -7.10 1.03 8.42
N CYS A 17 -6.05 1.77 8.12
CA CYS A 17 -4.70 1.38 8.52
C CYS A 17 -4.02 2.51 9.31
N ALA A 18 -3.46 3.46 8.58
CA ALA A 18 -2.78 4.59 9.20
C ALA A 18 -1.34 4.23 9.58
N THR A 19 -0.40 4.65 8.74
CA THR A 19 1.01 4.37 8.98
C THR A 19 1.84 5.66 8.99
N THR A 20 1.15 6.79 8.92
CA THR A 20 1.82 8.09 8.92
C THR A 20 2.86 8.16 10.02
N TYR A 21 4.11 8.45 9.64
CA TYR A 21 5.20 8.56 10.60
C TYR A 21 5.01 7.57 11.75
N ASN A 22 5.42 6.32 11.52
CA ASN A 22 5.30 5.28 12.53
C ASN A 22 6.58 5.16 13.34
N LYS A 23 6.46 5.23 14.66
CA LYS A 23 7.61 5.13 15.55
C LYS A 23 8.36 3.82 15.32
N HIS A 24 9.68 3.91 15.22
CA HIS A 24 10.51 2.73 15.00
C HIS A 24 10.09 1.99 13.73
N ILE A 25 9.67 2.75 12.72
CA ILE A 25 9.24 2.16 11.46
C ILE A 25 9.81 2.93 10.27
N ASN A 26 9.94 2.24 9.15
CA ASN A 26 10.47 2.86 7.93
C ASN A 26 9.78 2.31 6.69
N ILE A 27 8.52 1.92 6.84
CA ILE A 27 7.75 1.38 5.73
C ILE A 27 7.95 2.20 4.46
N SER A 28 8.12 1.51 3.33
CA SER A 28 8.33 2.17 2.06
C SER A 28 7.02 2.73 1.52
N PHE A 29 7.09 3.37 0.35
CA PHE A 29 5.91 3.96 -0.27
C PHE A 29 5.76 3.49 -1.71
N HIS A 30 4.84 2.56 -1.94
CA HIS A 30 4.59 2.03 -3.26
C HIS A 30 3.33 2.63 -3.87
N ARG A 31 3.52 3.59 -4.77
CA ARG A 31 2.39 4.25 -5.43
C ARG A 31 1.48 3.23 -6.11
N PHE A 32 0.32 3.69 -6.55
CA PHE A 32 -0.64 2.82 -7.22
C PHE A 32 -0.18 2.48 -8.63
N PRO A 33 -0.68 1.35 -9.16
CA PRO A 33 -0.33 0.89 -10.51
C PRO A 33 -0.92 1.78 -11.60
N LEU A 34 -0.06 2.23 -12.51
CA LEU A 34 -0.49 3.09 -13.61
C LEU A 34 -1.29 2.30 -14.65
N ASP A 35 -1.50 1.02 -14.37
CA ASP A 35 -2.25 0.16 -15.28
C ASP A 35 -3.71 0.05 -14.84
N PRO A 36 -4.62 0.03 -15.82
CA PRO A 36 -6.06 -0.07 -15.56
C PRO A 36 -6.46 -1.45 -15.03
N LYS A 37 -5.58 -2.41 -15.21
CA LYS A 37 -5.83 -3.78 -14.74
C LYS A 37 -5.68 -3.88 -13.23
N ARG A 38 -4.65 -3.22 -12.70
CA ARG A 38 -4.40 -3.24 -11.26
C ARG A 38 -5.04 -2.03 -10.58
N ARG A 39 -4.95 -0.87 -11.23
CA ARG A 39 -5.51 0.35 -10.69
C ARG A 39 -6.86 0.08 -10.01
N LYS A 40 -7.62 -0.85 -10.57
CA LYS A 40 -8.92 -1.21 -10.02
C LYS A 40 -8.77 -2.16 -8.84
N GLU A 41 -7.91 -3.17 -9.01
CA GLU A 41 -7.67 -4.14 -7.95
C GLU A 41 -7.22 -3.46 -6.67
N TRP A 42 -6.17 -2.65 -6.77
CA TRP A 42 -5.64 -1.94 -5.62
C TRP A 42 -6.75 -1.20 -4.87
N VAL A 43 -7.45 -0.31 -5.58
CA VAL A 43 -8.53 0.46 -4.97
C VAL A 43 -9.63 -0.46 -4.47
N ARG A 44 -9.67 -1.69 -5.00
CA ARG A 44 -10.67 -2.66 -4.60
C ARG A 44 -10.23 -3.44 -3.37
N LEU A 45 -8.92 -3.43 -3.11
CA LEU A 45 -8.36 -4.14 -1.97
C LEU A 45 -8.37 -3.24 -0.73
N VAL A 46 -8.02 -1.97 -0.91
CA VAL A 46 -7.99 -1.02 0.19
C VAL A 46 -9.29 -1.06 0.98
N ARG A 47 -10.39 -1.31 0.29
CA ARG A 47 -11.70 -1.37 0.92
C ARG A 47 -12.21 0.03 1.26
N ARG A 48 -11.78 1.02 0.47
CA ARG A 48 -12.19 2.40 0.69
C ARG A 48 -13.64 2.61 0.24
N LYS A 49 -13.96 3.84 -0.16
CA LYS A 49 -15.30 4.18 -0.60
C LYS A 49 -15.26 4.94 -1.92
N ASN A 50 -15.14 4.20 -3.02
CA ASN A 50 -15.10 4.81 -4.34
C ASN A 50 -14.04 5.91 -4.40
N PHE A 51 -12.86 5.62 -3.88
CA PHE A 51 -11.77 6.60 -3.87
C PHE A 51 -10.84 6.38 -5.05
N VAL A 52 -9.92 7.33 -5.26
CA VAL A 52 -8.97 7.24 -6.35
C VAL A 52 -7.71 8.05 -6.05
N PRO A 53 -6.56 7.55 -6.53
CA PRO A 53 -5.27 8.21 -6.32
C PRO A 53 -5.14 9.50 -7.12
N GLY A 54 -4.58 10.54 -6.50
CA GLY A 54 -4.41 11.81 -7.17
C GLY A 54 -2.96 12.17 -7.38
N LYS A 55 -2.29 12.57 -6.30
CA LYS A 55 -0.89 12.95 -6.36
C LYS A 55 -0.09 12.27 -5.25
N HIS A 56 -0.63 12.30 -4.04
CA HIS A 56 0.03 11.69 -2.90
C HIS A 56 -0.73 10.46 -2.42
N THR A 57 -0.93 9.51 -3.33
CA THR A 57 -1.65 8.28 -3.01
C THR A 57 -0.73 7.07 -3.05
N PHE A 58 -0.57 6.40 -1.92
CA PHE A 58 0.29 5.22 -1.83
C PHE A 58 -0.26 4.24 -0.80
N LEU A 59 0.37 3.07 -0.72
CA LEU A 59 -0.04 2.03 0.22
C LEU A 59 1.17 1.34 0.84
N CYS A 60 1.17 1.23 2.17
CA CYS A 60 2.27 0.59 2.88
C CYS A 60 2.76 -0.64 2.14
N SER A 61 3.97 -1.06 2.45
CA SER A 61 4.57 -2.24 1.81
C SER A 61 4.24 -3.51 2.58
N LYS A 62 4.26 -3.40 3.91
CA LYS A 62 3.97 -4.55 4.77
C LYS A 62 2.92 -5.45 4.13
N HIS A 63 1.79 -4.86 3.74
CA HIS A 63 0.71 -5.61 3.12
C HIS A 63 1.24 -6.50 1.99
N PHE A 64 1.84 -5.87 0.98
CA PHE A 64 2.39 -6.60 -0.15
C PHE A 64 3.44 -7.62 0.31
N GLU A 65 3.51 -8.74 -0.40
CA GLU A 65 4.47 -9.79 -0.06
C GLU A 65 5.75 -9.64 -0.88
N ALA A 66 6.61 -10.65 -0.81
CA ALA A 66 7.87 -10.63 -1.55
C ALA A 66 7.64 -10.94 -3.03
N SER A 67 6.51 -11.56 -3.33
CA SER A 67 6.18 -11.92 -4.71
C SER A 67 5.61 -10.71 -5.45
N CYS A 68 5.52 -9.58 -4.76
CA CYS A 68 5.00 -8.35 -5.36
C CYS A 68 6.11 -7.33 -5.56
N PHE A 69 7.28 -7.61 -4.99
CA PHE A 69 8.42 -6.73 -5.11
C PHE A 69 9.47 -7.29 -6.07
N ASP A 70 10.50 -6.51 -6.34
CA ASP A 70 11.56 -6.93 -7.23
C ASP A 70 12.90 -6.99 -6.51
N LEU A 71 13.13 -8.09 -5.79
CA LEU A 71 14.37 -8.27 -5.05
C LEU A 71 15.44 -8.92 -5.92
N THR A 72 15.12 -10.08 -6.49
CA THR A 72 16.05 -10.80 -7.35
C THR A 72 16.51 -9.92 -8.51
N GLY A 73 17.48 -9.04 -8.23
CA GLY A 73 18.00 -8.17 -9.27
C GLY A 73 18.26 -6.76 -8.75
N GLN A 74 17.45 -6.33 -7.79
CA GLN A 74 17.59 -4.99 -7.22
C GLN A 74 16.83 -4.88 -5.91
N THR A 75 16.96 -3.72 -5.25
CA THR A 75 16.28 -3.49 -3.98
C THR A 75 14.80 -3.85 -4.08
N ARG A 76 14.16 -3.97 -2.92
CA ARG A 76 12.73 -4.31 -2.87
C ARG A 76 11.89 -3.24 -3.54
N ARG A 77 11.42 -3.52 -4.74
CA ARG A 77 10.59 -2.58 -5.49
C ARG A 77 9.28 -3.22 -5.93
N LEU A 78 8.18 -2.58 -5.57
CA LEU A 78 6.85 -3.09 -5.92
C LEU A 78 6.62 -3.03 -7.43
N LYS A 79 6.51 -4.20 -8.05
CA LYS A 79 6.30 -4.28 -9.49
C LYS A 79 5.00 -3.58 -9.88
N MET A 80 5.08 -2.75 -10.91
CA MET A 80 3.90 -2.02 -11.39
C MET A 80 2.76 -2.97 -11.69
N ASP A 81 3.08 -4.24 -11.91
CA ASP A 81 2.07 -5.25 -12.20
C ASP A 81 1.85 -6.16 -10.99
N ALA A 82 1.93 -5.57 -9.81
CA ALA A 82 1.73 -6.32 -8.57
C ALA A 82 0.62 -5.71 -7.72
N VAL A 83 -0.19 -6.55 -7.10
CA VAL A 83 -1.28 -6.09 -6.26
C VAL A 83 -1.12 -6.58 -4.82
N PRO A 84 -1.66 -5.80 -3.87
CA PRO A 84 -1.58 -6.14 -2.44
C PRO A 84 -2.47 -7.33 -2.09
N THR A 85 -1.87 -8.53 -2.12
CA THR A 85 -2.60 -9.74 -1.80
C THR A 85 -2.85 -9.86 -0.30
N ILE A 86 -2.46 -8.84 0.44
CA ILE A 86 -2.65 -8.82 1.88
C ILE A 86 -3.22 -7.49 2.36
N PHE A 87 -3.99 -7.54 3.45
CA PHE A 87 -4.60 -6.33 4.01
C PHE A 87 -5.08 -6.59 5.42
N ASP A 88 -6.09 -7.44 5.57
CA ASP A 88 -6.64 -7.76 6.88
C ASP A 88 -7.20 -9.18 6.89
N PHE A 89 -7.96 -9.53 5.86
CA PHE A 89 -8.56 -10.85 5.76
C PHE A 89 -8.89 -11.20 4.31
N CYS A 90 -9.36 -12.41 4.08
CA CYS A 90 -9.70 -12.86 2.75
C CYS A 90 -8.48 -12.88 1.84
N THR A 91 -8.11 -14.06 1.36
CA THR A 91 -6.96 -14.21 0.48
C THR A 91 -7.27 -15.15 -0.68
N HIS A 92 -7.39 -16.44 -0.39
CA HIS A 92 -7.69 -17.43 -1.42
C HIS A 92 -8.41 -18.63 -0.80
N ILE A 93 -9.72 -18.68 -0.99
CA ILE A 93 -10.53 -19.78 -0.46
C ILE A 93 -10.82 -20.81 -1.55
N SER A 94 -9.77 -21.30 -2.20
CA SER A 94 -9.91 -22.29 -3.26
C SER A 94 -10.84 -21.77 -4.35
N GLY A 95 -10.28 -20.99 -5.27
CA GLY A 95 -11.08 -20.45 -6.36
C GLY A 95 -10.23 -20.07 -7.56
N PRO A 96 -9.38 -21.00 -8.01
CA PRO A 96 -8.49 -20.77 -9.15
C PRO A 96 -9.26 -20.70 -10.48
N SER A 97 -10.58 -20.88 -10.40
CA SER A 97 -11.42 -20.84 -11.59
C SER A 97 -11.90 -19.42 -11.87
N SER A 98 -12.98 -19.02 -11.20
CA SER A 98 -13.54 -17.69 -11.37
C SER A 98 -13.37 -16.86 -10.11
N GLY A 99 -13.41 -15.54 -10.26
CA GLY A 99 -13.25 -14.66 -9.12
C GLY A 99 -13.65 -13.22 -9.44
N GLY A 1 19.83 10.52 3.37
CA GLY A 1 19.31 10.78 2.04
C GLY A 1 19.71 12.13 1.50
N SER A 2 20.37 12.14 0.34
CA SER A 2 20.82 13.38 -0.26
C SER A 2 19.67 14.10 -0.96
N SER A 3 18.73 13.32 -1.50
CA SER A 3 17.58 13.88 -2.19
C SER A 3 16.32 13.76 -1.33
N GLY A 4 15.77 14.90 -0.94
CA GLY A 4 14.58 14.90 -0.12
C GLY A 4 13.40 15.55 -0.82
N SER A 5 13.24 16.86 -0.64
CA SER A 5 12.15 17.59 -1.25
C SER A 5 10.79 17.06 -0.76
N SER A 6 10.27 17.70 0.27
CA SER A 6 8.97 17.29 0.84
C SER A 6 7.88 18.28 0.45
N GLY A 7 6.64 17.94 0.79
CA GLY A 7 5.52 18.81 0.48
C GLY A 7 4.25 18.39 1.18
N MET A 8 3.23 18.04 0.40
CA MET A 8 1.95 17.62 0.97
C MET A 8 2.12 16.37 1.83
N PRO A 9 1.25 16.22 2.83
CA PRO A 9 1.28 15.07 3.75
C PRO A 9 0.86 13.78 3.06
N THR A 10 1.67 12.73 3.25
CA THR A 10 1.38 11.43 2.64
C THR A 10 0.98 10.42 3.70
N ASN A 11 -0.11 9.69 3.44
CA ASN A 11 -0.60 8.68 4.36
C ASN A 11 -1.03 7.42 3.62
N CYS A 12 -1.48 6.42 4.37
CA CYS A 12 -1.93 5.16 3.79
C CYS A 12 -3.40 5.23 3.40
N ALA A 13 -3.72 4.71 2.22
CA ALA A 13 -5.10 4.71 1.74
C ALA A 13 -5.80 3.39 2.07
N ALA A 14 -5.06 2.48 2.68
CA ALA A 14 -5.61 1.17 3.06
C ALA A 14 -6.85 1.35 3.94
N ALA A 15 -7.33 0.23 4.49
CA ALA A 15 -8.51 0.25 5.35
C ALA A 15 -8.11 0.42 6.81
N GLY A 16 -8.25 1.64 7.33
CA GLY A 16 -7.91 1.91 8.71
C GLY A 16 -6.49 1.51 9.05
N CYS A 17 -5.53 2.35 8.67
CA CYS A 17 -4.13 2.08 8.93
C CYS A 17 -3.40 3.34 9.39
N ALA A 18 -3.13 4.24 8.45
CA ALA A 18 -2.45 5.49 8.76
C ALA A 18 -1.03 5.23 9.29
N THR A 19 -0.07 5.19 8.36
CA THR A 19 1.32 4.95 8.73
C THR A 19 2.16 6.21 8.57
N THR A 20 1.49 7.32 8.29
CA THR A 20 2.17 8.59 8.12
C THR A 20 3.37 8.72 9.06
N TYR A 21 3.10 9.02 10.33
CA TYR A 21 4.14 9.16 11.32
C TYR A 21 4.83 7.83 11.58
N ASN A 22 5.87 7.53 10.80
CA ASN A 22 6.61 6.28 10.95
C ASN A 22 7.90 6.51 11.72
N LYS A 23 7.83 6.38 13.04
CA LYS A 23 8.99 6.57 13.90
C LYS A 23 10.13 5.65 13.46
N HIS A 24 10.93 6.12 12.51
CA HIS A 24 12.07 5.34 12.00
C HIS A 24 11.72 3.86 11.95
N ILE A 25 10.76 3.51 11.10
CA ILE A 25 10.34 2.13 10.95
C ILE A 25 11.13 1.43 9.85
N ASN A 26 10.67 1.57 8.61
CA ASN A 26 11.34 0.96 7.47
C ASN A 26 10.38 0.81 6.29
N ILE A 27 9.08 0.87 6.58
CA ILE A 27 8.07 0.75 5.54
C ILE A 27 8.37 1.67 4.36
N SER A 28 8.00 1.22 3.16
CA SER A 28 8.24 2.00 1.96
C SER A 28 6.93 2.61 1.44
N PHE A 29 7.05 3.47 0.43
CA PHE A 29 5.89 4.12 -0.15
C PHE A 29 5.72 3.74 -1.62
N HIS A 30 4.77 2.87 -1.89
CA HIS A 30 4.51 2.41 -3.26
C HIS A 30 3.14 2.89 -3.74
N ARG A 31 3.15 3.92 -4.59
CA ARG A 31 1.92 4.49 -5.12
C ARG A 31 1.14 3.44 -5.91
N PHE A 32 -0.07 3.79 -6.34
CA PHE A 32 -0.91 2.89 -7.10
C PHE A 32 -0.34 2.67 -8.51
N PRO A 33 -0.71 1.54 -9.12
CA PRO A 33 -0.25 1.19 -10.47
C PRO A 33 -0.86 2.09 -11.54
N LEU A 34 -0.04 2.49 -12.51
CA LEU A 34 -0.49 3.35 -13.59
C LEU A 34 -1.38 2.57 -14.57
N ASP A 35 -1.33 1.25 -14.48
CA ASP A 35 -2.12 0.39 -15.35
C ASP A 35 -3.56 0.29 -14.86
N PRO A 36 -4.50 0.16 -15.80
CA PRO A 36 -5.93 0.07 -15.50
C PRO A 36 -6.28 -1.26 -14.82
N LYS A 37 -5.63 -2.33 -15.26
CA LYS A 37 -5.89 -3.65 -14.70
C LYS A 37 -5.61 -3.67 -13.20
N ARG A 38 -4.48 -3.12 -12.80
CA ARG A 38 -4.11 -3.07 -11.39
C ARG A 38 -4.77 -1.87 -10.70
N ARG A 39 -4.67 -0.70 -11.32
CA ARG A 39 -5.25 0.52 -10.78
C ARG A 39 -6.62 0.23 -10.15
N LYS A 40 -7.48 -0.43 -10.92
CA LYS A 40 -8.82 -0.77 -10.44
C LYS A 40 -8.75 -1.77 -9.29
N GLU A 41 -7.76 -2.64 -9.33
CA GLU A 41 -7.58 -3.65 -8.30
C GLU A 41 -7.18 -3.01 -6.98
N TRP A 42 -6.01 -2.38 -6.96
CA TRP A 42 -5.51 -1.73 -5.76
C TRP A 42 -6.63 -1.03 -5.01
N VAL A 43 -7.59 -0.50 -5.75
CA VAL A 43 -8.72 0.20 -5.17
C VAL A 43 -9.83 -0.78 -4.79
N ARG A 44 -10.01 -1.83 -5.59
CA ARG A 44 -11.03 -2.82 -5.34
C ARG A 44 -10.65 -3.69 -4.14
N LEU A 45 -9.36 -3.76 -3.85
CA LEU A 45 -8.88 -4.56 -2.73
C LEU A 45 -8.96 -3.77 -1.42
N VAL A 46 -8.48 -2.53 -1.44
CA VAL A 46 -8.51 -1.68 -0.26
C VAL A 46 -9.93 -1.46 0.22
N ARG A 47 -10.90 -1.83 -0.61
CA ARG A 47 -12.31 -1.68 -0.27
C ARG A 47 -12.79 -0.26 -0.57
N ARG A 48 -12.02 0.72 -0.14
CA ARG A 48 -12.35 2.12 -0.37
C ARG A 48 -12.96 2.31 -1.76
N LYS A 49 -14.28 2.26 -1.84
CA LYS A 49 -14.97 2.43 -3.12
C LYS A 49 -15.00 3.90 -3.53
N ASN A 50 -15.35 4.76 -2.58
CA ASN A 50 -15.43 6.19 -2.84
C ASN A 50 -14.04 6.82 -2.87
N PHE A 51 -13.13 6.19 -3.62
CA PHE A 51 -11.76 6.69 -3.73
C PHE A 51 -11.17 6.33 -5.09
N VAL A 52 -10.20 7.13 -5.53
CA VAL A 52 -9.55 6.90 -6.81
C VAL A 52 -8.11 7.42 -6.80
N PRO A 53 -7.22 6.69 -7.50
CA PRO A 53 -5.80 7.06 -7.58
C PRO A 53 -5.58 8.32 -8.39
N GLY A 54 -4.38 8.89 -8.27
CA GLY A 54 -4.05 10.10 -9.01
C GLY A 54 -3.61 11.23 -8.09
N LYS A 55 -2.83 10.90 -7.07
CA LYS A 55 -2.35 11.89 -6.12
C LYS A 55 -1.31 11.28 -5.18
N HIS A 56 -1.23 11.81 -3.97
CA HIS A 56 -0.28 11.32 -2.99
C HIS A 56 -0.68 9.95 -2.46
N THR A 57 -1.83 9.46 -2.93
CA THR A 57 -2.33 8.16 -2.52
C THR A 57 -1.25 7.10 -2.61
N PHE A 58 -1.00 6.41 -1.50
CA PHE A 58 0.01 5.36 -1.47
C PHE A 58 -0.39 4.25 -0.50
N LEU A 59 0.30 3.12 -0.59
CA LEU A 59 0.01 1.98 0.27
C LEU A 59 1.29 1.43 0.88
N CYS A 60 1.22 1.05 2.16
CA CYS A 60 2.38 0.50 2.86
C CYS A 60 2.83 -0.82 2.23
N SER A 61 4.04 -1.24 2.55
CA SER A 61 4.58 -2.48 2.01
C SER A 61 4.31 -3.65 2.95
N LYS A 62 3.88 -3.33 4.17
CA LYS A 62 3.59 -4.35 5.16
C LYS A 62 2.44 -5.25 4.69
N HIS A 63 1.38 -4.63 4.18
CA HIS A 63 0.22 -5.36 3.69
C HIS A 63 0.63 -6.37 2.63
N PHE A 64 1.44 -5.93 1.67
CA PHE A 64 1.89 -6.79 0.59
C PHE A 64 2.74 -7.95 1.14
N GLU A 65 3.06 -8.90 0.27
CA GLU A 65 3.85 -10.05 0.67
C GLU A 65 5.33 -9.83 0.33
N ALA A 66 5.59 -8.84 -0.50
CA ALA A 66 6.95 -8.52 -0.90
C ALA A 66 7.48 -9.52 -1.93
N SER A 67 6.70 -10.57 -2.17
CA SER A 67 7.08 -11.61 -3.13
C SER A 67 6.78 -11.17 -4.55
N CYS A 68 6.23 -9.96 -4.68
CA CYS A 68 5.89 -9.42 -6.00
C CYS A 68 6.86 -8.32 -6.41
N PHE A 69 7.86 -8.09 -5.56
CA PHE A 69 8.86 -7.06 -5.84
C PHE A 69 9.91 -7.57 -6.82
N ASP A 70 10.89 -6.72 -7.12
CA ASP A 70 11.96 -7.08 -8.04
C ASP A 70 13.25 -7.39 -7.28
N LEU A 71 13.45 -8.66 -6.97
CA LEU A 71 14.64 -9.10 -6.24
C LEU A 71 15.58 -9.88 -7.16
N THR A 72 15.04 -10.45 -8.22
CA THR A 72 15.82 -11.22 -9.17
C THR A 72 16.74 -10.31 -9.98
N GLY A 73 16.42 -9.03 -10.01
CA GLY A 73 17.23 -8.08 -10.75
C GLY A 73 18.04 -7.17 -9.84
N GLN A 74 17.39 -6.14 -9.32
CA GLN A 74 18.05 -5.19 -8.43
C GLN A 74 17.38 -5.18 -7.06
N THR A 75 17.45 -4.03 -6.39
CA THR A 75 16.85 -3.89 -5.06
C THR A 75 15.38 -4.26 -5.08
N ARG A 76 14.83 -4.52 -3.90
CA ARG A 76 13.42 -4.89 -3.78
C ARG A 76 12.52 -3.77 -4.27
N ARG A 77 12.02 -3.92 -5.50
CA ARG A 77 11.14 -2.92 -6.09
C ARG A 77 9.77 -3.50 -6.41
N LEU A 78 8.72 -2.84 -5.94
CA LEU A 78 7.35 -3.31 -6.18
C LEU A 78 7.02 -3.27 -7.66
N LYS A 79 6.86 -4.47 -8.25
CA LYS A 79 6.54 -4.58 -9.67
C LYS A 79 5.23 -3.86 -9.98
N MET A 80 5.22 -3.14 -11.10
CA MET A 80 4.03 -2.40 -11.52
C MET A 80 2.89 -3.35 -11.85
N ASP A 81 3.19 -4.65 -11.84
CA ASP A 81 2.18 -5.66 -12.14
C ASP A 81 1.78 -6.42 -10.87
N ALA A 82 2.08 -5.83 -9.72
CA ALA A 82 1.76 -6.44 -8.44
C ALA A 82 0.58 -5.75 -7.78
N VAL A 83 -0.28 -6.53 -7.13
CA VAL A 83 -1.45 -5.98 -6.46
C VAL A 83 -1.56 -6.51 -5.03
N PRO A 84 -2.17 -5.70 -4.15
CA PRO A 84 -2.35 -6.06 -2.74
C PRO A 84 -3.35 -7.20 -2.55
N THR A 85 -2.85 -8.43 -2.60
CA THR A 85 -3.71 -9.60 -2.44
C THR A 85 -4.05 -9.83 -0.97
N ILE A 86 -3.65 -8.89 -0.12
CA ILE A 86 -3.91 -8.99 1.31
C ILE A 86 -4.66 -7.77 1.83
N PHE A 87 -5.29 -7.91 2.98
CA PHE A 87 -6.03 -6.82 3.59
C PHE A 87 -6.77 -7.27 4.84
N ASP A 88 -7.31 -8.49 4.79
CA ASP A 88 -8.03 -9.06 5.93
C ASP A 88 -7.58 -10.48 6.21
N PHE A 89 -6.50 -10.62 6.98
CA PHE A 89 -5.97 -11.93 7.31
C PHE A 89 -6.77 -12.57 8.45
N CYS A 90 -7.43 -13.68 8.14
CA CYS A 90 -8.23 -14.39 9.13
C CYS A 90 -9.46 -13.57 9.53
N THR A 91 -10.59 -13.87 8.90
CA THR A 91 -11.83 -13.16 9.19
C THR A 91 -12.61 -13.84 10.30
N HIS A 92 -12.31 -15.11 10.53
CA HIS A 92 -13.00 -15.88 11.57
C HIS A 92 -12.03 -16.22 12.71
N ILE A 93 -12.56 -16.33 13.92
CA ILE A 93 -11.75 -16.66 15.09
C ILE A 93 -12.24 -17.93 15.76
N SER A 94 -11.35 -18.92 15.89
CA SER A 94 -11.69 -20.18 16.51
C SER A 94 -12.69 -20.96 15.65
N GLY A 95 -12.60 -22.28 15.70
CA GLY A 95 -13.48 -23.13 14.92
C GLY A 95 -12.80 -24.36 14.38
N PRO A 96 -11.83 -24.15 13.46
CA PRO A 96 -11.08 -25.24 12.84
C PRO A 96 -10.13 -25.91 13.82
N SER A 97 -10.39 -27.19 14.09
CA SER A 97 -9.56 -27.96 15.02
C SER A 97 -9.28 -29.35 14.47
N SER A 98 -9.57 -29.55 13.18
CA SER A 98 -9.35 -30.84 12.54
C SER A 98 -8.30 -30.72 11.44
N GLY A 99 -8.01 -31.85 10.79
CA GLY A 99 -7.02 -31.86 9.73
C GLY A 99 -7.23 -32.99 8.75
N GLY A 1 24.49 9.79 9.46
CA GLY A 1 23.60 8.96 8.68
C GLY A 1 22.24 9.59 8.51
N SER A 2 22.15 10.90 8.72
CA SER A 2 20.89 11.62 8.60
C SER A 2 21.14 13.11 8.37
N SER A 3 20.19 13.77 7.72
CA SER A 3 20.30 15.20 7.45
C SER A 3 18.96 15.78 7.00
N GLY A 4 18.00 15.79 7.92
CA GLY A 4 16.69 16.32 7.60
C GLY A 4 15.82 15.32 6.85
N SER A 5 14.51 15.53 6.88
CA SER A 5 13.58 14.64 6.20
C SER A 5 12.14 15.13 6.36
N SER A 6 11.67 15.90 5.40
CA SER A 6 10.32 16.44 5.43
C SER A 6 9.78 16.65 4.02
N GLY A 7 8.94 15.72 3.56
CA GLY A 7 8.38 15.82 2.24
C GLY A 7 6.87 16.02 2.26
N MET A 8 6.27 16.11 1.09
CA MET A 8 4.82 16.30 0.98
C MET A 8 4.08 15.35 1.91
N PRO A 9 2.89 15.77 2.35
CA PRO A 9 2.06 14.96 3.26
C PRO A 9 1.48 13.73 2.57
N THR A 10 1.90 12.56 3.01
CA THR A 10 1.43 11.30 2.43
C THR A 10 0.60 10.51 3.44
N ASN A 11 -0.33 9.71 2.94
CA ASN A 11 -1.19 8.91 3.81
C ASN A 11 -1.54 7.58 3.13
N CYS A 12 -1.76 6.56 3.94
CA CYS A 12 -2.11 5.23 3.43
C CYS A 12 -3.58 5.18 3.02
N ALA A 13 -3.83 4.66 1.81
CA ALA A 13 -5.19 4.55 1.30
C ALA A 13 -5.94 3.42 2.00
N ALA A 14 -5.21 2.41 2.47
CA ALA A 14 -5.81 1.27 3.15
C ALA A 14 -6.36 1.68 4.51
N ALA A 15 -7.68 1.83 4.59
CA ALA A 15 -8.32 2.21 5.85
C ALA A 15 -7.82 1.36 7.01
N GLY A 16 -8.10 1.82 8.23
CA GLY A 16 -7.65 1.10 9.41
C GLY A 16 -6.19 1.30 9.71
N CYS A 17 -5.35 1.19 8.67
CA CYS A 17 -3.92 1.36 8.84
C CYS A 17 -3.57 2.81 9.15
N ALA A 18 -3.54 3.64 8.10
CA ALA A 18 -3.22 5.05 8.25
C ALA A 18 -1.79 5.25 8.76
N THR A 19 -0.83 4.87 7.93
CA THR A 19 0.57 5.00 8.29
C THR A 19 1.17 6.30 7.76
N THR A 20 1.90 7.01 8.62
CA THR A 20 2.51 8.28 8.24
C THR A 20 4.01 8.26 8.49
N TYR A 21 4.64 9.41 8.34
CA TYR A 21 6.09 9.53 8.55
C TYR A 21 6.46 9.12 9.97
N ASN A 22 5.85 9.79 10.95
CA ASN A 22 6.13 9.49 12.35
C ASN A 22 7.48 10.07 12.77
N LYS A 23 8.03 9.54 13.86
CA LYS A 23 9.32 9.99 14.36
C LYS A 23 10.46 9.19 13.75
N HIS A 24 10.12 8.13 13.03
CA HIS A 24 11.11 7.28 12.38
C HIS A 24 10.54 6.62 11.14
N ILE A 25 10.03 5.41 11.30
CA ILE A 25 9.45 4.66 10.19
C ILE A 25 10.48 4.44 9.08
N ASN A 26 10.32 3.35 8.35
CA ASN A 26 11.23 3.01 7.26
C ASN A 26 10.53 2.21 6.17
N ILE A 27 9.19 2.26 6.18
CA ILE A 27 8.39 1.54 5.20
C ILE A 27 8.44 2.23 3.85
N SER A 28 8.69 1.45 2.80
CA SER A 28 8.76 1.99 1.45
C SER A 28 7.36 2.36 0.93
N PHE A 29 7.26 3.53 0.30
CA PHE A 29 5.99 3.99 -0.24
C PHE A 29 5.84 3.61 -1.71
N HIS A 30 4.87 2.75 -1.99
CA HIS A 30 4.63 2.30 -3.36
C HIS A 30 3.28 2.78 -3.85
N ARG A 31 3.27 3.90 -4.57
CA ARG A 31 2.04 4.47 -5.11
C ARG A 31 1.28 3.44 -5.93
N PHE A 32 0.00 3.72 -6.18
CA PHE A 32 -0.84 2.81 -6.96
C PHE A 32 -0.23 2.53 -8.32
N PRO A 33 -0.65 1.41 -8.94
CA PRO A 33 -0.15 1.00 -10.25
C PRO A 33 -0.64 1.92 -11.37
N LEU A 34 0.15 2.02 -12.43
CA LEU A 34 -0.20 2.86 -13.58
C LEU A 34 -1.08 2.09 -14.57
N ASP A 35 -1.13 0.77 -14.41
CA ASP A 35 -1.93 -0.06 -15.29
C ASP A 35 -3.38 -0.13 -14.81
N PRO A 36 -4.30 -0.28 -15.77
CA PRO A 36 -5.74 -0.35 -15.48
C PRO A 36 -6.13 -1.64 -14.76
N LYS A 37 -5.50 -2.74 -15.15
CA LYS A 37 -5.77 -4.04 -14.54
C LYS A 37 -5.55 -3.98 -13.03
N ARG A 38 -4.46 -3.35 -12.62
CA ARG A 38 -4.14 -3.22 -11.20
C ARG A 38 -4.84 -2.02 -10.58
N ARG A 39 -4.71 -0.86 -11.24
CA ARG A 39 -5.33 0.36 -10.76
C ARG A 39 -6.70 0.08 -10.14
N LYS A 40 -7.56 -0.58 -10.90
CA LYS A 40 -8.90 -0.92 -10.42
C LYS A 40 -8.83 -1.90 -9.26
N GLU A 41 -7.83 -2.77 -9.28
CA GLU A 41 -7.65 -3.76 -8.24
C GLU A 41 -7.31 -3.09 -6.90
N TRP A 42 -6.18 -2.42 -6.85
CA TRP A 42 -5.74 -1.74 -5.64
C TRP A 42 -6.90 -1.00 -4.99
N VAL A 43 -7.66 -0.27 -5.80
CA VAL A 43 -8.80 0.49 -5.31
C VAL A 43 -9.93 -0.43 -4.88
N ARG A 44 -10.04 -1.58 -5.55
CA ARG A 44 -11.08 -2.55 -5.24
C ARG A 44 -10.78 -3.28 -3.93
N LEU A 45 -9.49 -3.47 -3.65
CA LEU A 45 -9.06 -4.14 -2.43
C LEU A 45 -9.19 -3.22 -1.22
N VAL A 46 -8.88 -1.95 -1.42
CA VAL A 46 -8.98 -0.97 -0.34
C VAL A 46 -10.43 -0.55 -0.10
N ARG A 47 -11.23 -0.57 -1.16
CA ARG A 47 -12.63 -0.20 -1.05
C ARG A 47 -12.79 1.14 -0.34
N ARG A 48 -12.27 2.20 -0.95
CA ARG A 48 -12.36 3.53 -0.36
C ARG A 48 -13.29 4.42 -1.17
N LYS A 49 -14.36 3.82 -1.70
CA LYS A 49 -15.34 4.56 -2.49
C LYS A 49 -14.86 4.72 -3.93
N ASN A 50 -15.49 5.62 -4.67
CA ASN A 50 -15.13 5.87 -6.06
C ASN A 50 -13.88 6.74 -6.15
N PHE A 51 -12.86 6.39 -5.37
CA PHE A 51 -11.62 7.14 -5.35
C PHE A 51 -10.65 6.60 -6.41
N VAL A 52 -9.70 7.44 -6.82
CA VAL A 52 -8.72 7.04 -7.82
C VAL A 52 -7.33 7.54 -7.45
N PRO A 53 -6.30 6.73 -7.77
CA PRO A 53 -4.91 7.07 -7.48
C PRO A 53 -4.39 8.21 -8.34
N GLY A 54 -4.84 9.43 -8.03
CA GLY A 54 -4.42 10.60 -8.77
C GLY A 54 -3.73 11.63 -7.90
N LYS A 55 -3.83 11.46 -6.59
CA LYS A 55 -3.23 12.39 -5.65
C LYS A 55 -2.25 11.66 -4.73
N HIS A 56 -1.77 12.36 -3.71
CA HIS A 56 -0.83 11.78 -2.76
C HIS A 56 -1.43 10.56 -2.07
N THR A 57 -1.35 9.41 -2.74
CA THR A 57 -1.89 8.17 -2.21
C THR A 57 -0.92 7.01 -2.43
N PHE A 58 -0.53 6.35 -1.34
CA PHE A 58 0.39 5.22 -1.42
C PHE A 58 0.01 4.14 -0.41
N LEU A 59 0.51 2.93 -0.63
CA LEU A 59 0.22 1.81 0.25
C LEU A 59 1.51 1.26 0.87
N CYS A 60 1.44 0.94 2.16
CA CYS A 60 2.60 0.41 2.86
C CYS A 60 3.03 -0.94 2.28
N SER A 61 4.33 -1.17 2.25
CA SER A 61 4.86 -2.42 1.70
C SER A 61 4.45 -3.61 2.58
N LYS A 62 4.23 -3.34 3.86
CA LYS A 62 3.83 -4.39 4.79
C LYS A 62 2.63 -5.17 4.26
N HIS A 63 1.71 -4.46 3.62
CA HIS A 63 0.52 -5.09 3.04
C HIS A 63 0.91 -6.16 2.03
N PHE A 64 1.94 -5.89 1.26
CA PHE A 64 2.40 -6.82 0.24
C PHE A 64 3.42 -7.80 0.83
N GLU A 65 3.40 -9.03 0.32
CA GLU A 65 4.32 -10.06 0.79
C GLU A 65 5.74 -9.81 0.29
N ALA A 66 6.11 -10.48 -0.80
CA ALA A 66 7.44 -10.32 -1.38
C ALA A 66 7.40 -10.50 -2.90
N SER A 67 6.58 -11.45 -3.35
CA SER A 67 6.45 -11.73 -4.78
C SER A 67 5.94 -10.50 -5.52
N CYS A 68 5.44 -9.52 -4.78
CA CYS A 68 4.92 -8.30 -5.37
C CYS A 68 6.02 -7.27 -5.56
N PHE A 69 7.24 -7.64 -5.16
CA PHE A 69 8.38 -6.74 -5.28
C PHE A 69 9.47 -7.38 -6.13
N ASP A 70 10.54 -6.62 -6.39
CA ASP A 70 11.66 -7.11 -7.19
C ASP A 70 12.88 -7.36 -6.31
N LEU A 71 13.01 -8.59 -5.82
CA LEU A 71 14.13 -8.96 -4.96
C LEU A 71 15.44 -8.94 -5.74
N THR A 72 15.59 -9.90 -6.66
CA THR A 72 16.80 -10.00 -7.47
C THR A 72 17.30 -8.61 -7.86
N GLY A 73 16.38 -7.66 -8.02
CA GLY A 73 16.77 -6.32 -8.39
C GLY A 73 17.60 -5.64 -7.33
N GLN A 74 18.31 -4.58 -7.71
CA GLN A 74 19.16 -3.85 -6.78
C GLN A 74 18.49 -3.71 -5.42
N THR A 75 17.18 -3.46 -5.45
CA THR A 75 16.42 -3.31 -4.21
C THR A 75 14.97 -3.75 -4.39
N ARG A 76 14.33 -4.14 -3.31
CA ARG A 76 12.94 -4.59 -3.35
C ARG A 76 12.04 -3.50 -3.93
N ARG A 77 11.69 -3.65 -5.21
CA ARG A 77 10.83 -2.68 -5.88
C ARG A 77 9.47 -3.29 -6.21
N LEU A 78 8.41 -2.60 -5.82
CA LEU A 78 7.05 -3.08 -6.07
C LEU A 78 6.75 -3.09 -7.56
N LYS A 79 6.57 -4.28 -8.12
CA LYS A 79 6.27 -4.42 -9.54
C LYS A 79 5.06 -3.57 -9.93
N MET A 80 5.21 -2.80 -11.00
CA MET A 80 4.13 -1.95 -11.48
C MET A 80 2.88 -2.77 -11.77
N ASP A 81 3.06 -4.07 -11.94
CA ASP A 81 1.95 -4.97 -12.22
C ASP A 81 1.70 -5.92 -11.05
N ALA A 82 1.96 -5.45 -9.84
CA ALA A 82 1.77 -6.26 -8.64
C ALA A 82 0.67 -5.68 -7.76
N VAL A 83 -0.22 -6.55 -7.28
CA VAL A 83 -1.32 -6.12 -6.42
C VAL A 83 -1.18 -6.71 -5.02
N PRO A 84 -1.71 -5.99 -4.03
CA PRO A 84 -1.66 -6.42 -2.63
C PRO A 84 -2.55 -7.63 -2.36
N THR A 85 -1.97 -8.82 -2.49
CA THR A 85 -2.72 -10.05 -2.26
C THR A 85 -3.29 -10.10 -0.85
N ILE A 86 -2.85 -9.17 -0.01
CA ILE A 86 -3.32 -9.11 1.37
C ILE A 86 -3.67 -7.68 1.76
N PHE A 87 -3.57 -7.38 3.04
CA PHE A 87 -3.88 -6.04 3.55
C PHE A 87 -3.96 -6.04 5.08
N ASP A 88 -4.94 -6.77 5.61
CA ASP A 88 -5.12 -6.86 7.06
C ASP A 88 -5.65 -5.53 7.61
N PHE A 89 -6.80 -5.60 8.30
CA PHE A 89 -7.41 -4.42 8.87
C PHE A 89 -6.99 -4.24 10.33
N CYS A 90 -6.91 -2.99 10.77
CA CYS A 90 -6.51 -2.70 12.14
C CYS A 90 -7.72 -2.33 12.99
N THR A 91 -7.57 -2.43 14.31
CA THR A 91 -8.66 -2.11 15.23
C THR A 91 -8.15 -1.99 16.66
N HIS A 92 -8.87 -1.24 17.48
CA HIS A 92 -8.50 -1.05 18.88
C HIS A 92 -9.41 -1.85 19.80
N ILE A 93 -10.70 -1.83 19.51
CA ILE A 93 -11.68 -2.56 20.31
C ILE A 93 -12.00 -3.92 19.70
N SER A 94 -11.98 -4.96 20.52
CA SER A 94 -12.27 -6.32 20.06
C SER A 94 -13.42 -6.93 20.85
N GLY A 95 -14.59 -6.30 20.77
CA GLY A 95 -15.75 -6.79 21.49
C GLY A 95 -15.69 -6.49 22.98
N PRO A 96 -16.86 -6.50 23.63
CA PRO A 96 -16.96 -6.23 25.06
C PRO A 96 -16.36 -7.34 25.92
N SER A 97 -15.30 -7.01 26.65
CA SER A 97 -14.62 -7.97 27.50
C SER A 97 -13.55 -7.30 28.35
N SER A 98 -13.71 -7.36 29.66
CA SER A 98 -12.76 -6.75 30.58
C SER A 98 -11.89 -7.82 31.24
N GLY A 99 -12.19 -9.08 30.96
CA GLY A 99 -11.43 -10.17 31.54
C GLY A 99 -11.28 -10.04 33.04
N GLY A 1 -8.97 7.82 24.27
CA GLY A 1 -9.60 8.79 23.40
C GLY A 1 -8.82 9.02 22.12
N SER A 2 -9.37 8.55 21.01
CA SER A 2 -8.70 8.70 19.71
C SER A 2 -9.67 9.23 18.66
N SER A 3 -9.26 9.17 17.40
CA SER A 3 -10.09 9.65 16.31
C SER A 3 -9.97 8.75 15.09
N GLY A 4 -10.41 9.25 13.93
CA GLY A 4 -10.33 8.47 12.72
C GLY A 4 -9.88 9.30 11.53
N SER A 5 -8.89 10.14 11.74
CA SER A 5 -8.36 11.00 10.68
C SER A 5 -7.16 11.80 11.16
N SER A 6 -6.51 12.50 10.24
CA SER A 6 -5.34 13.30 10.57
C SER A 6 -5.23 14.51 9.63
N GLY A 7 -4.38 15.46 10.02
CA GLY A 7 -4.19 16.65 9.20
C GLY A 7 -2.78 16.74 8.64
N MET A 8 -2.46 15.87 7.70
CA MET A 8 -1.14 15.86 7.09
C MET A 8 -1.21 15.42 5.62
N PRO A 9 -0.32 15.96 4.80
CA PRO A 9 -0.27 15.64 3.36
C PRO A 9 0.21 14.21 3.11
N THR A 10 -0.50 13.51 2.24
CA THR A 10 -0.15 12.13 1.91
C THR A 10 -0.47 11.19 3.06
N ASN A 11 -1.05 10.04 2.73
CA ASN A 11 -1.40 9.05 3.75
C ASN A 11 -1.88 7.75 3.10
N CYS A 12 -1.71 6.65 3.82
CA CYS A 12 -2.12 5.34 3.32
C CYS A 12 -3.62 5.30 3.05
N ALA A 13 -3.99 4.80 1.87
CA ALA A 13 -5.39 4.71 1.50
C ALA A 13 -6.07 3.53 2.20
N ALA A 14 -5.27 2.59 2.67
CA ALA A 14 -5.79 1.41 3.36
C ALA A 14 -6.65 1.82 4.56
N ALA A 15 -7.88 1.34 4.59
CA ALA A 15 -8.81 1.65 5.67
C ALA A 15 -8.49 0.82 6.91
N GLY A 16 -8.19 1.49 8.01
CA GLY A 16 -7.88 0.80 9.24
C GLY A 16 -6.39 0.57 9.41
N CYS A 17 -5.58 1.38 8.75
CA CYS A 17 -4.13 1.26 8.83
C CYS A 17 -3.50 2.57 9.30
N ALA A 18 -3.61 3.61 8.48
CA ALA A 18 -3.05 4.91 8.81
C ALA A 18 -1.54 4.83 9.00
N THR A 19 -0.80 5.34 8.02
CA THR A 19 0.67 5.32 8.08
C THR A 19 1.25 6.51 7.34
N THR A 20 2.12 7.26 8.03
CA THR A 20 2.76 8.43 7.44
C THR A 20 4.16 8.63 8.01
N TYR A 21 4.23 8.99 9.30
CA TYR A 21 5.50 9.22 9.95
C TYR A 21 5.51 8.61 11.35
N ASN A 22 4.39 8.77 12.06
CA ASN A 22 4.27 8.23 13.42
C ASN A 22 5.33 8.84 14.34
N LYS A 23 6.49 8.21 14.39
CA LYS A 23 7.58 8.69 15.23
C LYS A 23 8.94 8.32 14.62
N HIS A 24 9.04 7.09 14.11
CA HIS A 24 10.28 6.63 13.50
C HIS A 24 9.99 5.63 12.39
N ILE A 25 8.78 5.68 11.85
CA ILE A 25 8.37 4.78 10.78
C ILE A 25 9.33 4.87 9.59
N ASN A 26 9.64 3.72 9.01
CA ASN A 26 10.54 3.67 7.85
C ASN A 26 9.93 2.86 6.72
N ILE A 27 8.62 2.63 6.81
CA ILE A 27 7.92 1.86 5.78
C ILE A 27 8.07 2.52 4.41
N SER A 28 8.27 1.70 3.38
CA SER A 28 8.44 2.20 2.03
C SER A 28 7.12 2.77 1.50
N PHE A 29 7.21 3.55 0.42
CA PHE A 29 6.03 4.15 -0.18
C PHE A 29 5.88 3.72 -1.64
N HIS A 30 4.90 2.86 -1.88
CA HIS A 30 4.65 2.36 -3.23
C HIS A 30 3.28 2.82 -3.73
N ARG A 31 3.27 3.90 -4.50
CA ARG A 31 2.03 4.45 -5.03
C ARG A 31 1.27 3.39 -5.83
N PHE A 32 0.09 3.76 -6.32
CA PHE A 32 -0.73 2.85 -7.11
C PHE A 32 -0.12 2.61 -8.48
N PRO A 33 -0.46 1.46 -9.10
CA PRO A 33 0.04 1.10 -10.42
C PRO A 33 -0.54 1.97 -11.53
N LEU A 34 0.25 2.21 -12.57
CA LEU A 34 -0.19 3.03 -13.70
C LEU A 34 -1.16 2.26 -14.59
N ASP A 35 -1.05 0.92 -14.56
CA ASP A 35 -1.91 0.08 -15.37
C ASP A 35 -3.33 0.04 -14.80
N PRO A 36 -4.32 -0.09 -15.69
CA PRO A 36 -5.73 -0.14 -15.30
C PRO A 36 -6.09 -1.43 -14.57
N LYS A 37 -5.59 -2.54 -15.08
CA LYS A 37 -5.85 -3.85 -14.48
C LYS A 37 -5.55 -3.83 -12.99
N ARG A 38 -4.39 -3.28 -12.63
CA ARG A 38 -3.98 -3.19 -11.23
C ARG A 38 -4.61 -1.98 -10.55
N ARG A 39 -4.44 -0.82 -11.17
CA ARG A 39 -4.98 0.42 -10.62
C ARG A 39 -6.35 0.18 -9.99
N LYS A 40 -7.25 -0.43 -10.75
CA LYS A 40 -8.60 -0.72 -10.28
C LYS A 40 -8.56 -1.71 -9.11
N GLU A 41 -7.67 -2.70 -9.21
CA GLU A 41 -7.53 -3.70 -8.17
C GLU A 41 -7.13 -3.06 -6.84
N TRP A 42 -6.03 -2.34 -6.84
CA TRP A 42 -5.54 -1.68 -5.63
C TRP A 42 -6.67 -0.94 -4.93
N VAL A 43 -7.55 -0.33 -5.71
CA VAL A 43 -8.68 0.41 -5.16
C VAL A 43 -9.81 -0.53 -4.77
N ARG A 44 -9.89 -1.67 -5.44
CA ARG A 44 -10.92 -2.66 -5.16
C ARG A 44 -10.54 -3.53 -3.96
N LEU A 45 -9.25 -3.58 -3.67
CA LEU A 45 -8.76 -4.37 -2.54
C LEU A 45 -8.77 -3.55 -1.26
N VAL A 46 -8.42 -2.28 -1.37
CA VAL A 46 -8.39 -1.39 -0.21
C VAL A 46 -9.79 -1.14 0.33
N ARG A 47 -10.79 -1.48 -0.47
CA ARG A 47 -12.18 -1.29 -0.08
C ARG A 47 -12.58 0.18 -0.13
N ARG A 48 -12.23 0.84 -1.22
CA ARG A 48 -12.54 2.25 -1.41
C ARG A 48 -12.76 2.58 -2.88
N LYS A 49 -13.69 1.88 -3.51
CA LYS A 49 -14.00 2.09 -4.91
C LYS A 49 -14.41 3.54 -5.16
N ASN A 50 -14.96 4.19 -4.14
CA ASN A 50 -15.38 5.57 -4.25
C ASN A 50 -14.19 6.50 -4.40
N PHE A 51 -13.01 5.99 -4.09
CA PHE A 51 -11.78 6.77 -4.19
C PHE A 51 -10.98 6.37 -5.42
N VAL A 52 -9.98 7.18 -5.76
CA VAL A 52 -9.14 6.91 -6.92
C VAL A 52 -7.82 7.67 -6.83
N PRO A 53 -6.74 7.03 -7.32
CA PRO A 53 -5.40 7.62 -7.30
C PRO A 53 -5.27 8.80 -8.26
N GLY A 54 -4.25 9.63 -8.03
CA GLY A 54 -4.04 10.78 -8.89
C GLY A 54 -3.15 11.82 -8.23
N LYS A 55 -3.28 11.97 -6.92
CA LYS A 55 -2.49 12.93 -6.17
C LYS A 55 -1.21 12.30 -5.65
N HIS A 56 -1.24 11.82 -4.41
CA HIS A 56 -0.08 11.19 -3.80
C HIS A 56 -0.47 9.86 -3.14
N THR A 57 -1.75 9.52 -3.22
CA THR A 57 -2.25 8.29 -2.63
C THR A 57 -1.23 7.16 -2.79
N PHE A 58 -0.88 6.54 -1.67
CA PHE A 58 0.09 5.44 -1.67
C PHE A 58 -0.32 4.36 -0.67
N LEU A 59 0.44 3.26 -0.66
CA LEU A 59 0.16 2.15 0.24
C LEU A 59 1.45 1.63 0.87
N CYS A 60 1.36 1.25 2.14
CA CYS A 60 2.51 0.72 2.87
C CYS A 60 3.06 -0.54 2.19
N SER A 61 4.26 -0.93 2.58
CA SER A 61 4.89 -2.12 2.01
C SER A 61 4.52 -3.37 2.80
N LYS A 62 4.35 -3.21 4.11
CA LYS A 62 3.99 -4.33 4.98
C LYS A 62 2.88 -5.17 4.34
N HIS A 63 1.89 -4.49 3.76
CA HIS A 63 0.77 -5.18 3.12
C HIS A 63 1.27 -6.25 2.16
N PHE A 64 2.08 -5.83 1.19
CA PHE A 64 2.63 -6.77 0.20
C PHE A 64 3.67 -7.67 0.83
N GLU A 65 3.67 -8.93 0.42
CA GLU A 65 4.62 -9.91 0.94
C GLU A 65 6.01 -9.73 0.30
N ALA A 66 6.29 -10.52 -0.73
CA ALA A 66 7.56 -10.44 -1.42
C ALA A 66 7.39 -10.64 -2.92
N SER A 67 6.49 -11.54 -3.29
CA SER A 67 6.22 -11.82 -4.69
C SER A 67 5.74 -10.59 -5.42
N CYS A 68 5.32 -9.58 -4.66
CA CYS A 68 4.84 -8.33 -5.24
C CYS A 68 6.00 -7.36 -5.47
N PHE A 69 7.17 -7.73 -5.00
CA PHE A 69 8.36 -6.88 -5.15
C PHE A 69 9.42 -7.59 -5.99
N ASP A 70 10.50 -6.88 -6.28
CA ASP A 70 11.59 -7.43 -7.08
C ASP A 70 12.78 -7.80 -6.19
N LEU A 71 12.92 -9.08 -5.90
CA LEU A 71 14.02 -9.56 -5.06
C LEU A 71 15.20 -10.00 -5.91
N THR A 72 15.04 -11.10 -6.62
CA THR A 72 16.09 -11.62 -7.49
C THR A 72 17.47 -11.37 -6.88
N GLY A 73 17.54 -11.42 -5.55
CA GLY A 73 18.80 -11.19 -4.88
C GLY A 73 19.37 -9.80 -5.14
N GLN A 74 18.91 -8.82 -4.37
CA GLN A 74 19.37 -7.45 -4.53
C GLN A 74 18.53 -6.49 -3.68
N THR A 75 17.45 -5.98 -4.26
CA THR A 75 16.57 -5.06 -3.56
C THR A 75 15.13 -5.54 -3.59
N ARG A 76 14.19 -4.60 -3.49
CA ARG A 76 12.78 -4.92 -3.51
C ARG A 76 11.96 -3.78 -4.11
N ARG A 77 11.65 -3.88 -5.39
CA ARG A 77 10.87 -2.85 -6.08
C ARG A 77 9.47 -3.36 -6.40
N LEU A 78 8.47 -2.58 -6.01
CA LEU A 78 7.07 -2.94 -6.27
C LEU A 78 6.77 -2.93 -7.76
N LYS A 79 6.53 -4.10 -8.32
CA LYS A 79 6.22 -4.23 -9.74
C LYS A 79 4.87 -3.60 -10.06
N MET A 80 4.81 -2.87 -11.17
CA MET A 80 3.58 -2.22 -11.58
C MET A 80 2.46 -3.24 -11.79
N ASP A 81 2.85 -4.49 -12.03
CA ASP A 81 1.88 -5.56 -12.25
C ASP A 81 1.63 -6.34 -10.95
N ALA A 82 1.97 -5.71 -9.82
CA ALA A 82 1.79 -6.34 -8.53
C ALA A 82 0.62 -5.69 -7.77
N VAL A 83 -0.26 -6.53 -7.23
CA VAL A 83 -1.41 -6.04 -6.49
C VAL A 83 -1.42 -6.57 -5.05
N PRO A 84 -2.01 -5.81 -4.13
CA PRO A 84 -2.09 -6.18 -2.72
C PRO A 84 -3.04 -7.35 -2.49
N THR A 85 -2.55 -8.57 -2.74
CA THR A 85 -3.36 -9.76 -2.56
C THR A 85 -3.24 -10.30 -1.14
N ILE A 86 -3.01 -9.40 -0.19
CA ILE A 86 -2.87 -9.79 1.21
C ILE A 86 -3.78 -8.96 2.10
N PHE A 87 -3.48 -7.68 2.22
CA PHE A 87 -4.27 -6.76 3.04
C PHE A 87 -4.67 -7.44 4.35
N ASP A 88 -3.68 -7.72 5.18
CA ASP A 88 -3.93 -8.36 6.47
C ASP A 88 -4.58 -9.73 6.29
N PHE A 89 -5.12 -10.28 7.37
CA PHE A 89 -5.76 -11.58 7.33
C PHE A 89 -7.27 -11.44 7.51
N CYS A 90 -8.01 -12.47 7.07
CA CYS A 90 -9.47 -12.46 7.18
C CYS A 90 -9.95 -13.66 7.98
N THR A 91 -9.55 -13.72 9.25
CA THR A 91 -9.94 -14.82 10.12
C THR A 91 -10.92 -14.35 11.19
N HIS A 92 -10.41 -13.63 12.19
CA HIS A 92 -11.25 -13.12 13.26
C HIS A 92 -12.19 -12.03 12.76
N ILE A 93 -11.62 -10.97 12.20
CA ILE A 93 -12.42 -9.87 11.67
C ILE A 93 -12.82 -10.13 10.21
N SER A 94 -14.10 -9.95 9.92
CA SER A 94 -14.62 -10.17 8.58
C SER A 94 -15.65 -9.11 8.21
N GLY A 95 -16.72 -9.04 9.00
CA GLY A 95 -17.78 -8.07 8.76
C GLY A 95 -19.08 -8.45 9.43
N PRO A 96 -19.10 -8.39 10.76
CA PRO A 96 -20.30 -8.73 11.55
C PRO A 96 -21.40 -7.69 11.39
N SER A 97 -22.33 -7.96 10.47
CA SER A 97 -23.44 -7.05 10.23
C SER A 97 -22.94 -5.73 9.65
N SER A 98 -22.52 -5.76 8.38
CA SER A 98 -22.02 -4.57 7.72
C SER A 98 -23.16 -3.76 7.13
N GLY A 99 -22.81 -2.66 6.44
CA GLY A 99 -23.82 -1.81 5.84
C GLY A 99 -24.65 -2.55 4.81
#